data_8TZX
#
_entry.id   8TZX
#
_cell.length_a   76.669
_cell.length_b   137.742
_cell.length_c   136.628
_cell.angle_alpha   90.00
_cell.angle_beta   96.92
_cell.angle_gamma   90.00
#
_symmetry.space_group_name_H-M   'P 1 21 1'
#
loop_
_entity.id
_entity.type
_entity.pdbx_description
1 polymer 'Protein cereblon'
2 polymer 'DNA damage-binding protein 1'
3 polymer 'Protein Wiz'
4 non-polymer 'ZINC ION'
5 non-polymer (3S)-3-(5-{(1R)-1-[(2R)-1-ethylpiperidin-2-yl]ethoxy}-1-oxo-1,3-dihydro-2H-isoindol-2-yl)piperidine-2,6-dione
6 non-polymer 'SULFATE ION'
7 non-polymer 1,2-ETHANEDIOL
8 water water
#
loop_
_entity_poly.entity_id
_entity_poly.type
_entity_poly.pdbx_seq_one_letter_code
_entity_poly.pdbx_strand_id
1 'polypeptide(L)'
;RTLHDDDSCQVIPVLPQVMMILIPGQTLPLQLFHPQEVSMVRNLIQKDRTFAVLAYSNVQEREAQFGTTAEIYAYREEQD
FGIEIVKVKAIGRQRFKVLELRTQSDGIQQAKVQILPECVLPSTMSAVQLESLNKCQIFPSKPVSREDQCSYKWWQKYQK
RKFHCANLTSWPRWLYSLYDAETLMDRIKKQLREWDENLKDDSLPSNPIDFSYRVAACLPIDDVLRIQLLKIGSAIQRLR
CELDIMNKCTSLCCKQCQETEITTKNEIFSLSLCGPMAAYVNPHGYVHETLTVYKACNLNLIGRPSTEHSWFPGYAWTVA
QCKICASHIGWKFTATKKDMSPQKFWGLTRSALLPTIPDTEDEISPDKVILCL
;
A,D
2 'polypeptide(L)'
;MSYNYVVTAQKPTAVNGCVTGHFTSAEDLNLLIAKNTRLEIYVVTAEGLRPVKEVGMYGKIAVMELFRPKGESKDLLFIL
TAKYNACILEYKQSGESIDIITRAHGNVQDRIGRPSETGIIGIIDPECRMIGLRLYDGLFKVIPLDRDNKELKAFNIRLE
ELHVIDVKFLYGCQAPTICFVYQDPQGRHVKTYEVSLREKEFNKGPWKQENVEAEASMVIAVPEPFGGAIIIGQESITYH
NGDKYLAIAPPIIKQSTIVCHNRVDPNGSRYLLGDMEGRLFMLLLEKEEQMDGTVTLKDLRVELLGETSIAECLTYLDNG
VVFVGSRLGDSQLVKLNVDSNEQGSYVVAMETFTNLGPIVDMCVVDLERQGQGQLVTCSGAFKEGSLRIIRNGIGGNGNS
GEIQKLHIRTVPLYESPRKICYQEVSQCFGVLSSRIEVQDTSGGTTALRPSASTQALSSSVSSSKLFSSSTAPHETSFGE
EVEVHNLLIIDQHTFEVLHAHQFLQNEYALSLVSCKLGKDPNTYFIVGTAMVYPEEAEPKQGRIVVFQYSDGKLQTVAEK
EVKGAVYSMVEFNGKLLASINSTVRLYEWTTEKELRTECNHYNNIMALYLKTKGDFILVGDLMRSVLLLAYKPMEGNFEE
IARDFNPNWMSAVEILDDDNFLGAENAFNLFVCQKDSAATTDEERQHLQEVGLFHLGEFVNVFCHGSLVMQNLGETSTPT
QGSVLFGTVNGMIGLVTSLSESWYNLLLDMQNRLNKVIKSVGKIEHSFWRSFHTERKTEPATGFIDGDLIESFLDISRPK
MQEVVANLQYDDGSGMKREATADDLIKVVEELTRIH
;
B,E
3 'polypeptide(L)' SQSLTTCEVCGACFETRKGLSSHARSHLRQ C,F
#
# COMPACT_ATOMS: atom_id res chain seq x y z
N SER A 8 -21.99 15.21 -12.52
CA SER A 8 -22.21 16.66 -12.47
C SER A 8 -23.59 17.03 -12.98
N CYS A 9 -23.97 18.29 -12.76
CA CYS A 9 -25.24 18.85 -13.23
C CYS A 9 -24.94 19.89 -14.30
N GLN A 10 -26.00 20.40 -14.93
CA GLN A 10 -25.85 21.36 -16.01
C GLN A 10 -26.82 22.52 -15.83
N VAL A 11 -26.44 23.66 -16.38
CA VAL A 11 -27.31 24.83 -16.44
C VAL A 11 -27.80 24.89 -17.87
N ILE A 12 -29.02 24.39 -18.10
CA ILE A 12 -29.54 24.26 -19.45
C ILE A 12 -30.80 25.10 -19.65
N PRO A 13 -30.99 25.71 -20.82
CA PRO A 13 -32.21 26.47 -21.08
C PRO A 13 -33.38 25.53 -21.33
N VAL A 14 -34.58 26.13 -21.38
CA VAL A 14 -35.82 25.40 -21.56
C VAL A 14 -36.43 25.79 -22.90
N LEU A 15 -37.02 24.83 -23.58
CA LEU A 15 -37.73 25.12 -24.82
C LEU A 15 -39.07 25.78 -24.48
N PRO A 16 -39.29 27.03 -24.90
CA PRO A 16 -40.46 27.78 -24.41
C PRO A 16 -41.77 27.42 -25.09
N GLN A 17 -41.77 26.54 -26.09
CA GLN A 17 -42.95 26.26 -26.89
C GLN A 17 -43.06 24.77 -27.26
N VAL A 18 -42.62 23.89 -26.38
CA VAL A 18 -42.59 22.46 -26.67
C VAL A 18 -43.83 21.79 -26.08
N MET A 19 -44.44 20.91 -26.87
CA MET A 19 -45.60 20.14 -26.44
C MET A 19 -45.29 18.66 -26.26
N MET A 20 -44.67 18.02 -27.25
CA MET A 20 -44.35 16.61 -27.12
C MET A 20 -43.14 16.40 -26.21
N ILE A 21 -43.11 15.25 -25.55
CA ILE A 21 -41.96 14.82 -24.77
C ILE A 21 -41.04 14.00 -25.67
N LEU A 22 -39.76 14.34 -25.67
CA LEU A 22 -38.79 13.69 -26.56
C LEU A 22 -38.09 12.55 -25.83
N ILE A 23 -38.03 11.40 -26.51
CA ILE A 23 -37.32 10.22 -26.00
C ILE A 23 -35.87 10.31 -26.45
N PRO A 24 -34.91 9.87 -25.64
CA PRO A 24 -33.52 9.81 -26.11
C PRO A 24 -33.41 8.95 -27.36
N GLY A 25 -32.79 9.53 -28.39
CA GLY A 25 -32.65 8.86 -29.68
C GLY A 25 -33.82 9.05 -30.63
N GLN A 26 -34.75 9.94 -30.32
CA GLN A 26 -35.90 10.20 -31.19
C GLN A 26 -35.71 11.54 -31.92
N THR A 27 -35.85 11.52 -33.23
CA THR A 27 -35.84 12.74 -34.02
C THR A 27 -37.27 13.23 -34.16
N LEU A 28 -37.48 14.53 -34.04
CA LEU A 28 -38.85 15.02 -34.01
C LEU A 28 -39.01 16.39 -34.65
N PRO A 29 -39.74 16.50 -35.75
CA PRO A 29 -40.10 17.83 -36.25
C PRO A 29 -40.99 18.52 -35.24
N LEU A 30 -40.96 19.85 -35.26
CA LEU A 30 -41.65 20.63 -34.24
C LEU A 30 -42.56 21.65 -34.91
N GLN A 31 -43.51 22.15 -34.12
CA GLN A 31 -44.44 23.16 -34.58
C GLN A 31 -43.81 24.52 -34.30
N LEU A 32 -43.42 25.21 -35.37
CA LEU A 32 -42.64 26.43 -35.30
C LEU A 32 -43.55 27.64 -35.29
N PHE A 33 -43.36 28.51 -34.31
CA PHE A 33 -44.14 29.73 -34.20
C PHE A 33 -43.30 30.97 -34.49
N ARG A 49 -26.27 24.31 -27.77
CA ARG A 49 -27.31 23.98 -28.73
C ARG A 49 -28.20 22.88 -28.18
N THR A 50 -28.07 22.63 -26.88
CA THR A 50 -28.82 21.60 -26.19
C THR A 50 -29.73 22.24 -25.16
N PHE A 51 -31.02 21.93 -25.24
CA PHE A 51 -32.01 22.52 -24.34
C PHE A 51 -32.78 21.41 -23.62
N ALA A 52 -33.70 21.82 -22.76
CA ALA A 52 -34.47 20.92 -21.92
C ALA A 52 -35.93 20.93 -22.38
N VAL A 53 -36.54 19.74 -22.42
CA VAL A 53 -37.94 19.58 -22.77
C VAL A 53 -38.63 18.89 -21.60
N LEU A 54 -39.45 19.63 -20.87
CA LEU A 54 -40.13 19.10 -19.71
C LEU A 54 -41.34 18.29 -20.14
N ALA A 55 -41.80 17.45 -19.21
CA ALA A 55 -42.96 16.58 -19.41
C ALA A 55 -43.98 17.02 -18.36
N TYR A 56 -44.88 17.91 -18.75
CA TYR A 56 -45.85 18.47 -17.83
C TYR A 56 -47.08 17.57 -17.77
N SER A 57 -47.39 17.10 -16.57
CA SER A 57 -48.55 16.26 -16.32
C SER A 57 -49.85 17.05 -16.47
N ALA A 64 -44.85 16.71 -14.23
CA ALA A 64 -44.29 18.05 -14.35
C ALA A 64 -42.93 18.14 -13.68
N GLN A 65 -42.44 17.00 -13.18
CA GLN A 65 -41.19 16.95 -12.45
C GLN A 65 -40.09 16.18 -13.19
N PHE A 66 -40.27 15.91 -14.47
CA PHE A 66 -39.28 15.18 -15.26
C PHE A 66 -39.15 15.81 -16.63
N GLY A 67 -38.11 15.40 -17.35
CA GLY A 67 -37.90 15.89 -18.70
C GLY A 67 -36.71 15.21 -19.35
N THR A 68 -36.41 15.65 -20.57
CA THR A 68 -35.36 15.07 -21.39
C THR A 68 -34.61 16.18 -22.12
N THR A 69 -33.29 16.02 -22.25
CA THR A 69 -32.49 16.98 -22.98
C THR A 69 -32.61 16.71 -24.48
N ALA A 70 -33.13 17.68 -25.21
CA ALA A 70 -33.28 17.62 -26.66
C ALA A 70 -32.20 18.47 -27.33
N GLU A 71 -31.88 18.12 -28.57
CA GLU A 71 -30.88 18.84 -29.35
C GLU A 71 -31.53 19.40 -30.61
N ILE A 72 -31.77 20.71 -30.63
CA ILE A 72 -32.21 21.38 -31.86
C ILE A 72 -30.97 21.58 -32.71
N TYR A 73 -30.90 20.89 -33.85
CA TYR A 73 -29.76 20.96 -34.75
C TYR A 73 -30.08 21.40 -36.16
N ALA A 74 -31.35 21.33 -36.56
CA ALA A 74 -31.69 21.34 -37.97
C ALA A 74 -31.43 22.68 -38.65
N TYR A 75 -30.62 22.63 -39.70
CA TYR A 75 -30.41 23.70 -40.66
C TYR A 75 -30.77 23.18 -42.04
N ARG A 76 -31.65 22.17 -42.05
CA ARG A 76 -31.97 21.42 -43.25
C ARG A 76 -32.49 22.32 -44.37
N GLU A 77 -31.99 22.08 -45.56
CA GLU A 77 -32.37 22.83 -46.76
C GLU A 77 -32.60 21.82 -47.89
N GLU A 78 -33.86 21.53 -48.19
CA GLU A 78 -34.17 20.66 -49.31
C GLU A 78 -34.11 21.47 -50.60
N GLN A 79 -33.92 20.77 -51.72
CA GLN A 79 -33.57 21.42 -52.98
C GLN A 79 -34.60 21.09 -54.06
N ASP A 80 -35.47 22.05 -54.35
CA ASP A 80 -36.54 21.92 -55.33
C ASP A 80 -36.43 22.97 -56.43
N PHE A 81 -35.25 23.55 -56.61
CA PHE A 81 -34.99 24.69 -57.49
C PHE A 81 -35.81 25.92 -57.11
N GLY A 82 -35.11 26.98 -56.72
CA GLY A 82 -35.70 28.26 -56.33
C GLY A 82 -36.35 28.29 -54.96
N ILE A 83 -36.80 27.14 -54.45
CA ILE A 83 -37.38 27.05 -53.12
C ILE A 83 -36.57 26.05 -52.32
N GLU A 84 -35.94 26.51 -51.24
CA GLU A 84 -35.23 25.64 -50.30
C GLU A 84 -35.95 25.71 -48.95
N ILE A 85 -36.96 24.85 -48.77
CA ILE A 85 -37.71 24.85 -47.53
C ILE A 85 -36.79 24.47 -46.38
N VAL A 86 -36.93 25.16 -45.26
CA VAL A 86 -36.08 24.96 -44.09
C VAL A 86 -36.92 24.29 -43.01
N LYS A 87 -36.57 23.04 -42.71
CA LYS A 87 -37.22 22.22 -41.69
C LYS A 87 -36.37 22.17 -40.43
N VAL A 88 -37.01 22.32 -39.27
CA VAL A 88 -36.31 22.31 -38.00
C VAL A 88 -36.67 21.00 -37.29
N LYS A 89 -35.73 20.48 -36.51
CA LYS A 89 -35.83 19.16 -35.91
C LYS A 89 -35.04 19.10 -34.61
N ALA A 90 -35.56 18.33 -33.66
CA ALA A 90 -34.88 18.12 -32.38
C ALA A 90 -34.70 16.63 -32.14
N ILE A 91 -33.67 16.28 -31.36
CA ILE A 91 -33.36 14.89 -31.06
C ILE A 91 -33.06 14.75 -29.57
N GLY A 92 -33.69 13.77 -28.93
CA GLY A 92 -33.50 13.57 -27.51
C GLY A 92 -32.12 13.03 -27.18
N ARG A 93 -31.61 13.43 -26.03
CA ARG A 93 -30.28 13.01 -25.60
C ARG A 93 -30.31 12.28 -24.26
N GLN A 94 -30.31 13.03 -23.16
CA GLN A 94 -30.25 12.46 -21.82
C GLN A 94 -31.52 12.76 -21.05
N ARG A 95 -31.88 11.84 -20.15
CA ARG A 95 -32.96 12.06 -19.21
C ARG A 95 -32.47 12.85 -18.00
N PHE A 96 -33.42 13.42 -17.27
CA PHE A 96 -33.10 14.18 -16.07
C PHE A 96 -34.35 14.31 -15.20
N LYS A 97 -34.13 14.73 -13.96
CA LYS A 97 -35.19 15.06 -13.02
C LYS A 97 -35.03 16.52 -12.63
N VAL A 98 -36.07 17.31 -12.88
CA VAL A 98 -35.97 18.75 -12.66
C VAL A 98 -35.80 19.04 -11.18
N LEU A 99 -34.94 20.01 -10.86
CA LEU A 99 -34.73 20.48 -9.50
C LEU A 99 -35.54 21.74 -9.20
N GLU A 100 -35.28 22.82 -9.95
CA GLU A 100 -36.00 24.07 -9.79
C GLU A 100 -35.85 24.88 -11.07
N LEU A 101 -36.91 25.57 -11.45
CA LEU A 101 -36.92 26.43 -12.62
C LEU A 101 -36.70 27.88 -12.21
N ARG A 102 -36.27 28.69 -13.18
CA ARG A 102 -35.99 30.10 -12.91
C ARG A 102 -36.05 30.87 -14.22
N THR A 103 -37.12 31.63 -14.40
CA THR A 103 -37.28 32.47 -15.60
C THR A 103 -36.50 33.78 -15.44
N GLN A 109 -36.25 30.90 -20.15
CA GLN A 109 -36.39 30.05 -18.98
C GLN A 109 -35.20 29.13 -18.83
N GLN A 110 -34.58 29.15 -17.65
CA GLN A 110 -33.41 28.33 -17.35
C GLN A 110 -33.79 27.22 -16.37
N ALA A 111 -33.03 26.13 -16.40
CA ALA A 111 -33.32 24.98 -15.55
C ALA A 111 -32.01 24.30 -15.16
N LYS A 112 -31.71 24.31 -13.86
CA LYS A 112 -30.61 23.51 -13.33
C LYS A 112 -31.09 22.10 -13.05
N VAL A 113 -30.40 21.11 -13.61
CA VAL A 113 -30.87 19.74 -13.59
C VAL A 113 -29.68 18.79 -13.57
N GLN A 114 -29.84 17.68 -12.86
CA GLN A 114 -28.85 16.60 -12.82
C GLN A 114 -29.31 15.48 -13.74
N ILE A 115 -28.39 14.99 -14.56
CA ILE A 115 -28.73 13.95 -15.53
C ILE A 115 -28.95 12.63 -14.81
N LEU A 116 -30.02 11.93 -15.17
CA LEU A 116 -30.32 10.61 -14.61
C LEU A 116 -29.46 9.56 -15.31
N PRO A 117 -28.77 8.70 -14.57
CA PRO A 117 -27.84 7.75 -15.19
C PRO A 117 -28.55 6.52 -15.74
N GLU A 118 -27.84 5.83 -16.63
CA GLU A 118 -28.28 4.55 -17.16
C GLU A 118 -27.80 3.44 -16.23
N CYS A 119 -28.75 2.73 -15.63
CA CYS A 119 -28.43 1.64 -14.69
C CYS A 119 -28.23 0.37 -15.49
N VAL A 120 -26.98 0.04 -15.78
CA VAL A 120 -26.61 -1.16 -16.53
C VAL A 120 -26.28 -2.26 -15.53
N LEU A 121 -26.93 -3.41 -15.67
CA LEU A 121 -26.78 -4.51 -14.73
C LEU A 121 -26.02 -5.67 -15.37
N PRO A 122 -25.24 -6.41 -14.57
CA PRO A 122 -24.56 -7.59 -15.11
C PRO A 122 -25.52 -8.74 -15.35
N SER A 123 -25.03 -9.85 -15.89
CA SER A 123 -25.87 -11.01 -16.14
C SER A 123 -26.41 -11.56 -14.82
N THR A 124 -27.59 -12.17 -14.89
CA THR A 124 -28.20 -12.73 -13.68
C THR A 124 -27.41 -13.92 -13.15
N MET A 125 -26.78 -14.69 -14.03
CA MET A 125 -26.01 -15.86 -13.63
C MET A 125 -24.57 -15.53 -13.27
N SER A 126 -24.10 -14.32 -13.52
CA SER A 126 -22.73 -13.96 -13.17
C SER A 126 -22.46 -14.10 -11.68
N ALA A 127 -23.49 -13.90 -10.85
CA ALA A 127 -23.31 -14.08 -9.42
C ALA A 127 -23.07 -15.54 -9.05
N VAL A 128 -23.76 -16.47 -9.70
CA VAL A 128 -23.69 -17.88 -9.34
C VAL A 128 -22.98 -18.71 -10.40
N GLN A 129 -22.25 -18.09 -11.32
CA GLN A 129 -21.56 -18.83 -12.36
C GLN A 129 -20.45 -19.69 -11.75
N LEU A 130 -20.51 -21.00 -12.03
CA LEU A 130 -19.46 -21.91 -11.59
C LEU A 130 -18.17 -21.64 -12.34
N GLU A 131 -17.05 -21.71 -11.62
CA GLU A 131 -15.75 -21.46 -12.24
C GLU A 131 -15.43 -22.47 -13.34
N SER A 132 -15.88 -23.71 -13.20
CA SER A 132 -15.67 -24.69 -14.26
C SER A 132 -16.49 -24.35 -15.51
N LEU A 133 -17.68 -23.80 -15.34
CA LEU A 133 -18.50 -23.39 -16.46
C LEU A 133 -18.18 -21.97 -16.94
N ASN A 134 -17.19 -21.32 -16.34
CA ASN A 134 -16.83 -19.97 -16.78
C ASN A 134 -16.30 -19.97 -18.21
N LYS A 135 -15.55 -21.01 -18.58
CA LYS A 135 -14.98 -21.06 -19.93
C LYS A 135 -16.04 -21.34 -20.99
N CYS A 136 -17.05 -22.14 -20.65
CA CYS A 136 -18.11 -22.50 -21.58
C CYS A 136 -19.32 -21.60 -21.38
N GLN A 137 -19.08 -20.29 -21.51
CA GLN A 137 -20.12 -19.27 -21.37
C GLN A 137 -20.30 -18.42 -22.60
N ILE A 138 -19.40 -18.51 -23.58
CA ILE A 138 -19.48 -17.76 -24.83
C ILE A 138 -20.10 -18.68 -25.87
N PHE A 139 -21.21 -18.23 -26.46
CA PHE A 139 -21.93 -19.09 -27.39
C PHE A 139 -21.64 -18.70 -28.83
N PRO A 140 -21.51 -19.68 -29.71
CA PRO A 140 -21.34 -19.39 -31.14
C PRO A 140 -22.60 -18.73 -31.69
N SER A 141 -22.43 -18.10 -32.85
CA SER A 141 -23.51 -17.28 -33.38
C SER A 141 -24.55 -18.16 -34.08
N LYS A 142 -25.73 -17.57 -34.28
CA LYS A 142 -26.96 -18.10 -34.85
C LYS A 142 -27.03 -17.87 -36.35
N PRO A 143 -27.50 -18.86 -37.08
CA PRO A 143 -27.74 -18.71 -38.52
C PRO A 143 -29.04 -17.96 -38.74
N VAL A 144 -28.96 -16.64 -38.90
CA VAL A 144 -30.15 -15.81 -38.92
C VAL A 144 -30.97 -16.13 -40.16
N SER A 145 -32.28 -16.26 -39.97
CA SER A 145 -33.21 -16.66 -41.02
C SER A 145 -34.32 -15.61 -41.15
N SER A 151 -34.73 -18.94 -37.08
CA SER A 151 -34.68 -20.15 -36.28
C SER A 151 -35.41 -19.96 -34.95
N TYR A 152 -36.01 -21.04 -34.45
CA TYR A 152 -36.71 -21.03 -33.18
C TYR A 152 -36.18 -22.05 -32.18
N LYS A 153 -35.50 -23.10 -32.63
CA LYS A 153 -34.93 -24.11 -31.74
C LYS A 153 -33.58 -23.69 -31.17
N TRP A 154 -32.93 -22.71 -31.79
CA TRP A 154 -31.65 -22.21 -31.28
C TRP A 154 -31.80 -21.62 -29.87
N TRP A 155 -32.91 -20.91 -29.62
CA TRP A 155 -33.13 -20.31 -28.31
C TRP A 155 -33.36 -21.35 -27.22
N GLN A 156 -33.70 -22.60 -27.61
CA GLN A 156 -33.79 -23.67 -26.62
C GLN A 156 -32.40 -23.98 -26.04
N LYS A 157 -31.42 -24.22 -26.91
CA LYS A 157 -30.06 -24.47 -26.42
C LYS A 157 -29.45 -23.22 -25.82
N TYR A 158 -29.84 -22.04 -26.30
CA TYR A 158 -29.37 -20.79 -25.70
C TYR A 158 -29.78 -20.68 -24.23
N GLN A 159 -30.99 -21.13 -23.90
CA GLN A 159 -31.45 -21.08 -22.52
C GLN A 159 -30.73 -22.11 -21.65
N LYS A 160 -30.59 -23.33 -22.15
CA LYS A 160 -29.92 -24.38 -21.38
C LYS A 160 -28.49 -23.99 -21.01
N ARG A 161 -27.81 -23.26 -21.89
CA ARG A 161 -26.42 -22.91 -21.65
C ARG A 161 -26.29 -21.68 -20.75
N LYS A 162 -26.93 -20.58 -21.15
CA LYS A 162 -26.73 -19.31 -20.45
C LYS A 162 -27.21 -19.38 -18.99
N PHE A 163 -28.39 -19.96 -18.77
CA PHE A 163 -28.97 -20.05 -17.43
C PHE A 163 -28.87 -21.46 -16.87
N HIS A 164 -27.73 -22.12 -17.12
CA HIS A 164 -27.56 -23.48 -16.62
C HIS A 164 -27.44 -23.51 -15.10
N CYS A 165 -26.68 -22.58 -14.52
CA CYS A 165 -26.48 -22.54 -13.08
C CYS A 165 -27.73 -22.10 -12.32
N ALA A 166 -28.91 -22.09 -12.96
CA ALA A 166 -30.14 -21.78 -12.27
C ALA A 166 -30.51 -22.84 -11.25
N ASN A 167 -30.05 -24.08 -11.42
CA ASN A 167 -30.31 -25.13 -10.44
C ASN A 167 -29.57 -24.91 -9.13
N LEU A 168 -28.58 -24.01 -9.11
CA LEU A 168 -27.97 -23.60 -7.86
C LEU A 168 -28.85 -22.63 -7.08
N THR A 169 -29.77 -21.95 -7.76
CA THR A 169 -30.66 -20.99 -7.14
C THR A 169 -32.06 -21.59 -6.99
N SER A 170 -32.96 -20.82 -6.39
CA SER A 170 -34.32 -21.24 -6.11
C SER A 170 -35.29 -20.91 -7.25
N TRP A 171 -34.80 -20.69 -8.45
CA TRP A 171 -35.65 -20.30 -9.57
C TRP A 171 -35.35 -21.14 -10.80
N PRO A 172 -36.33 -21.34 -11.66
CA PRO A 172 -36.15 -22.20 -12.84
C PRO A 172 -35.38 -21.47 -13.95
N ARG A 173 -35.11 -22.21 -15.03
CA ARG A 173 -34.40 -21.65 -16.17
C ARG A 173 -35.24 -20.59 -16.87
N TRP A 174 -36.51 -20.87 -17.11
CA TRP A 174 -37.37 -19.97 -17.89
C TRP A 174 -37.66 -18.66 -17.18
N LEU A 175 -37.58 -18.62 -15.85
CA LEU A 175 -37.82 -17.36 -15.15
C LEU A 175 -36.70 -16.35 -15.43
N TYR A 176 -35.46 -16.82 -15.45
CA TYR A 176 -34.35 -15.92 -15.73
C TYR A 176 -34.38 -15.39 -17.15
N SER A 177 -35.00 -16.14 -18.08
CA SER A 177 -35.14 -15.66 -19.44
C SER A 177 -36.04 -14.45 -19.52
N LEU A 178 -37.02 -14.33 -18.62
CA LEU A 178 -37.90 -13.17 -18.59
C LEU A 178 -37.18 -11.90 -18.15
N TYR A 179 -35.95 -12.01 -17.66
CA TYR A 179 -35.15 -10.85 -17.28
C TYR A 179 -33.87 -10.75 -18.10
N ASP A 180 -33.79 -11.47 -19.22
CA ASP A 180 -32.61 -11.46 -20.09
C ASP A 180 -32.83 -10.44 -21.20
N ALA A 181 -32.03 -9.37 -21.19
CA ALA A 181 -32.19 -8.29 -22.16
C ALA A 181 -32.15 -8.81 -23.60
N GLU A 182 -31.20 -9.70 -23.89
CA GLU A 182 -31.09 -10.24 -25.24
C GLU A 182 -32.34 -11.02 -25.64
N THR A 183 -32.88 -11.81 -24.70
CA THR A 183 -34.11 -12.54 -24.98
C THR A 183 -35.29 -11.59 -25.13
N LEU A 184 -35.40 -10.60 -24.24
CA LEU A 184 -36.49 -9.63 -24.32
C LEU A 184 -36.45 -8.88 -25.64
N MET A 185 -35.26 -8.54 -26.13
CA MET A 185 -35.15 -7.81 -27.38
C MET A 185 -35.70 -8.61 -28.56
N ASP A 186 -35.36 -9.90 -28.63
CA ASP A 186 -35.87 -10.74 -29.70
C ASP A 186 -37.38 -10.90 -29.61
N ARG A 187 -37.91 -11.01 -28.39
CA ARG A 187 -39.36 -11.11 -28.21
C ARG A 187 -40.06 -9.85 -28.68
N ILE A 188 -39.47 -8.68 -28.43
CA ILE A 188 -40.03 -7.43 -28.93
C ILE A 188 -39.86 -7.36 -30.45
N LYS A 189 -38.67 -7.70 -30.95
CA LYS A 189 -38.41 -7.69 -32.38
C LYS A 189 -39.37 -8.59 -33.14
N LYS A 190 -39.80 -9.70 -32.52
CA LYS A 190 -40.75 -10.60 -33.16
C LYS A 190 -42.08 -9.90 -33.41
N GLN A 191 -42.57 -9.14 -32.42
CA GLN A 191 -43.85 -8.45 -32.59
C GLN A 191 -43.73 -7.28 -33.56
N LEU A 192 -42.59 -6.59 -33.57
CA LEU A 192 -42.41 -5.47 -34.47
C LEU A 192 -42.34 -5.93 -35.93
N ARG A 193 -41.82 -7.12 -36.18
CA ARG A 193 -41.81 -7.65 -37.54
C ARG A 193 -43.21 -7.96 -38.05
N GLU A 194 -44.17 -8.21 -37.13
CA GLU A 194 -45.55 -8.38 -37.52
C GLU A 194 -46.22 -7.06 -37.90
N TRP A 195 -45.69 -5.93 -37.45
CA TRP A 195 -46.22 -4.61 -37.80
C TRP A 195 -45.57 -4.04 -39.05
N ASP A 196 -44.24 -4.06 -39.10
CA ASP A 196 -43.47 -3.52 -40.20
C ASP A 196 -42.77 -4.63 -40.95
N GLU A 197 -42.75 -4.53 -42.28
CA GLU A 197 -42.06 -5.51 -43.12
C GLU A 197 -40.73 -4.94 -43.59
N ASN A 198 -39.83 -4.82 -42.63
CA ASN A 198 -38.50 -4.27 -42.85
C ASN A 198 -37.47 -5.22 -42.24
N LEU A 199 -36.21 -4.99 -42.61
CA LEU A 199 -35.12 -5.90 -42.28
C LEU A 199 -35.02 -6.10 -40.76
N LYS A 200 -34.27 -7.14 -40.38
CA LYS A 200 -34.04 -7.46 -38.98
C LYS A 200 -32.60 -7.23 -38.57
N ASP A 201 -31.76 -6.75 -39.48
CA ASP A 201 -30.34 -6.58 -39.23
C ASP A 201 -30.05 -5.24 -38.53
N ASP A 202 -29.13 -4.47 -39.08
CA ASP A 202 -28.71 -3.17 -38.54
C ASP A 202 -29.86 -2.19 -38.31
N SER A 203 -31.05 -2.50 -38.85
CA SER A 203 -32.20 -1.62 -38.64
C SER A 203 -32.47 -1.37 -37.15
N LEU A 204 -32.39 -2.42 -36.33
CA LEU A 204 -32.64 -2.29 -34.90
C LEU A 204 -31.33 -2.36 -34.13
N PRO A 205 -31.08 -1.44 -33.20
CA PRO A 205 -29.81 -1.46 -32.48
C PRO A 205 -29.67 -2.68 -31.58
N SER A 206 -28.42 -3.09 -31.36
CA SER A 206 -28.11 -4.24 -30.52
C SER A 206 -27.90 -3.85 -29.06
N ASN A 207 -27.49 -2.61 -28.79
CA ASN A 207 -27.31 -2.14 -27.42
C ASN A 207 -28.66 -2.06 -26.74
N PRO A 208 -28.86 -2.78 -25.62
CA PRO A 208 -30.21 -2.78 -24.99
C PRO A 208 -30.68 -1.41 -24.55
N ILE A 209 -29.78 -0.54 -24.08
CA ILE A 209 -30.23 0.79 -23.67
C ILE A 209 -30.64 1.62 -24.87
N ASP A 210 -30.06 1.37 -26.04
CA ASP A 210 -30.52 2.03 -27.26
C ASP A 210 -31.75 1.33 -27.83
N PHE A 211 -31.78 -0.01 -27.78
CA PHE A 211 -32.95 -0.74 -28.25
C PHE A 211 -34.18 -0.39 -27.45
N SER A 212 -34.05 -0.25 -26.13
CA SER A 212 -35.19 0.11 -25.30
C SER A 212 -35.73 1.49 -25.68
N TYR A 213 -34.84 2.47 -25.84
CA TYR A 213 -35.27 3.82 -26.20
C TYR A 213 -35.88 3.85 -27.60
N ARG A 214 -35.39 3.01 -28.51
CA ARG A 214 -35.97 2.94 -29.85
C ARG A 214 -37.41 2.46 -29.81
N VAL A 215 -37.67 1.38 -29.05
CA VAL A 215 -39.02 0.85 -28.96
C VAL A 215 -39.97 1.85 -28.31
N ALA A 216 -39.45 2.67 -27.38
CA ALA A 216 -40.30 3.65 -26.71
C ALA A 216 -40.84 4.69 -27.69
N ALA A 217 -40.04 5.06 -28.69
CA ALA A 217 -40.44 6.07 -29.65
C ALA A 217 -41.20 5.51 -30.85
N CYS A 218 -41.41 4.19 -30.91
CA CYS A 218 -42.14 3.58 -32.00
C CYS A 218 -43.51 3.06 -31.61
N LEU A 219 -43.72 2.69 -30.34
CA LEU A 219 -45.01 2.19 -29.91
C LEU A 219 -46.07 3.29 -30.00
N PRO A 220 -47.29 2.95 -30.41
CA PRO A 220 -48.39 3.94 -30.41
C PRO A 220 -49.00 4.06 -29.02
N ILE A 221 -48.29 4.75 -28.14
CA ILE A 221 -48.67 4.88 -26.74
C ILE A 221 -48.88 6.35 -26.43
N ASP A 222 -49.69 6.60 -25.40
CA ASP A 222 -50.09 7.95 -25.04
C ASP A 222 -48.97 8.66 -24.30
N ASP A 223 -49.23 9.91 -23.91
CA ASP A 223 -48.18 10.74 -23.31
C ASP A 223 -47.79 10.26 -21.92
N VAL A 224 -48.73 9.77 -21.12
CA VAL A 224 -48.37 9.37 -19.76
C VAL A 224 -47.57 8.08 -19.78
N LEU A 225 -47.77 7.23 -20.79
CA LEU A 225 -46.97 6.02 -20.89
C LEU A 225 -45.53 6.33 -21.30
N ARG A 226 -45.35 7.30 -22.20
CA ARG A 226 -43.99 7.69 -22.56
C ARG A 226 -43.28 8.31 -21.37
N ILE A 227 -44.01 9.08 -20.55
CA ILE A 227 -43.43 9.66 -19.34
C ILE A 227 -43.05 8.57 -18.35
N GLN A 228 -43.89 7.54 -18.22
CA GLN A 228 -43.61 6.45 -17.30
C GLN A 228 -42.38 5.66 -17.73
N LEU A 229 -42.17 5.50 -19.04
CA LEU A 229 -41.00 4.79 -19.52
C LEU A 229 -39.72 5.59 -19.33
N LEU A 230 -39.81 6.91 -19.43
CA LEU A 230 -38.63 7.75 -19.21
C LEU A 230 -38.15 7.65 -17.76
N LYS A 231 -39.08 7.60 -16.81
CA LYS A 231 -38.71 7.48 -15.40
C LYS A 231 -38.00 6.17 -15.10
N ILE A 232 -38.23 5.13 -15.92
CA ILE A 232 -37.58 3.84 -15.69
C ILE A 232 -36.08 3.98 -15.88
N GLY A 233 -35.32 3.48 -14.90
CA GLY A 233 -33.88 3.56 -14.93
C GLY A 233 -33.21 2.42 -15.67
N SER A 234 -33.62 1.19 -15.38
CA SER A 234 -33.00 0.02 -15.99
C SER A 234 -33.60 -0.27 -17.35
N ALA A 235 -32.73 -0.57 -18.33
CA ALA A 235 -33.20 -0.93 -19.66
C ALA A 235 -33.96 -2.25 -19.65
N ILE A 236 -33.57 -3.20 -18.79
CA ILE A 236 -34.28 -4.46 -18.68
C ILE A 236 -35.72 -4.22 -18.23
N GLN A 237 -35.90 -3.32 -17.25
CA GLN A 237 -37.25 -2.97 -16.83
C GLN A 237 -38.02 -2.26 -17.94
N ARG A 238 -37.33 -1.42 -18.72
CA ARG A 238 -37.98 -0.74 -19.84
C ARG A 238 -38.42 -1.73 -20.90
N LEU A 239 -37.55 -2.70 -21.22
CA LEU A 239 -37.91 -3.74 -22.18
C LEU A 239 -39.06 -4.60 -21.66
N ARG A 240 -39.02 -4.96 -20.38
CA ARG A 240 -40.07 -5.77 -19.79
C ARG A 240 -41.42 -5.08 -19.85
N CYS A 241 -41.44 -3.76 -19.60
CA CYS A 241 -42.70 -3.03 -19.62
C CYS A 241 -43.18 -2.75 -21.04
N GLU A 242 -42.25 -2.49 -21.98
CA GLU A 242 -42.64 -2.34 -23.38
C GLU A 242 -43.26 -3.62 -23.92
N LEU A 243 -42.77 -4.77 -23.45
CA LEU A 243 -43.39 -6.03 -23.82
C LEU A 243 -44.73 -6.20 -23.11
N ASP A 244 -44.84 -5.70 -21.88
CA ASP A 244 -46.12 -5.71 -21.18
C ASP A 244 -47.15 -4.84 -21.89
N ILE A 245 -46.73 -3.65 -22.35
CA ILE A 245 -47.65 -2.76 -23.08
C ILE A 245 -48.15 -3.44 -24.35
N MET A 246 -47.26 -4.15 -25.04
CA MET A 246 -47.66 -4.80 -26.29
C MET A 246 -48.55 -6.01 -26.03
N ASN A 247 -48.31 -6.73 -24.93
CA ASN A 247 -49.09 -7.93 -24.64
C ASN A 247 -50.40 -7.63 -23.93
N LYS A 248 -50.51 -6.48 -23.26
CA LYS A 248 -51.71 -6.12 -22.52
C LYS A 248 -52.52 -5.05 -23.24
N CYS A 249 -51.91 -3.91 -23.55
CA CYS A 249 -52.60 -2.78 -24.17
C CYS A 249 -52.76 -3.03 -25.67
N THR A 250 -53.67 -3.94 -26.00
CA THR A 250 -53.94 -4.24 -27.41
C THR A 250 -54.91 -3.22 -28.01
N SER A 251 -55.90 -2.79 -27.23
CA SER A 251 -56.93 -1.88 -27.72
C SER A 251 -56.44 -0.43 -27.66
N LEU A 252 -56.69 0.31 -28.74
CA LEU A 252 -56.40 1.72 -28.82
C LEU A 252 -57.73 2.47 -28.89
N CYS A 253 -57.95 3.40 -27.96
CA CYS A 253 -59.20 4.10 -27.85
C CYS A 253 -58.98 5.60 -27.80
N CYS A 254 -60.07 6.34 -27.91
CA CYS A 254 -60.02 7.80 -27.86
C CYS A 254 -59.54 8.27 -26.49
N LYS A 255 -58.55 9.15 -26.49
CA LYS A 255 -58.02 9.67 -25.23
C LYS A 255 -59.03 10.56 -24.51
N GLN A 256 -59.90 11.23 -25.26
CA GLN A 256 -60.82 12.20 -24.66
C GLN A 256 -61.94 11.51 -23.91
N CYS A 257 -62.67 10.61 -24.58
CA CYS A 257 -63.82 9.94 -23.99
C CYS A 257 -63.49 8.56 -23.42
N GLN A 258 -62.20 8.26 -23.23
CA GLN A 258 -61.75 7.03 -22.60
C GLN A 258 -62.22 5.78 -23.33
N GLU A 259 -63.40 5.28 -22.99
CA GLU A 259 -63.89 4.00 -23.49
C GLU A 259 -64.58 4.21 -24.83
N THR A 260 -63.83 3.97 -25.92
CA THR A 260 -64.36 3.98 -27.27
C THR A 260 -63.31 3.37 -28.20
N GLU A 261 -63.38 2.06 -28.39
CA GLU A 261 -62.34 1.33 -29.12
C GLU A 261 -62.28 1.81 -30.57
N ILE A 262 -61.14 2.40 -30.93
CA ILE A 262 -60.93 2.88 -32.30
C ILE A 262 -60.37 1.78 -33.18
N THR A 263 -59.34 1.08 -32.69
CA THR A 263 -58.71 0.00 -33.43
C THR A 263 -57.97 -0.89 -32.43
N THR A 264 -57.37 -1.96 -32.94
CA THR A 264 -56.59 -2.87 -32.13
C THR A 264 -55.18 -3.01 -32.70
N LYS A 265 -54.33 -3.73 -31.97
CA LYS A 265 -52.96 -3.93 -32.41
C LYS A 265 -52.89 -4.81 -33.65
N ASN A 266 -53.88 -5.68 -33.86
CA ASN A 266 -53.85 -6.59 -35.00
C ASN A 266 -53.90 -5.82 -36.33
N GLU A 267 -54.71 -4.76 -36.38
CA GLU A 267 -54.90 -4.01 -37.61
C GLU A 267 -53.71 -3.11 -37.95
N ILE A 268 -52.72 -3.00 -37.06
CA ILE A 268 -51.56 -2.15 -37.32
C ILE A 268 -50.74 -2.73 -38.45
N PHE A 269 -50.37 -1.88 -39.41
CA PHE A 269 -49.51 -2.27 -40.51
C PHE A 269 -48.66 -1.06 -40.89
N SER A 270 -47.70 -1.29 -41.77
CA SER A 270 -46.75 -0.25 -42.19
C SER A 270 -46.86 -0.06 -43.69
N LEU A 271 -47.31 1.12 -44.12
CA LEU A 271 -47.28 1.49 -45.53
C LEU A 271 -46.13 2.42 -45.86
N SER A 272 -45.83 3.37 -44.98
CA SER A 272 -44.63 4.19 -45.14
C SER A 272 -43.41 3.36 -44.78
N LEU A 273 -42.40 3.38 -45.67
CA LEU A 273 -41.22 2.54 -45.49
C LEU A 273 -40.53 2.78 -44.15
N CYS A 274 -40.79 3.91 -43.50
CA CYS A 274 -40.20 4.24 -42.21
C CYS A 274 -41.05 3.77 -41.03
N GLY A 275 -41.64 2.58 -41.11
CA GLY A 275 -42.38 2.02 -40.01
C GLY A 275 -43.87 2.25 -40.11
N PRO A 276 -44.62 1.80 -39.10
CA PRO A 276 -46.07 1.97 -39.12
C PRO A 276 -46.54 3.31 -38.56
N MET A 277 -45.66 4.01 -37.83
CA MET A 277 -46.00 5.28 -37.21
C MET A 277 -44.84 6.25 -37.44
N ALA A 278 -45.02 7.18 -38.38
CA ALA A 278 -44.01 8.18 -38.70
C ALA A 278 -44.60 9.57 -38.54
N ALA A 279 -43.72 10.52 -38.18
CA ALA A 279 -44.13 11.90 -37.94
C ALA A 279 -44.31 12.63 -39.26
N TYR A 280 -45.51 13.17 -39.48
CA TYR A 280 -45.81 13.96 -40.66
C TYR A 280 -46.15 15.39 -40.26
N VAL A 281 -45.96 16.32 -41.19
CA VAL A 281 -46.23 17.73 -40.97
C VAL A 281 -47.23 18.20 -42.03
N ASN A 282 -48.27 18.90 -41.59
CA ASN A 282 -49.32 19.38 -42.46
C ASN A 282 -48.96 20.75 -43.04
N PRO A 283 -49.72 21.25 -44.01
CA PRO A 283 -49.38 22.55 -44.63
C PRO A 283 -49.10 23.70 -43.65
N HIS A 284 -49.70 23.70 -42.46
CA HIS A 284 -49.54 24.80 -41.52
C HIS A 284 -48.49 24.51 -40.44
N GLY A 285 -47.83 23.36 -40.52
CA GLY A 285 -46.74 23.04 -39.60
C GLY A 285 -47.11 22.23 -38.38
N TYR A 286 -48.28 21.58 -38.37
CA TYR A 286 -48.67 20.75 -37.25
C TYR A 286 -48.11 19.34 -37.44
N VAL A 287 -47.47 18.81 -36.40
CA VAL A 287 -46.85 17.50 -36.45
C VAL A 287 -47.87 16.46 -36.01
N HIS A 288 -47.94 15.35 -36.76
CA HIS A 288 -48.88 14.27 -36.48
C HIS A 288 -48.14 12.94 -36.56
N GLU A 289 -47.92 12.32 -35.41
CA GLU A 289 -47.37 10.96 -35.35
C GLU A 289 -48.50 10.01 -35.72
N THR A 290 -48.63 9.73 -37.01
CA THR A 290 -49.81 9.08 -37.56
C THR A 290 -49.60 7.57 -37.62
N LEU A 291 -50.32 6.84 -36.78
CA LEU A 291 -50.30 5.38 -36.81
C LEU A 291 -51.26 4.87 -37.86
N THR A 292 -50.77 4.08 -38.80
CA THR A 292 -51.58 3.54 -39.88
C THR A 292 -52.12 2.16 -39.50
N VAL A 293 -53.45 2.01 -39.60
CA VAL A 293 -54.12 0.76 -39.29
C VAL A 293 -55.02 0.38 -40.45
N TYR A 294 -55.28 -0.93 -40.59
CA TYR A 294 -56.15 -1.40 -41.66
C TYR A 294 -57.60 -0.97 -41.42
N LYS A 295 -58.19 -1.42 -40.32
CA LYS A 295 -59.60 -1.19 -40.05
C LYS A 295 -59.73 -0.46 -38.72
N ALA A 296 -60.38 0.70 -38.75
CA ALA A 296 -60.71 1.46 -37.54
C ALA A 296 -62.23 1.62 -37.48
N CYS A 297 -62.74 1.67 -36.25
CA CYS A 297 -64.18 1.69 -36.02
C CYS A 297 -64.55 2.87 -35.12
N ASN A 298 -65.86 3.08 -34.98
CA ASN A 298 -66.41 4.11 -34.09
C ASN A 298 -65.94 5.50 -34.49
N LEU A 299 -65.93 5.78 -35.79
CA LEU A 299 -65.45 7.06 -36.29
C LEU A 299 -66.48 7.70 -37.21
N ASN A 300 -66.42 9.03 -37.27
CA ASN A 300 -67.30 9.83 -38.12
C ASN A 300 -66.44 10.61 -39.12
N LEU A 301 -66.87 10.62 -40.38
CA LEU A 301 -66.15 11.31 -41.43
C LEU A 301 -66.72 12.70 -41.64
N ILE A 302 -65.84 13.69 -41.77
CA ILE A 302 -66.23 15.08 -41.93
C ILE A 302 -65.86 15.47 -43.36
N GLY A 303 -66.86 15.55 -44.23
CA GLY A 303 -66.68 16.03 -45.58
C GLY A 303 -66.47 14.90 -46.58
N ARG A 304 -65.93 15.29 -47.73
CA ARG A 304 -65.66 14.40 -48.85
C ARG A 304 -64.16 14.24 -49.05
N PRO A 305 -63.72 13.09 -49.56
CA PRO A 305 -62.28 12.85 -49.73
C PRO A 305 -61.58 13.96 -50.51
N SER A 306 -60.42 14.36 -50.00
CA SER A 306 -59.55 15.33 -50.64
C SER A 306 -58.17 14.73 -50.87
N THR A 307 -57.46 15.28 -51.85
CA THR A 307 -56.11 14.82 -52.18
C THR A 307 -55.03 15.87 -51.95
N GLU A 308 -55.40 17.07 -51.52
CA GLU A 308 -54.41 18.12 -51.30
C GLU A 308 -53.50 17.77 -50.13
N HIS A 309 -52.19 17.77 -50.38
CA HIS A 309 -51.17 17.53 -49.36
C HIS A 309 -51.36 16.17 -48.66
N SER A 310 -51.79 15.17 -49.42
CA SER A 310 -51.93 13.83 -48.85
C SER A 310 -50.55 13.27 -48.50
N TRP A 311 -50.42 12.76 -47.27
CA TRP A 311 -49.14 12.23 -46.83
C TRP A 311 -48.81 10.93 -47.55
N PHE A 312 -49.81 10.15 -47.93
CA PHE A 312 -49.61 8.93 -48.69
C PHE A 312 -50.02 9.17 -50.13
N PRO A 313 -49.09 9.25 -51.08
CA PRO A 313 -49.46 9.56 -52.47
C PRO A 313 -50.39 8.52 -53.05
N GLY A 314 -51.47 8.99 -53.68
CA GLY A 314 -52.47 8.11 -54.24
C GLY A 314 -53.57 7.70 -53.28
N TYR A 315 -53.75 8.43 -52.18
CA TYR A 315 -54.77 8.12 -51.20
C TYR A 315 -55.48 9.40 -50.81
N ALA A 316 -56.81 9.38 -50.83
CA ALA A 316 -57.62 10.55 -50.55
C ALA A 316 -57.99 10.58 -49.07
N TRP A 317 -57.52 11.59 -48.36
CA TRP A 317 -57.74 11.70 -46.92
C TRP A 317 -59.07 12.35 -46.60
N THR A 318 -59.67 11.93 -45.49
CA THR A 318 -60.92 12.49 -44.99
C THR A 318 -60.89 12.48 -43.47
N VAL A 319 -61.13 13.65 -42.87
CA VAL A 319 -61.02 13.78 -41.43
C VAL A 319 -61.98 12.83 -40.72
N ALA A 320 -61.48 12.16 -39.68
CA ALA A 320 -62.25 11.22 -38.89
C ALA A 320 -62.37 11.72 -37.46
N GLN A 321 -63.54 11.53 -36.85
CA GLN A 321 -63.82 12.00 -35.51
C GLN A 321 -64.47 10.89 -34.70
N CYS A 322 -64.40 11.02 -33.38
CA CYS A 322 -65.02 10.04 -32.49
C CYS A 322 -66.54 10.16 -32.56
N LYS A 323 -67.21 9.01 -32.60
CA LYS A 323 -68.67 8.97 -32.69
C LYS A 323 -69.35 9.33 -31.38
N ILE A 324 -68.60 9.61 -30.31
CA ILE A 324 -69.18 9.91 -29.00
C ILE A 324 -68.82 11.32 -28.54
N CYS A 325 -67.56 11.73 -28.68
CA CYS A 325 -67.12 13.04 -28.23
C CYS A 325 -66.64 13.93 -29.35
N ALA A 326 -66.67 13.46 -30.60
CA ALA A 326 -66.32 14.27 -31.77
C ALA A 326 -64.92 14.87 -31.68
N SER A 327 -64.01 14.17 -31.01
CA SER A 327 -62.62 14.59 -30.97
C SER A 327 -61.90 14.05 -32.20
N HIS A 328 -60.97 14.85 -32.72
CA HIS A 328 -60.23 14.46 -33.92
C HIS A 328 -59.29 13.30 -33.60
N ILE A 329 -59.49 12.17 -34.27
CA ILE A 329 -58.71 10.96 -34.04
C ILE A 329 -57.71 10.77 -35.18
N GLY A 330 -58.08 11.23 -36.37
CA GLY A 330 -57.20 11.08 -37.52
C GLY A 330 -57.84 11.28 -38.87
N TRP A 331 -57.49 10.43 -39.82
CA TRP A 331 -58.00 10.55 -41.19
C TRP A 331 -58.22 9.17 -41.78
N LYS A 332 -59.04 9.13 -42.82
CA LYS A 332 -59.29 7.92 -43.60
C LYS A 332 -58.76 8.12 -45.02
N PHE A 333 -57.92 7.21 -45.47
CA PHE A 333 -57.28 7.30 -46.78
C PHE A 333 -57.92 6.29 -47.71
N THR A 334 -58.41 6.78 -48.86
CA THR A 334 -59.05 5.94 -49.86
C THR A 334 -58.27 6.03 -51.16
N ALA A 335 -58.00 4.88 -51.78
CA ALA A 335 -57.21 4.84 -52.99
C ALA A 335 -57.96 5.47 -54.15
N THR A 336 -57.31 6.39 -54.86
CA THR A 336 -57.91 7.00 -56.05
C THR A 336 -58.06 5.98 -57.17
N LYS A 337 -56.98 5.25 -57.46
CA LYS A 337 -57.02 4.19 -58.46
C LYS A 337 -57.46 2.87 -57.81
N LYS A 338 -57.85 1.92 -58.67
CA LYS A 338 -58.41 0.66 -58.19
C LYS A 338 -57.36 -0.43 -58.01
N ASP A 339 -56.19 -0.31 -58.62
CA ASP A 339 -55.16 -1.33 -58.50
C ASP A 339 -54.42 -1.26 -57.17
N MET A 340 -54.41 -0.09 -56.52
CA MET A 340 -53.64 0.08 -55.30
C MET A 340 -54.09 -0.89 -54.21
N SER A 341 -53.12 -1.31 -53.39
CA SER A 341 -53.37 -2.24 -52.30
C SER A 341 -52.63 -1.76 -51.05
N PRO A 342 -53.31 -1.59 -49.92
CA PRO A 342 -54.75 -1.81 -49.71
C PRO A 342 -55.58 -0.66 -50.23
N GLN A 343 -56.87 -0.90 -50.53
CA GLN A 343 -57.71 0.15 -51.08
C GLN A 343 -58.00 1.22 -50.04
N LYS A 344 -58.39 0.81 -48.84
CA LYS A 344 -58.70 1.75 -47.76
C LYS A 344 -57.89 1.40 -46.52
N PHE A 345 -57.46 2.43 -45.80
CA PHE A 345 -56.82 2.27 -44.50
C PHE A 345 -56.99 3.58 -43.73
N TRP A 346 -56.62 3.55 -42.45
CA TRP A 346 -56.80 4.69 -41.57
C TRP A 346 -55.47 5.15 -41.01
N GLY A 347 -55.36 6.46 -40.81
CA GLY A 347 -54.21 7.05 -40.17
C GLY A 347 -54.60 7.82 -38.92
N LEU A 348 -54.24 7.30 -37.75
CA LEU A 348 -54.65 7.88 -36.47
C LEU A 348 -53.49 8.65 -35.86
N THR A 349 -53.75 9.87 -35.42
CA THR A 349 -52.73 10.64 -34.74
C THR A 349 -52.50 10.09 -33.35
N ARG A 350 -51.22 10.01 -32.96
CA ARG A 350 -50.85 9.37 -31.70
C ARG A 350 -51.42 10.10 -30.50
N SER A 351 -51.44 11.44 -30.54
CA SER A 351 -51.89 12.22 -29.40
C SER A 351 -53.35 11.99 -29.04
N ALA A 352 -54.17 11.56 -30.00
CA ALA A 352 -55.59 11.37 -29.77
C ALA A 352 -55.96 9.95 -29.34
N LEU A 353 -54.98 9.09 -29.15
CA LEU A 353 -55.24 7.70 -28.82
C LEU A 353 -54.85 7.39 -27.38
N LEU A 354 -55.47 6.36 -26.83
CA LEU A 354 -55.19 5.89 -25.48
C LEU A 354 -55.17 4.37 -25.46
N PRO A 355 -54.01 3.74 -25.27
CA PRO A 355 -53.96 2.28 -25.18
C PRO A 355 -54.59 1.80 -23.88
N THR A 356 -55.46 0.80 -24.01
CA THR A 356 -56.14 0.22 -22.87
C THR A 356 -56.03 -1.30 -22.92
N ILE A 357 -56.21 -1.94 -21.76
CA ILE A 357 -56.17 -3.42 -21.69
C ILE A 357 -57.60 -3.94 -21.75
N PRO A 358 -57.98 -4.75 -22.74
CA PRO A 358 -59.32 -5.33 -22.80
C PRO A 358 -59.70 -6.12 -21.54
N ASP A 359 -60.98 -6.08 -21.16
CA ASP A 359 -61.46 -6.79 -19.95
C ASP A 359 -62.12 -8.10 -20.36
N SER B 2 -32.87 -1.38 10.87
CA SER B 2 -32.40 -1.61 12.23
C SER B 2 -30.91 -1.92 12.26
N TYR B 3 -30.45 -2.48 13.37
CA TYR B 3 -29.05 -2.85 13.57
C TYR B 3 -28.98 -4.37 13.74
N ASN B 4 -28.20 -5.03 12.89
CA ASN B 4 -28.21 -6.49 12.81
C ASN B 4 -26.81 -7.05 13.01
N TYR B 5 -26.77 -8.33 13.35
CA TYR B 5 -25.55 -9.06 13.67
C TYR B 5 -25.56 -10.38 12.91
N VAL B 6 -24.55 -10.60 12.07
CA VAL B 6 -24.47 -11.79 11.23
C VAL B 6 -23.25 -12.60 11.65
N VAL B 7 -23.45 -13.90 11.83
CA VAL B 7 -22.40 -14.83 12.22
C VAL B 7 -22.50 -16.08 11.37
N THR B 8 -21.35 -16.65 11.01
CA THR B 8 -21.32 -17.88 10.21
C THR B 8 -21.53 -19.07 11.13
N ALA B 9 -22.67 -19.75 10.97
CA ALA B 9 -22.96 -20.93 11.77
C ALA B 9 -22.33 -22.19 11.18
N GLN B 10 -22.18 -22.23 9.85
CA GLN B 10 -21.55 -23.36 9.17
C GLN B 10 -20.68 -22.80 8.05
N LYS B 11 -19.41 -23.19 8.03
CA LYS B 11 -18.49 -22.71 7.02
C LYS B 11 -18.94 -23.20 5.63
N PRO B 12 -18.57 -22.48 4.57
CA PRO B 12 -18.89 -22.96 3.23
C PRO B 12 -18.24 -24.31 2.97
N THR B 13 -19.04 -25.26 2.50
CA THR B 13 -18.59 -26.64 2.32
C THR B 13 -18.28 -27.00 0.87
N ALA B 14 -18.61 -26.13 -0.08
CA ALA B 14 -18.40 -26.43 -1.49
C ALA B 14 -16.96 -26.11 -1.89
N VAL B 15 -16.33 -27.05 -2.56
CA VAL B 15 -14.95 -26.90 -3.02
C VAL B 15 -14.96 -26.32 -4.43
N ASN B 16 -14.22 -25.22 -4.61
CA ASN B 16 -14.09 -24.60 -5.91
C ASN B 16 -12.67 -24.59 -6.47
N GLY B 17 -11.68 -25.02 -5.70
CA GLY B 17 -10.32 -25.05 -6.17
C GLY B 17 -9.49 -26.07 -5.41
N CYS B 18 -8.54 -26.68 -6.11
CA CYS B 18 -7.68 -27.69 -5.51
C CYS B 18 -6.38 -27.77 -6.30
N VAL B 19 -5.26 -27.76 -5.58
CA VAL B 19 -3.94 -27.83 -6.20
C VAL B 19 -3.05 -28.73 -5.35
N THR B 20 -2.10 -29.39 -6.03
CA THR B 20 -1.07 -30.19 -5.36
C THR B 20 0.28 -29.51 -5.49
N GLY B 21 1.05 -29.54 -4.43
CA GLY B 21 2.36 -28.91 -4.44
C GLY B 21 3.12 -29.23 -3.17
N HIS B 22 4.19 -28.47 -2.96
CA HIS B 22 5.06 -28.63 -1.79
C HIS B 22 5.05 -27.32 -1.01
N PHE B 23 3.91 -27.05 -0.37
CA PHE B 23 3.70 -25.76 0.27
C PHE B 23 4.28 -25.71 1.68
N THR B 24 4.01 -26.74 2.49
CA THR B 24 4.48 -26.71 3.87
C THR B 24 6.00 -26.88 3.95
N SER B 25 6.53 -27.90 3.28
CA SER B 25 7.96 -28.13 3.22
C SER B 25 8.29 -28.88 1.94
N ALA B 26 9.53 -28.73 1.49
CA ALA B 26 9.94 -29.32 0.22
C ALA B 26 9.79 -30.83 0.20
N GLU B 27 9.75 -31.48 1.36
CA GLU B 27 9.64 -32.93 1.45
C GLU B 27 8.21 -33.41 1.66
N ASP B 28 7.24 -32.51 1.67
CA ASP B 28 5.82 -32.85 1.83
C ASP B 28 5.08 -32.61 0.53
N LEU B 29 4.17 -33.53 0.21
CA LEU B 29 3.24 -33.36 -0.92
C LEU B 29 1.92 -32.84 -0.36
N ASN B 30 1.66 -31.57 -0.57
CA ASN B 30 0.48 -30.92 -0.01
C ASN B 30 -0.70 -30.95 -0.96
N LEU B 31 -1.90 -30.87 -0.39
CA LEU B 31 -3.14 -30.71 -1.13
C LEU B 31 -3.89 -29.52 -0.55
N LEU B 32 -3.92 -28.41 -1.30
CA LEU B 32 -4.59 -27.19 -0.87
C LEU B 32 -6.00 -27.15 -1.46
N ILE B 33 -6.98 -26.83 -0.63
CA ILE B 33 -8.38 -26.82 -1.03
C ILE B 33 -8.95 -25.43 -0.81
N ALA B 34 -9.57 -24.86 -1.84
CA ALA B 34 -10.22 -23.57 -1.77
C ALA B 34 -11.72 -23.78 -1.55
N LYS B 35 -12.22 -23.32 -0.40
CA LYS B 35 -13.64 -23.43 -0.06
C LYS B 35 -14.20 -22.02 0.08
N ASN B 36 -14.40 -21.36 -1.07
CA ASN B 36 -14.89 -19.98 -1.13
C ASN B 36 -13.94 -19.04 -0.40
N THR B 37 -14.25 -18.75 0.88
CA THR B 37 -13.40 -17.89 1.69
C THR B 37 -12.38 -18.69 2.49
N ARG B 38 -12.60 -19.98 2.68
CA ARG B 38 -11.68 -20.82 3.44
C ARG B 38 -10.62 -21.41 2.53
N LEU B 39 -9.44 -21.64 3.11
CA LEU B 39 -8.34 -22.31 2.43
C LEU B 39 -7.83 -23.40 3.35
N GLU B 40 -7.94 -24.65 2.91
CA GLU B 40 -7.56 -25.80 3.72
C GLU B 40 -6.24 -26.36 3.19
N ILE B 41 -5.33 -26.67 4.11
CA ILE B 41 -4.02 -27.21 3.77
C ILE B 41 -3.93 -28.63 4.31
N TYR B 42 -3.66 -29.58 3.42
CA TYR B 42 -3.45 -30.97 3.79
C TYR B 42 -2.09 -31.40 3.29
N VAL B 43 -1.57 -32.47 3.88
CA VAL B 43 -0.35 -33.12 3.41
C VAL B 43 -0.69 -34.57 3.04
N VAL B 44 -0.35 -34.96 1.82
CA VAL B 44 -0.70 -36.28 1.32
C VAL B 44 0.21 -37.32 1.96
N THR B 45 -0.39 -38.26 2.69
CA THR B 45 0.32 -39.37 3.29
C THR B 45 -0.06 -40.66 2.58
N ALA B 46 0.76 -41.69 2.78
CA ALA B 46 0.47 -42.99 2.19
C ALA B 46 -0.85 -43.57 2.67
N GLU B 47 -1.35 -43.09 3.81
CA GLU B 47 -2.64 -43.52 4.34
C GLU B 47 -3.79 -42.69 3.80
N GLY B 48 -3.58 -41.38 3.61
CA GLY B 48 -4.64 -40.52 3.12
C GLY B 48 -4.27 -39.05 3.21
N LEU B 49 -5.13 -38.26 3.86
CA LEU B 49 -4.91 -36.83 4.03
C LEU B 49 -4.70 -36.52 5.52
N ARG B 50 -3.72 -35.66 5.79
CA ARG B 50 -3.43 -35.21 7.15
C ARG B 50 -3.69 -33.72 7.25
N PRO B 51 -4.67 -33.26 8.02
CA PRO B 51 -4.94 -31.82 8.10
C PRO B 51 -3.78 -31.08 8.74
N VAL B 52 -3.43 -29.95 8.13
CA VAL B 52 -2.31 -29.12 8.58
C VAL B 52 -2.78 -27.80 9.15
N LYS B 53 -3.40 -26.96 8.32
CA LYS B 53 -3.83 -25.64 8.74
C LYS B 53 -4.99 -25.19 7.85
N GLU B 54 -5.97 -24.52 8.46
CA GLU B 54 -7.11 -23.97 7.73
C GLU B 54 -7.25 -22.50 8.06
N VAL B 55 -7.03 -21.63 7.07
CA VAL B 55 -7.09 -20.20 7.28
C VAL B 55 -8.34 -19.65 6.61
N GLY B 56 -8.76 -18.46 7.06
CA GLY B 56 -9.87 -17.75 6.46
C GLY B 56 -9.47 -16.39 5.93
N MET B 57 -9.75 -16.14 4.66
CA MET B 57 -9.36 -14.90 4.01
C MET B 57 -10.51 -13.90 3.99
N TYR B 58 -10.15 -12.62 3.83
CA TYR B 58 -11.14 -11.55 3.67
C TYR B 58 -11.43 -11.31 2.19
N GLY B 59 -11.88 -12.37 1.54
CA GLY B 59 -12.15 -12.32 0.12
C GLY B 59 -12.64 -13.66 -0.38
N LYS B 60 -13.18 -13.65 -1.59
CA LYS B 60 -13.63 -14.85 -2.28
C LYS B 60 -12.50 -15.30 -3.21
N ILE B 61 -11.86 -16.41 -2.84
CA ILE B 61 -10.70 -16.91 -3.60
C ILE B 61 -11.13 -17.25 -5.02
N ALA B 62 -10.70 -16.42 -5.97
CA ALA B 62 -10.98 -16.64 -7.39
C ALA B 62 -9.83 -17.33 -8.12
N VAL B 63 -8.60 -17.12 -7.66
CA VAL B 63 -7.41 -17.75 -8.25
C VAL B 63 -6.56 -18.30 -7.11
N MET B 64 -6.01 -19.49 -7.32
CA MET B 64 -5.16 -20.13 -6.32
C MET B 64 -4.18 -21.04 -7.05
N GLU B 65 -2.92 -20.61 -7.13
CA GLU B 65 -1.89 -21.39 -7.83
C GLU B 65 -0.60 -21.38 -7.03
N LEU B 66 0.00 -22.56 -6.90
CA LEU B 66 1.32 -22.70 -6.28
C LEU B 66 2.40 -22.55 -7.34
N PHE B 67 3.55 -22.03 -6.92
CA PHE B 67 4.67 -21.82 -7.83
C PHE B 67 5.95 -21.72 -7.02
N ARG B 68 7.07 -22.02 -7.68
CA ARG B 68 8.38 -22.01 -7.05
C ARG B 68 9.32 -21.07 -7.77
N PRO B 69 9.54 -19.86 -7.26
CA PRO B 69 10.48 -18.94 -7.93
C PRO B 69 11.91 -19.46 -7.80
N LYS B 70 12.73 -19.11 -8.77
CA LYS B 70 14.13 -19.52 -8.76
C LYS B 70 14.84 -19.00 -7.51
N GLY B 71 15.33 -19.91 -6.69
CA GLY B 71 15.95 -19.56 -5.43
C GLY B 71 15.06 -19.66 -4.20
N GLU B 72 14.03 -20.49 -4.22
CA GLU B 72 13.13 -20.65 -3.08
C GLU B 72 13.19 -22.08 -2.58
N SER B 73 13.27 -22.23 -1.25
CA SER B 73 13.38 -23.56 -0.65
C SER B 73 12.13 -24.39 -0.85
N LYS B 74 10.97 -23.76 -0.95
CA LYS B 74 9.72 -24.48 -1.12
C LYS B 74 8.77 -23.65 -1.98
N ASP B 75 7.59 -24.21 -2.24
CA ASP B 75 6.64 -23.56 -3.12
C ASP B 75 6.03 -22.32 -2.45
N LEU B 76 5.61 -21.37 -3.28
CA LEU B 76 4.86 -20.20 -2.85
C LEU B 76 3.45 -20.26 -3.40
N LEU B 77 2.52 -19.68 -2.65
CA LEU B 77 1.10 -19.71 -3.01
C LEU B 77 0.66 -18.31 -3.45
N PHE B 78 -0.05 -18.26 -4.58
CA PHE B 78 -0.64 -17.03 -5.08
C PHE B 78 -2.16 -17.13 -5.04
N ILE B 79 -2.80 -16.14 -4.43
CA ILE B 79 -4.26 -16.11 -4.29
C ILE B 79 -4.75 -14.76 -4.79
N LEU B 80 -5.82 -14.79 -5.59
CA LEU B 80 -6.47 -13.58 -6.08
C LEU B 80 -7.95 -13.67 -5.74
N THR B 81 -8.46 -12.70 -4.99
CA THR B 81 -9.85 -12.73 -4.56
C THR B 81 -10.75 -12.11 -5.63
N ALA B 82 -12.07 -12.33 -5.45
CA ALA B 82 -13.03 -11.79 -6.40
C ALA B 82 -13.02 -10.27 -6.42
N LYS B 83 -12.66 -9.64 -5.30
CA LYS B 83 -12.48 -8.19 -5.25
C LYS B 83 -11.10 -7.76 -5.73
N TYR B 84 -10.43 -8.61 -6.49
CA TYR B 84 -9.14 -8.30 -7.13
C TYR B 84 -8.04 -8.05 -6.11
N ASN B 85 -8.09 -8.77 -4.99
CA ASN B 85 -7.02 -8.73 -3.99
C ASN B 85 -6.05 -9.86 -4.29
N ALA B 86 -4.90 -9.52 -4.85
CA ALA B 86 -3.85 -10.49 -5.11
C ALA B 86 -2.85 -10.51 -3.96
N CYS B 87 -2.28 -11.68 -3.72
CA CYS B 87 -1.30 -11.82 -2.65
C CYS B 87 -0.50 -13.10 -2.87
N ILE B 88 0.74 -13.09 -2.38
CA ILE B 88 1.62 -14.24 -2.42
C ILE B 88 1.90 -14.66 -0.99
N LEU B 89 1.65 -15.93 -0.69
CA LEU B 89 1.72 -16.43 0.67
C LEU B 89 2.83 -17.46 0.81
N GLU B 90 3.20 -17.74 2.06
CA GLU B 90 4.26 -18.67 2.38
C GLU B 90 3.89 -19.40 3.67
N TYR B 91 4.19 -20.70 3.71
CA TYR B 91 3.97 -21.51 4.89
C TYR B 91 5.17 -21.37 5.82
N LYS B 92 4.89 -21.05 7.09
CA LYS B 92 5.94 -20.89 8.09
C LYS B 92 5.60 -21.72 9.31
N GLN B 93 6.49 -22.64 9.67
CA GLN B 93 6.35 -23.47 10.86
C GLN B 93 7.60 -23.25 11.70
N SER B 94 7.46 -22.48 12.77
CA SER B 94 8.57 -22.13 13.66
C SER B 94 8.32 -22.85 14.99
N GLY B 95 8.78 -24.10 15.06
CA GLY B 95 8.56 -24.91 16.23
C GLY B 95 7.21 -25.59 16.18
N GLU B 96 6.33 -25.23 17.11
CA GLU B 96 4.96 -25.72 17.12
C GLU B 96 3.97 -24.72 16.53
N SER B 97 4.39 -23.47 16.32
CA SER B 97 3.51 -22.45 15.77
C SER B 97 3.43 -22.57 14.25
N ILE B 98 2.22 -22.46 13.73
CA ILE B 98 1.95 -22.51 12.29
C ILE B 98 1.35 -21.18 11.88
N ASP B 99 2.01 -20.48 10.95
CA ASP B 99 1.57 -19.17 10.53
C ASP B 99 1.75 -19.03 9.03
N ILE B 100 0.71 -18.55 8.35
CA ILE B 100 0.77 -18.28 6.92
C ILE B 100 1.07 -16.79 6.77
N ILE B 101 2.27 -16.49 6.29
CA ILE B 101 2.71 -15.11 6.16
C ILE B 101 2.42 -14.61 4.75
N THR B 102 2.29 -13.29 4.62
CA THR B 102 2.04 -12.65 3.33
C THR B 102 3.36 -12.11 2.80
N ARG B 103 3.84 -12.67 1.70
CA ARG B 103 5.07 -12.19 1.08
C ARG B 103 4.83 -10.93 0.28
N ALA B 104 3.82 -10.95 -0.59
CA ALA B 104 3.44 -9.80 -1.40
C ALA B 104 1.92 -9.68 -1.39
N HIS B 105 1.43 -8.47 -1.62
CA HIS B 105 0.00 -8.24 -1.64
C HIS B 105 -0.29 -6.94 -2.37
N GLY B 106 -1.44 -6.90 -3.02
CA GLY B 106 -1.85 -5.72 -3.77
C GLY B 106 -3.22 -5.96 -4.37
N ASN B 107 -3.82 -4.86 -4.83
CA ASN B 107 -5.14 -4.90 -5.46
C ASN B 107 -4.94 -4.62 -6.95
N VAL B 108 -5.06 -5.67 -7.76
CA VAL B 108 -4.75 -5.58 -9.18
C VAL B 108 -5.98 -5.16 -9.98
N GLN B 109 -6.84 -4.34 -9.37
CA GLN B 109 -8.07 -3.89 -10.01
C GLN B 109 -7.79 -2.67 -10.87
N ASP B 110 -8.48 -2.61 -12.01
CA ASP B 110 -8.47 -1.44 -12.88
C ASP B 110 -9.86 -0.81 -12.89
N ARG B 111 -9.90 0.52 -12.69
CA ARG B 111 -11.19 1.21 -12.65
C ARG B 111 -11.93 1.09 -13.97
N ILE B 112 -11.22 1.01 -15.09
CA ILE B 112 -11.83 0.83 -16.40
C ILE B 112 -11.57 -0.59 -16.86
N GLY B 113 -12.48 -1.10 -17.68
CA GLY B 113 -12.36 -2.45 -18.22
C GLY B 113 -13.61 -3.26 -18.00
N ARG B 114 -14.03 -3.99 -19.03
CA ARG B 114 -15.22 -4.83 -18.91
C ARG B 114 -14.80 -6.19 -18.39
N PRO B 115 -15.27 -6.61 -17.20
CA PRO B 115 -14.91 -7.95 -16.72
C PRO B 115 -15.39 -9.00 -17.72
N SER B 116 -14.46 -9.83 -18.17
CA SER B 116 -14.77 -10.79 -19.22
C SER B 116 -15.83 -11.78 -18.76
N GLU B 117 -16.70 -12.17 -19.69
CA GLU B 117 -17.76 -13.11 -19.37
C GLU B 117 -17.20 -14.47 -19.00
N THR B 118 -15.95 -14.74 -19.37
CA THR B 118 -15.29 -16.01 -19.09
C THR B 118 -14.63 -16.02 -17.71
N GLY B 119 -14.80 -14.97 -16.91
CA GLY B 119 -14.29 -14.93 -15.56
C GLY B 119 -12.82 -14.55 -15.48
N ILE B 120 -12.32 -14.60 -14.24
CA ILE B 120 -10.92 -14.27 -13.96
C ILE B 120 -10.05 -15.49 -14.26
N ILE B 121 -8.94 -15.26 -14.96
CA ILE B 121 -7.98 -16.30 -15.30
C ILE B 121 -6.61 -15.90 -14.76
N GLY B 122 -6.02 -16.76 -13.94
CA GLY B 122 -4.70 -16.52 -13.40
C GLY B 122 -3.71 -17.61 -13.75
N ILE B 123 -2.72 -17.28 -14.58
CA ILE B 123 -1.70 -18.24 -15.02
C ILE B 123 -0.32 -17.70 -14.66
N ILE B 124 0.61 -18.63 -14.42
CA ILE B 124 1.97 -18.31 -14.03
C ILE B 124 2.94 -18.97 -15.00
N ASP B 125 4.00 -18.25 -15.36
CA ASP B 125 5.00 -18.77 -16.28
C ASP B 125 5.64 -20.03 -15.69
N PRO B 126 5.81 -21.10 -16.47
CA PRO B 126 6.48 -22.29 -15.94
C PRO B 126 7.86 -22.02 -15.38
N GLU B 127 8.60 -21.08 -15.95
CA GLU B 127 9.88 -20.67 -15.40
C GLU B 127 9.76 -19.58 -14.35
N CYS B 128 8.55 -19.32 -13.88
CA CYS B 128 8.26 -18.38 -12.78
C CYS B 128 8.87 -17.00 -13.04
N ARG B 129 8.48 -16.41 -14.18
CA ARG B 129 8.89 -15.05 -14.51
C ARG B 129 7.81 -14.02 -14.20
N MET B 130 6.53 -14.37 -14.38
CA MET B 130 5.45 -13.42 -14.20
C MET B 130 4.16 -14.17 -13.85
N ILE B 131 3.18 -13.40 -13.36
CA ILE B 131 1.84 -13.89 -13.11
C ILE B 131 0.91 -13.19 -14.11
N GLY B 132 0.38 -13.95 -15.06
CA GLY B 132 -0.53 -13.41 -16.05
C GLY B 132 -1.97 -13.43 -15.54
N LEU B 133 -2.66 -12.30 -15.71
CA LEU B 133 -4.04 -12.15 -15.26
C LEU B 133 -4.90 -11.65 -16.41
N ARG B 134 -6.04 -12.32 -16.62
CA ARG B 134 -7.04 -11.93 -17.60
C ARG B 134 -8.29 -11.51 -16.84
N LEU B 135 -8.32 -10.26 -16.40
CA LEU B 135 -9.46 -9.76 -15.63
C LEU B 135 -10.50 -9.09 -16.52
N TYR B 136 -10.07 -8.27 -17.48
CA TYR B 136 -10.96 -7.50 -18.33
C TYR B 136 -10.69 -7.83 -19.79
N ASP B 137 -11.71 -7.63 -20.62
CA ASP B 137 -11.59 -7.93 -22.03
C ASP B 137 -10.58 -6.98 -22.68
N GLY B 138 -9.73 -7.54 -23.54
CA GLY B 138 -8.76 -6.74 -24.25
C GLY B 138 -7.55 -6.31 -23.44
N LEU B 139 -7.41 -6.77 -22.20
CA LEU B 139 -6.28 -6.40 -21.36
C LEU B 139 -5.70 -7.63 -20.67
N PHE B 140 -4.37 -7.70 -20.63
CA PHE B 140 -3.65 -8.81 -20.02
C PHE B 140 -2.67 -8.26 -18.99
N LYS B 141 -3.05 -8.30 -17.72
CA LYS B 141 -2.20 -7.81 -16.66
C LYS B 141 -1.01 -8.75 -16.44
N VAL B 142 0.17 -8.17 -16.25
CA VAL B 142 1.40 -8.93 -16.08
C VAL B 142 2.07 -8.45 -14.79
N ILE B 143 2.15 -9.32 -13.80
CA ILE B 143 2.85 -9.05 -12.55
C ILE B 143 4.21 -9.73 -12.63
N PRO B 144 5.30 -9.00 -12.84
CA PRO B 144 6.61 -9.66 -12.92
C PRO B 144 7.04 -10.20 -11.55
N LEU B 145 7.66 -11.38 -11.58
CA LEU B 145 8.10 -12.06 -10.37
C LEU B 145 9.62 -12.04 -10.24
N ASP B 146 10.25 -10.93 -10.61
CA ASP B 146 11.69 -10.76 -10.42
C ASP B 146 12.07 -10.46 -8.98
N ARG B 147 11.38 -11.09 -8.02
CA ARG B 147 11.58 -10.92 -6.58
C ARG B 147 11.36 -9.49 -6.09
N ASP B 148 11.18 -9.34 -4.78
CA ASP B 148 11.12 -8.03 -4.14
C ASP B 148 10.00 -7.15 -4.70
N ASN B 149 8.96 -7.78 -5.24
CA ASN B 149 7.79 -7.07 -5.74
C ASN B 149 6.63 -7.25 -4.76
N LYS B 150 6.86 -6.71 -3.55
CA LYS B 150 5.92 -6.91 -2.45
C LYS B 150 4.58 -6.23 -2.73
N GLU B 151 4.60 -5.07 -3.38
CA GLU B 151 3.35 -4.39 -3.68
C GLU B 151 2.66 -4.93 -4.93
N LEU B 152 3.21 -5.98 -5.54
CA LEU B 152 2.63 -6.62 -6.72
C LEU B 152 2.39 -5.60 -7.83
N LYS B 153 3.45 -4.87 -8.19
CA LYS B 153 3.36 -3.91 -9.28
C LYS B 153 3.20 -4.66 -10.60
N ALA B 154 2.34 -4.13 -11.48
CA ALA B 154 2.00 -4.80 -12.72
C ALA B 154 1.93 -3.79 -13.85
N PHE B 155 1.67 -4.30 -15.05
CA PHE B 155 1.48 -3.48 -16.25
C PHE B 155 0.65 -4.28 -17.23
N ASN B 156 -0.29 -3.60 -17.90
CA ASN B 156 -1.20 -4.26 -18.82
C ASN B 156 -0.68 -4.19 -20.25
N ILE B 157 -1.01 -5.20 -21.03
CA ILE B 157 -0.69 -5.27 -22.45
C ILE B 157 -1.99 -5.33 -23.24
N ARG B 158 -2.04 -4.59 -24.35
CA ARG B 158 -3.27 -4.53 -25.14
C ARG B 158 -3.48 -5.85 -25.87
N LEU B 159 -4.70 -6.37 -25.78
CA LEU B 159 -5.08 -7.63 -26.42
C LEU B 159 -5.99 -7.30 -27.60
N GLU B 160 -5.52 -7.57 -28.82
CA GLU B 160 -6.36 -7.37 -29.99
C GLU B 160 -7.57 -8.29 -29.97
N GLU B 161 -7.43 -9.48 -29.40
CA GLU B 161 -8.56 -10.39 -29.25
C GLU B 161 -9.32 -10.06 -27.98
N LEU B 162 -10.64 -9.94 -28.08
CA LEU B 162 -11.48 -9.51 -26.96
C LEU B 162 -12.20 -10.65 -26.26
N HIS B 163 -12.73 -11.62 -27.00
CA HIS B 163 -13.47 -12.74 -26.40
C HIS B 163 -12.50 -13.91 -26.24
N VAL B 164 -11.86 -13.98 -25.07
CA VAL B 164 -10.88 -15.01 -24.77
C VAL B 164 -11.54 -16.10 -23.93
N ILE B 165 -11.50 -17.34 -24.44
CA ILE B 165 -12.11 -18.46 -23.73
C ILE B 165 -11.20 -18.98 -22.62
N ASP B 166 -9.98 -19.38 -22.97
CA ASP B 166 -9.05 -19.88 -21.98
C ASP B 166 -7.64 -19.58 -22.44
N VAL B 167 -6.75 -19.30 -21.48
CA VAL B 167 -5.38 -18.94 -21.78
C VAL B 167 -4.46 -19.58 -20.74
N LYS B 168 -3.34 -20.12 -21.22
CA LYS B 168 -2.33 -20.72 -20.36
C LYS B 168 -0.95 -20.46 -20.97
N PHE B 169 0.06 -20.51 -20.11
CA PHE B 169 1.45 -20.41 -20.56
C PHE B 169 1.93 -21.74 -21.11
N LEU B 170 2.80 -21.67 -22.11
CA LEU B 170 3.32 -22.88 -22.75
C LEU B 170 4.65 -23.28 -22.13
N TYR B 171 4.94 -24.58 -22.19
CA TYR B 171 6.18 -25.13 -21.66
C TYR B 171 7.26 -25.14 -22.75
N GLY B 172 8.52 -25.15 -22.29
CA GLY B 172 9.66 -25.27 -23.18
C GLY B 172 9.74 -24.24 -24.28
N CYS B 173 9.79 -22.96 -23.94
CA CYS B 173 9.88 -21.89 -24.91
C CYS B 173 10.99 -20.92 -24.54
N GLN B 174 11.52 -20.23 -25.55
CA GLN B 174 12.61 -19.29 -25.33
C GLN B 174 12.18 -18.12 -24.46
N ALA B 175 11.00 -17.57 -24.72
CA ALA B 175 10.44 -16.44 -24.01
C ALA B 175 9.05 -16.80 -23.54
N PRO B 176 8.54 -16.10 -22.52
CA PRO B 176 7.16 -16.37 -22.08
C PRO B 176 6.17 -16.38 -23.23
N THR B 177 5.40 -17.45 -23.32
CA THR B 177 4.48 -17.68 -24.43
C THR B 177 3.13 -18.08 -23.87
N ILE B 178 2.09 -17.33 -24.22
CA ILE B 178 0.72 -17.64 -23.83
C ILE B 178 0.02 -18.32 -25.00
N CYS B 179 -0.96 -19.16 -24.69
CA CYS B 179 -1.75 -19.87 -25.69
C CYS B 179 -3.21 -19.74 -25.31
N PHE B 180 -4.01 -19.15 -26.18
CA PHE B 180 -5.39 -18.83 -25.85
C PHE B 180 -6.32 -19.15 -27.02
N VAL B 181 -7.60 -19.36 -26.69
CA VAL B 181 -8.66 -19.58 -27.66
C VAL B 181 -9.60 -18.38 -27.62
N TYR B 182 -9.81 -17.75 -28.77
CA TYR B 182 -10.66 -16.59 -28.88
C TYR B 182 -11.79 -16.84 -29.87
N GLN B 183 -12.90 -16.12 -29.66
CA GLN B 183 -14.08 -16.24 -30.52
C GLN B 183 -14.27 -14.95 -31.32
N ASP B 184 -14.42 -15.09 -32.63
CA ASP B 184 -14.68 -13.98 -33.54
C ASP B 184 -15.84 -14.39 -34.44
N PRO B 185 -16.36 -13.52 -35.30
CA PRO B 185 -17.39 -13.96 -36.26
C PRO B 185 -16.99 -15.16 -37.12
N GLN B 186 -15.69 -15.35 -37.37
CA GLN B 186 -15.23 -16.50 -38.13
C GLN B 186 -15.20 -17.79 -37.31
N GLY B 187 -15.54 -17.75 -36.02
CA GLY B 187 -15.53 -18.94 -35.20
C GLY B 187 -14.52 -18.87 -34.08
N ARG B 188 -14.19 -20.02 -33.49
CA ARG B 188 -13.19 -20.08 -32.43
C ARG B 188 -11.85 -20.48 -33.03
N HIS B 189 -10.78 -19.83 -32.56
CA HIS B 189 -9.44 -20.05 -33.09
C HIS B 189 -8.47 -20.23 -31.94
N VAL B 190 -7.23 -20.60 -32.29
CA VAL B 190 -6.15 -20.75 -31.33
C VAL B 190 -4.98 -19.88 -31.78
N LYS B 191 -4.43 -19.10 -30.85
CA LYS B 191 -3.36 -18.16 -31.15
C LYS B 191 -2.37 -18.15 -30.00
N THR B 192 -1.14 -17.74 -30.29
CA THR B 192 -0.07 -17.66 -29.30
C THR B 192 0.64 -16.33 -29.42
N TYR B 193 0.99 -15.75 -28.28
CA TYR B 193 1.75 -14.51 -28.22
C TYR B 193 2.99 -14.69 -27.36
N GLU B 194 4.10 -14.12 -27.82
CA GLU B 194 5.34 -14.09 -27.04
C GLU B 194 5.36 -12.81 -26.21
N VAL B 195 5.42 -12.95 -24.90
CA VAL B 195 5.41 -11.79 -24.01
C VAL B 195 6.84 -11.31 -23.80
N SER B 196 7.06 -10.02 -24.01
CA SER B 196 8.36 -9.39 -23.77
C SER B 196 8.17 -8.36 -22.66
N LEU B 197 8.68 -8.67 -21.47
CA LEU B 197 8.50 -7.79 -20.32
C LEU B 197 9.31 -6.51 -20.44
N ARG B 198 10.37 -6.50 -21.26
CA ARG B 198 11.17 -5.29 -21.41
C ARG B 198 10.48 -4.28 -22.32
N GLU B 199 9.95 -4.74 -23.45
CA GLU B 199 9.21 -3.86 -24.35
C GLU B 199 7.77 -3.65 -23.93
N LYS B 200 7.29 -4.40 -22.94
CA LYS B 200 5.92 -4.30 -22.43
C LYS B 200 4.89 -4.42 -23.54
N GLU B 201 5.09 -5.43 -24.39
CA GLU B 201 4.20 -5.64 -25.53
C GLU B 201 4.24 -7.12 -25.93
N PHE B 202 3.29 -7.49 -26.77
CA PHE B 202 3.22 -8.84 -27.33
C PHE B 202 4.03 -8.92 -28.61
N ASN B 203 4.64 -10.08 -28.84
CA ASN B 203 5.37 -10.36 -30.06
C ASN B 203 4.77 -11.58 -30.76
N LYS B 204 5.18 -11.79 -31.99
CA LYS B 204 4.64 -12.88 -32.80
C LYS B 204 4.94 -14.22 -32.15
N GLY B 205 3.89 -15.01 -31.88
CA GLY B 205 4.06 -16.26 -31.21
C GLY B 205 4.71 -17.31 -32.09
N PRO B 206 4.91 -18.50 -31.53
CA PRO B 206 5.61 -19.57 -32.27
C PRO B 206 4.77 -20.21 -33.37
N TRP B 207 3.47 -20.35 -33.15
CA TRP B 207 2.61 -20.98 -34.15
C TRP B 207 1.22 -20.37 -34.08
N LYS B 208 0.61 -20.17 -35.25
CA LYS B 208 -0.69 -19.51 -35.38
C LYS B 208 -1.58 -20.40 -36.25
N GLN B 209 -2.30 -21.33 -35.62
CA GLN B 209 -3.29 -22.11 -36.34
C GLN B 209 -4.62 -21.38 -36.24
N GLU B 210 -5.73 -22.07 -36.50
CA GLU B 210 -7.03 -21.42 -36.50
C GLU B 210 -8.14 -22.45 -36.53
N ASN B 211 -9.34 -22.01 -36.92
CA ASN B 211 -10.58 -22.78 -36.93
C ASN B 211 -10.53 -24.03 -36.06
N VAL B 212 -10.71 -23.85 -34.76
CA VAL B 212 -10.78 -24.97 -33.84
C VAL B 212 -12.26 -25.25 -33.61
N GLU B 213 -12.56 -26.24 -32.78
CA GLU B 213 -13.95 -26.62 -32.59
C GLU B 213 -14.78 -25.42 -32.15
N ALA B 214 -15.98 -25.31 -32.72
CA ALA B 214 -16.87 -24.20 -32.43
C ALA B 214 -17.14 -24.04 -30.94
N GLU B 215 -17.00 -25.11 -30.16
CA GLU B 215 -17.19 -25.07 -28.72
C GLU B 215 -15.92 -25.49 -27.98
N ALA B 216 -14.77 -25.06 -28.48
CA ALA B 216 -13.51 -25.30 -27.78
C ALA B 216 -13.44 -24.41 -26.55
N SER B 217 -13.21 -25.02 -25.38
CA SER B 217 -13.32 -24.28 -24.14
C SER B 217 -12.19 -24.52 -23.14
N MET B 218 -11.20 -25.35 -23.47
CA MET B 218 -10.14 -25.66 -22.52
C MET B 218 -8.80 -25.79 -23.23
N VAL B 219 -7.79 -25.13 -22.66
CA VAL B 219 -6.42 -25.20 -23.12
C VAL B 219 -5.59 -25.88 -22.04
N ILE B 220 -4.76 -26.83 -22.43
CA ILE B 220 -3.88 -27.55 -21.52
C ILE B 220 -2.45 -27.38 -21.99
N ALA B 221 -1.57 -26.95 -21.09
CA ALA B 221 -0.16 -26.79 -21.40
C ALA B 221 0.54 -28.12 -21.20
N VAL B 222 1.10 -28.66 -22.28
CA VAL B 222 1.78 -29.96 -22.21
C VAL B 222 3.22 -29.72 -21.75
N PRO B 223 3.70 -30.48 -20.77
CA PRO B 223 5.06 -30.26 -20.25
C PRO B 223 6.15 -30.42 -21.31
N GLU B 224 7.37 -30.12 -20.88
CA GLU B 224 8.55 -30.08 -21.75
C GLU B 224 8.71 -31.27 -22.69
N PRO B 225 8.57 -32.54 -22.25
CA PRO B 225 8.84 -33.66 -23.18
C PRO B 225 8.10 -33.55 -24.50
N PHE B 226 6.82 -33.17 -24.49
CA PHE B 226 6.07 -32.94 -25.72
C PHE B 226 6.04 -31.46 -26.08
N GLY B 227 5.47 -30.63 -25.21
CA GLY B 227 5.28 -29.23 -25.50
C GLY B 227 3.98 -28.99 -26.24
N GLY B 228 3.69 -27.72 -26.47
CA GLY B 228 2.48 -27.36 -27.18
C GLY B 228 1.28 -27.28 -26.25
N ALA B 229 0.10 -27.38 -26.86
CA ALA B 229 -1.16 -27.24 -26.13
C ALA B 229 -2.16 -28.26 -26.61
N ILE B 230 -3.00 -28.72 -25.68
CA ILE B 230 -4.12 -29.61 -25.96
C ILE B 230 -5.41 -28.81 -25.83
N ILE B 231 -6.22 -28.80 -26.87
CA ILE B 231 -7.44 -28.00 -26.92
C ILE B 231 -8.62 -28.96 -26.80
N ILE B 232 -9.22 -29.01 -25.61
CA ILE B 232 -10.38 -29.85 -25.35
C ILE B 232 -11.64 -29.08 -25.71
N GLY B 233 -12.42 -29.61 -26.67
CA GLY B 233 -13.65 -29.02 -27.08
C GLY B 233 -14.86 -29.83 -26.63
N GLN B 234 -16.00 -29.55 -27.28
CA GLN B 234 -17.23 -30.26 -26.97
C GLN B 234 -17.14 -31.73 -27.33
N GLU B 235 -16.72 -32.04 -28.56
CA GLU B 235 -16.69 -33.41 -29.05
C GLU B 235 -15.33 -33.85 -29.60
N SER B 236 -14.34 -32.96 -29.67
CA SER B 236 -13.04 -33.30 -30.23
C SER B 236 -11.93 -32.79 -29.31
N ILE B 237 -10.87 -33.58 -29.17
CA ILE B 237 -9.67 -33.21 -28.42
C ILE B 237 -8.54 -33.08 -29.43
N THR B 238 -8.02 -31.87 -29.59
CA THR B 238 -6.97 -31.58 -30.55
C THR B 238 -5.66 -31.26 -29.84
N TYR B 239 -4.55 -31.69 -30.42
CA TYR B 239 -3.21 -31.39 -29.93
C TYR B 239 -2.52 -30.45 -30.90
N HIS B 240 -2.03 -29.32 -30.39
CA HIS B 240 -1.39 -28.30 -31.21
C HIS B 240 0.00 -28.02 -30.68
N ASN B 241 1.01 -28.17 -31.56
CA ASN B 241 2.39 -27.88 -31.21
C ASN B 241 3.17 -27.59 -32.49
N GLY B 242 2.97 -26.40 -33.05
CA GLY B 242 3.64 -26.06 -34.30
C GLY B 242 2.95 -26.76 -35.45
N ASP B 243 3.73 -27.47 -36.27
CA ASP B 243 3.21 -28.16 -37.44
C ASP B 243 2.76 -29.58 -37.13
N LYS B 244 2.68 -29.94 -35.84
CA LYS B 244 2.24 -31.27 -35.44
C LYS B 244 0.82 -31.13 -34.91
N TYR B 245 -0.14 -31.47 -35.75
CA TYR B 245 -1.57 -31.35 -35.43
C TYR B 245 -2.19 -32.74 -35.37
N LEU B 246 -2.72 -33.10 -34.21
CA LEU B 246 -3.48 -34.32 -34.05
C LEU B 246 -4.83 -33.99 -33.46
N ALA B 247 -5.86 -34.71 -33.91
CA ALA B 247 -7.24 -34.42 -33.51
C ALA B 247 -8.00 -35.73 -33.44
N ILE B 248 -8.44 -36.11 -32.25
CA ILE B 248 -9.27 -37.27 -32.04
C ILE B 248 -10.66 -36.82 -31.62
N ALA B 249 -11.68 -37.52 -32.11
CA ALA B 249 -13.07 -37.25 -31.76
C ALA B 249 -13.70 -38.53 -31.21
N PRO B 250 -13.34 -38.93 -30.00
CA PRO B 250 -13.87 -40.16 -29.43
C PRO B 250 -15.36 -40.02 -29.15
N PRO B 251 -16.17 -40.99 -29.58
CA PRO B 251 -17.61 -40.90 -29.30
C PRO B 251 -17.93 -40.96 -27.82
N ILE B 252 -17.02 -41.48 -26.99
CA ILE B 252 -17.29 -41.61 -25.56
C ILE B 252 -17.41 -40.25 -24.88
N ILE B 253 -16.80 -39.20 -25.44
CA ILE B 253 -16.83 -37.90 -24.80
C ILE B 253 -17.90 -36.97 -25.36
N LYS B 254 -18.38 -37.22 -26.59
CA LYS B 254 -19.40 -36.36 -27.17
C LYS B 254 -20.67 -36.34 -26.33
N GLN B 255 -20.89 -37.39 -25.53
CA GLN B 255 -22.12 -37.53 -24.76
C GLN B 255 -22.31 -36.39 -23.76
N SER B 256 -21.22 -35.87 -23.19
CA SER B 256 -21.31 -34.81 -22.20
C SER B 256 -20.15 -33.83 -22.40
N THR B 257 -20.20 -32.72 -21.66
CA THR B 257 -19.21 -31.65 -21.80
C THR B 257 -18.16 -31.78 -20.69
N ILE B 258 -16.89 -31.72 -21.09
CA ILE B 258 -15.77 -31.81 -20.16
C ILE B 258 -15.63 -30.48 -19.42
N VAL B 259 -15.49 -30.55 -18.09
CA VAL B 259 -15.50 -29.35 -17.26
C VAL B 259 -14.30 -29.26 -16.33
N CYS B 260 -13.40 -30.26 -16.31
CA CYS B 260 -12.22 -30.16 -15.48
C CYS B 260 -11.12 -31.05 -16.05
N HIS B 261 -9.87 -30.66 -15.81
CA HIS B 261 -8.72 -31.42 -16.26
C HIS B 261 -7.60 -31.29 -15.23
N ASN B 262 -6.71 -32.28 -15.23
CA ASN B 262 -5.55 -32.25 -14.33
C ASN B 262 -4.48 -33.20 -14.84
N ARG B 263 -3.23 -32.76 -14.73
CA ARG B 263 -2.08 -33.59 -15.10
C ARG B 263 -1.80 -34.61 -14.02
N VAL B 264 -1.48 -35.84 -14.44
CA VAL B 264 -1.15 -36.91 -13.51
C VAL B 264 0.35 -36.97 -13.29
N ASP B 265 1.09 -37.47 -14.31
CA ASP B 265 2.54 -37.58 -14.20
C ASP B 265 3.20 -36.26 -14.58
N PRO B 266 4.40 -35.97 -14.04
CA PRO B 266 5.03 -34.67 -14.30
C PRO B 266 5.42 -34.45 -15.75
N ASN B 267 5.50 -35.50 -16.58
CA ASN B 267 5.85 -35.35 -17.98
C ASN B 267 4.64 -35.31 -18.91
N GLY B 268 3.43 -35.24 -18.35
CA GLY B 268 2.23 -35.08 -19.15
C GLY B 268 2.01 -36.24 -20.09
N SER B 269 1.85 -37.44 -19.54
CA SER B 269 1.52 -38.62 -20.33
C SER B 269 0.11 -39.12 -20.07
N ARG B 270 -0.39 -38.95 -18.85
CA ARG B 270 -1.78 -39.25 -18.51
C ARG B 270 -2.46 -37.97 -18.07
N TYR B 271 -3.73 -37.82 -18.43
CA TYR B 271 -4.53 -36.67 -18.01
C TYR B 271 -5.88 -37.15 -17.51
N LEU B 272 -6.42 -36.43 -16.53
CA LEU B 272 -7.68 -36.77 -15.89
C LEU B 272 -8.71 -35.68 -16.20
N LEU B 273 -9.65 -35.98 -17.08
CA LEU B 273 -10.72 -35.06 -17.42
C LEU B 273 -12.05 -35.60 -16.90
N GLY B 274 -12.90 -34.69 -16.44
CA GLY B 274 -14.22 -35.06 -15.97
C GLY B 274 -15.28 -34.20 -16.63
N ASP B 275 -16.47 -34.78 -16.79
CA ASP B 275 -17.59 -34.13 -17.44
C ASP B 275 -18.68 -33.74 -16.44
N MET B 276 -19.71 -33.06 -16.95
CA MET B 276 -20.79 -32.59 -16.10
C MET B 276 -21.59 -33.73 -15.50
N GLU B 277 -21.71 -34.85 -16.21
CA GLU B 277 -22.50 -35.98 -15.73
C GLU B 277 -21.81 -36.78 -14.64
N GLY B 278 -20.56 -36.44 -14.30
CA GLY B 278 -19.86 -37.12 -13.23
C GLY B 278 -18.99 -38.27 -13.64
N ARG B 279 -18.61 -38.36 -14.91
CA ARG B 279 -17.75 -39.42 -15.39
C ARG B 279 -16.28 -39.01 -15.33
N LEU B 280 -15.41 -39.99 -15.12
CA LEU B 280 -13.98 -39.77 -15.04
C LEU B 280 -13.30 -40.42 -16.25
N PHE B 281 -12.43 -39.66 -16.91
CA PHE B 281 -11.74 -40.12 -18.10
C PHE B 281 -10.23 -40.09 -17.88
N MET B 282 -9.52 -40.77 -18.77
CA MET B 282 -8.06 -40.81 -18.76
C MET B 282 -7.57 -40.48 -20.17
N LEU B 283 -7.05 -39.28 -20.36
CA LEU B 283 -6.51 -38.87 -21.66
C LEU B 283 -5.07 -39.33 -21.75
N LEU B 284 -4.83 -40.41 -22.49
CA LEU B 284 -3.50 -40.94 -22.68
C LEU B 284 -2.98 -40.49 -24.04
N LEU B 285 -1.92 -39.70 -24.04
CA LEU B 285 -1.26 -39.24 -25.26
C LEU B 285 -0.05 -40.13 -25.52
N GLU B 286 -0.14 -40.94 -26.56
CA GLU B 286 0.94 -41.86 -26.92
C GLU B 286 2.13 -41.09 -27.49
N LYS B 287 3.34 -41.52 -27.12
CA LYS B 287 4.56 -40.84 -27.48
C LYS B 287 5.43 -41.73 -28.37
N GLU B 288 6.45 -41.13 -28.95
CA GLU B 288 7.39 -41.83 -29.83
C GLU B 288 8.70 -41.07 -29.84
N GLU B 289 9.77 -41.70 -29.35
CA GLU B 289 11.08 -41.08 -29.31
C GLU B 289 11.83 -41.39 -30.59
N GLN B 290 12.79 -40.52 -30.94
CA GLN B 290 13.50 -40.60 -32.20
C GLN B 290 14.98 -40.90 -31.94
N MET B 291 15.75 -40.93 -33.03
CA MET B 291 17.16 -41.27 -32.92
C MET B 291 17.95 -40.17 -32.23
N ASP B 292 17.60 -38.92 -32.49
CA ASP B 292 18.21 -37.79 -31.78
C ASP B 292 17.59 -37.56 -30.41
N GLY B 293 16.61 -38.35 -30.01
CA GLY B 293 15.96 -38.24 -28.72
C GLY B 293 14.67 -37.43 -28.74
N THR B 294 14.32 -36.80 -29.86
CA THR B 294 13.11 -36.00 -29.94
C THR B 294 11.88 -36.88 -29.77
N VAL B 295 11.09 -36.59 -28.74
CA VAL B 295 9.86 -37.32 -28.46
C VAL B 295 8.70 -36.59 -29.15
N THR B 296 8.11 -37.24 -30.14
CA THR B 296 7.00 -36.69 -30.90
C THR B 296 5.71 -37.42 -30.56
N LEU B 297 4.63 -36.67 -30.40
CA LEU B 297 3.33 -37.25 -30.04
C LEU B 297 2.84 -38.14 -31.18
N LYS B 298 2.45 -39.37 -30.83
CA LYS B 298 2.01 -40.35 -31.82
C LYS B 298 0.50 -40.46 -31.90
N ASP B 299 -0.19 -40.58 -30.78
CA ASP B 299 -1.64 -40.73 -30.78
C ASP B 299 -2.22 -40.14 -29.51
N LEU B 300 -3.54 -39.95 -29.51
CA LEU B 300 -4.29 -39.45 -28.37
C LEU B 300 -5.39 -40.45 -28.03
N ARG B 301 -5.35 -40.99 -26.82
CA ARG B 301 -6.30 -42.00 -26.37
C ARG B 301 -7.17 -41.46 -25.24
N VAL B 302 -8.40 -41.94 -25.19
CA VAL B 302 -9.35 -41.59 -24.15
C VAL B 302 -9.96 -42.87 -23.60
N GLU B 303 -9.86 -43.08 -22.29
CA GLU B 303 -10.39 -44.27 -21.63
C GLU B 303 -11.28 -43.84 -20.47
N LEU B 304 -12.52 -44.30 -20.49
CA LEU B 304 -13.46 -44.00 -19.41
C LEU B 304 -13.12 -44.84 -18.19
N LEU B 305 -12.81 -44.18 -17.08
CA LEU B 305 -12.44 -44.89 -15.85
C LEU B 305 -13.64 -45.25 -14.99
N GLY B 306 -14.61 -44.34 -14.86
CA GLY B 306 -15.77 -44.60 -14.02
C GLY B 306 -16.63 -43.38 -13.78
N GLU B 307 -17.17 -43.27 -12.57
CA GLU B 307 -18.09 -42.19 -12.21
C GLU B 307 -17.66 -41.63 -10.86
N THR B 308 -17.35 -40.33 -10.82
CA THR B 308 -17.11 -39.66 -9.57
C THR B 308 -18.34 -38.84 -9.18
N SER B 309 -18.20 -38.02 -8.13
CA SER B 309 -19.27 -37.14 -7.66
C SER B 309 -19.14 -35.78 -8.33
N ILE B 310 -19.65 -35.71 -9.58
CA ILE B 310 -19.64 -34.54 -10.46
C ILE B 310 -18.55 -33.53 -10.11
N ALA B 311 -17.46 -33.53 -10.86
CA ALA B 311 -16.25 -32.85 -10.45
C ALA B 311 -16.25 -31.39 -10.88
N GLU B 312 -16.03 -30.50 -9.91
CA GLU B 312 -15.74 -29.10 -10.21
C GLU B 312 -14.26 -28.93 -10.51
N CYS B 313 -13.42 -29.36 -9.57
CA CYS B 313 -11.98 -29.43 -9.77
C CYS B 313 -11.53 -30.88 -9.65
N LEU B 314 -10.37 -31.17 -10.23
CA LEU B 314 -9.79 -32.51 -10.19
C LEU B 314 -8.30 -32.39 -9.94
N THR B 315 -7.76 -33.29 -9.13
CA THR B 315 -6.33 -33.31 -8.86
C THR B 315 -5.90 -34.72 -8.47
N TYR B 316 -4.80 -35.18 -9.05
CA TYR B 316 -4.22 -36.47 -8.70
C TYR B 316 -3.25 -36.31 -7.53
N LEU B 317 -3.41 -37.15 -6.52
CA LEU B 317 -2.52 -37.12 -5.37
C LEU B 317 -1.30 -38.02 -5.62
N ASP B 318 -1.39 -39.29 -5.22
CA ASP B 318 -0.31 -40.24 -5.44
C ASP B 318 -0.85 -41.64 -5.21
N ASN B 319 -0.31 -42.59 -5.97
CA ASN B 319 -0.66 -44.01 -5.86
C ASN B 319 -2.15 -44.22 -6.05
N GLY B 320 -2.66 -43.75 -7.19
CA GLY B 320 -4.05 -44.00 -7.55
C GLY B 320 -5.04 -43.04 -6.91
N VAL B 321 -4.73 -42.55 -5.72
CA VAL B 321 -5.68 -41.72 -4.98
C VAL B 321 -5.85 -40.38 -5.69
N VAL B 322 -7.11 -40.01 -5.94
CA VAL B 322 -7.45 -38.77 -6.62
C VAL B 322 -8.49 -38.04 -5.76
N PHE B 323 -8.30 -36.74 -5.58
CA PHE B 323 -9.26 -35.91 -4.86
C PHE B 323 -10.25 -35.31 -5.85
N VAL B 324 -11.54 -35.54 -5.62
CA VAL B 324 -12.59 -35.04 -6.49
C VAL B 324 -13.30 -33.91 -5.75
N GLY B 325 -12.93 -32.67 -6.06
CA GLY B 325 -13.61 -31.53 -5.49
C GLY B 325 -14.90 -31.24 -6.24
N SER B 326 -15.97 -31.00 -5.50
CA SER B 326 -17.30 -30.84 -6.09
C SER B 326 -18.02 -29.66 -5.46
N ARG B 327 -18.71 -28.89 -6.31
CA ARG B 327 -19.61 -27.84 -5.86
C ARG B 327 -21.04 -28.33 -5.72
N LEU B 328 -21.44 -29.28 -6.56
CA LEU B 328 -22.80 -29.80 -6.56
C LEU B 328 -23.02 -30.93 -5.56
N GLY B 329 -21.98 -31.73 -5.29
CA GLY B 329 -22.14 -32.85 -4.39
C GLY B 329 -20.98 -33.08 -3.46
N ASP B 330 -20.96 -34.24 -2.80
CA ASP B 330 -19.92 -34.54 -1.82
C ASP B 330 -18.56 -34.70 -2.50
N SER B 331 -17.56 -34.01 -1.98
CA SER B 331 -16.19 -34.26 -2.42
C SER B 331 -15.73 -35.61 -1.90
N GLN B 332 -14.82 -36.25 -2.64
CA GLN B 332 -14.45 -37.62 -2.32
C GLN B 332 -13.00 -37.88 -2.67
N LEU B 333 -12.50 -39.00 -2.17
CA LEU B 333 -11.21 -39.57 -2.55
C LEU B 333 -11.48 -40.90 -3.25
N VAL B 334 -10.90 -41.06 -4.44
CA VAL B 334 -11.19 -42.22 -5.27
C VAL B 334 -9.88 -42.90 -5.64
N LYS B 335 -9.87 -44.23 -5.57
CA LYS B 335 -8.72 -45.03 -5.96
C LYS B 335 -8.92 -45.52 -7.39
N LEU B 336 -7.87 -45.41 -8.20
CA LEU B 336 -7.92 -45.79 -9.61
C LEU B 336 -7.27 -47.16 -9.75
N ASN B 337 -8.10 -48.20 -9.66
CA ASN B 337 -7.61 -49.56 -9.79
C ASN B 337 -7.33 -49.91 -11.25
N VAL B 338 -6.38 -50.83 -11.45
CA VAL B 338 -6.00 -51.23 -12.80
C VAL B 338 -6.95 -52.26 -13.38
N ASP B 339 -7.68 -52.98 -12.54
CA ASP B 339 -8.62 -54.01 -12.99
C ASP B 339 -10.04 -53.51 -12.84
N SER B 340 -10.89 -53.84 -13.81
CA SER B 340 -12.29 -53.43 -13.74
C SER B 340 -13.02 -54.25 -12.69
N ASN B 341 -13.68 -53.55 -11.76
CA ASN B 341 -14.49 -54.22 -10.75
C ASN B 341 -15.82 -54.69 -11.34
N GLU B 342 -16.50 -53.80 -12.07
CA GLU B 342 -17.79 -54.10 -12.71
C GLU B 342 -18.81 -54.65 -11.72
N SER B 345 -16.06 -50.52 -13.25
CA SER B 345 -15.65 -49.20 -12.80
C SER B 345 -14.29 -49.25 -12.12
N TYR B 346 -13.27 -48.75 -12.81
CA TYR B 346 -11.93 -48.62 -12.24
C TYR B 346 -11.87 -47.62 -11.09
N VAL B 347 -12.96 -46.92 -10.81
CA VAL B 347 -13.00 -45.90 -9.76
C VAL B 347 -13.68 -46.48 -8.54
N VAL B 348 -12.95 -46.60 -7.45
CA VAL B 348 -13.48 -47.07 -6.17
C VAL B 348 -13.30 -45.97 -5.14
N ALA B 349 -14.38 -45.62 -4.46
CA ALA B 349 -14.35 -44.57 -3.45
C ALA B 349 -13.45 -44.96 -2.28
N MET B 350 -12.95 -43.93 -1.59
CA MET B 350 -12.07 -44.14 -0.43
C MET B 350 -12.62 -43.40 0.78
N GLU B 351 -12.87 -42.11 0.63
CA GLU B 351 -13.40 -41.29 1.72
C GLU B 351 -14.15 -40.13 1.09
N THR B 352 -15.36 -39.88 1.59
CA THR B 352 -16.22 -38.82 1.07
C THR B 352 -16.40 -37.73 2.13
N PHE B 353 -16.43 -36.48 1.66
CA PHE B 353 -16.58 -35.32 2.53
C PHE B 353 -17.91 -34.64 2.24
N THR B 354 -18.67 -34.37 3.29
CA THR B 354 -20.01 -33.81 3.14
C THR B 354 -19.96 -32.43 2.49
N ASN B 355 -20.97 -32.16 1.65
CA ASN B 355 -21.09 -30.86 0.97
C ASN B 355 -22.56 -30.45 1.03
N LEU B 356 -22.87 -29.49 1.90
CA LEU B 356 -24.23 -29.00 2.04
C LEU B 356 -24.70 -28.23 0.81
N GLY B 357 -23.77 -27.70 0.01
CA GLY B 357 -24.12 -26.85 -1.11
C GLY B 357 -24.47 -27.62 -2.35
N PRO B 358 -25.37 -27.05 -3.17
CA PRO B 358 -26.09 -25.80 -2.93
C PRO B 358 -27.33 -26.00 -2.09
N ILE B 359 -27.68 -25.05 -1.23
CA ILE B 359 -28.91 -25.12 -0.43
C ILE B 359 -29.95 -24.25 -1.12
N VAL B 360 -30.96 -24.90 -1.71
CA VAL B 360 -31.98 -24.19 -2.48
C VAL B 360 -33.26 -23.97 -1.68
N ASP B 361 -33.44 -24.65 -0.56
CA ASP B 361 -34.59 -24.47 0.33
C ASP B 361 -34.32 -25.25 1.61
N MET B 362 -34.87 -24.76 2.71
CA MET B 362 -34.67 -25.39 4.01
C MET B 362 -35.89 -25.10 4.89
N CYS B 363 -35.96 -25.81 6.01
CA CYS B 363 -37.02 -25.62 6.98
C CYS B 363 -36.52 -26.04 8.36
N VAL B 364 -36.99 -25.34 9.38
CA VAL B 364 -36.60 -25.59 10.76
C VAL B 364 -37.71 -26.37 11.44
N VAL B 365 -37.39 -27.55 11.97
CA VAL B 365 -38.34 -28.40 12.67
C VAL B 365 -37.69 -28.91 13.95
N ASP B 366 -38.35 -28.68 15.08
CA ASP B 366 -37.91 -29.23 16.37
C ASP B 366 -38.61 -30.56 16.58
N LEU B 367 -38.08 -31.59 15.91
CA LEU B 367 -38.69 -32.92 15.96
C LEU B 367 -38.73 -33.47 17.39
N GLU B 368 -37.70 -33.19 18.18
CA GLU B 368 -37.62 -33.72 19.53
C GLU B 368 -38.39 -32.88 20.55
N ARG B 369 -39.14 -31.88 20.10
CA ARG B 369 -40.01 -31.06 20.95
C ARG B 369 -39.24 -30.43 22.11
N GLN B 370 -37.93 -30.27 21.98
CA GLN B 370 -37.10 -29.72 23.04
C GLN B 370 -36.67 -28.28 22.74
N GLY B 371 -37.31 -27.64 21.77
CA GLY B 371 -36.96 -26.27 21.43
C GLY B 371 -35.60 -26.10 20.79
N GLN B 372 -34.90 -27.20 20.48
CA GLN B 372 -33.59 -27.09 19.83
C GLN B 372 -33.74 -26.87 18.33
N GLY B 373 -34.32 -27.85 17.63
CA GLY B 373 -34.58 -27.68 16.22
C GLY B 373 -33.61 -28.36 15.29
N GLN B 374 -34.11 -29.17 14.36
CA GLN B 374 -33.29 -29.78 13.33
C GLN B 374 -33.53 -29.04 12.02
N LEU B 375 -32.45 -28.77 11.29
CA LEU B 375 -32.50 -28.05 10.03
C LEU B 375 -32.45 -29.05 8.88
N VAL B 376 -33.54 -29.12 8.12
CA VAL B 376 -33.62 -29.99 6.95
C VAL B 376 -33.52 -29.12 5.70
N THR B 377 -32.52 -29.37 4.87
CA THR B 377 -32.22 -28.53 3.73
C THR B 377 -32.26 -29.34 2.44
N CYS B 378 -32.75 -28.71 1.37
CA CYS B 378 -32.65 -29.28 0.03
C CYS B 378 -31.25 -28.99 -0.50
N SER B 379 -30.43 -30.03 -0.62
CA SER B 379 -29.04 -29.87 -0.99
C SER B 379 -28.74 -30.63 -2.28
N GLY B 380 -27.67 -30.23 -2.93
CA GLY B 380 -27.22 -30.91 -4.13
C GLY B 380 -28.10 -30.60 -5.33
N ALA B 381 -27.79 -31.29 -6.42
CA ALA B 381 -28.51 -31.15 -7.67
C ALA B 381 -28.20 -32.35 -8.55
N PHE B 382 -29.16 -32.72 -9.39
CA PHE B 382 -29.04 -33.87 -10.31
C PHE B 382 -28.81 -35.11 -9.46
N LYS B 383 -27.91 -36.02 -9.86
CA LYS B 383 -27.68 -37.24 -9.09
C LYS B 383 -27.14 -36.94 -7.70
N GLU B 384 -26.58 -35.75 -7.49
CA GLU B 384 -26.10 -35.34 -6.17
C GLU B 384 -27.19 -34.78 -5.28
N GLY B 385 -28.45 -34.80 -5.73
CA GLY B 385 -29.53 -34.30 -4.89
C GLY B 385 -29.63 -35.09 -3.59
N SER B 386 -29.87 -34.38 -2.50
CA SER B 386 -29.86 -34.99 -1.18
C SER B 386 -30.70 -34.15 -0.23
N LEU B 387 -30.99 -34.75 0.93
CA LEU B 387 -31.63 -34.06 2.04
C LEU B 387 -30.67 -34.09 3.22
N ARG B 388 -30.32 -32.92 3.73
CA ARG B 388 -29.37 -32.80 4.83
C ARG B 388 -30.09 -32.34 6.08
N ILE B 389 -29.84 -33.04 7.19
CA ILE B 389 -30.41 -32.70 8.50
C ILE B 389 -29.25 -32.26 9.39
N ILE B 390 -29.30 -31.00 9.82
CA ILE B 390 -28.23 -30.41 10.62
C ILE B 390 -28.78 -30.12 12.00
N ARG B 391 -28.16 -30.73 13.02
CA ARG B 391 -28.55 -30.55 14.41
C ARG B 391 -27.30 -30.38 15.26
N ASN B 392 -27.38 -29.55 16.29
CA ASN B 392 -26.25 -29.36 17.20
C ASN B 392 -26.06 -30.57 18.10
N GLN B 404 -20.69 -28.61 21.97
CA GLN B 404 -21.70 -28.77 20.92
C GLN B 404 -21.05 -28.69 19.54
N LYS B 405 -21.36 -29.69 18.70
CA LYS B 405 -20.84 -29.76 17.34
C LYS B 405 -22.01 -29.96 16.39
N LEU B 406 -21.71 -29.95 15.09
CA LEU B 406 -22.72 -30.07 14.05
C LEU B 406 -22.85 -31.53 13.61
N HIS B 407 -24.03 -32.12 13.83
CA HIS B 407 -24.34 -33.45 13.36
C HIS B 407 -25.15 -33.32 12.07
N ILE B 408 -24.75 -34.06 11.04
CA ILE B 408 -25.31 -33.91 9.70
C ILE B 408 -25.77 -35.26 9.18
N ARG B 409 -27.08 -35.42 8.99
CA ARG B 409 -27.66 -36.60 8.36
C ARG B 409 -27.78 -36.37 6.85
N THR B 410 -27.25 -37.31 6.07
CA THR B 410 -27.23 -37.21 4.61
C THR B 410 -28.18 -38.23 4.02
N VAL B 411 -29.32 -37.77 3.50
CA VAL B 411 -30.29 -38.62 2.83
C VAL B 411 -30.18 -38.45 1.32
N PRO B 412 -29.54 -39.37 0.60
CA PRO B 412 -29.39 -39.19 -0.85
C PRO B 412 -30.70 -39.43 -1.58
N LEU B 413 -31.01 -38.53 -2.51
CA LEU B 413 -32.23 -38.64 -3.32
C LEU B 413 -31.98 -38.96 -4.78
N TYR B 414 -30.75 -38.78 -5.27
CA TYR B 414 -30.36 -39.08 -6.65
C TYR B 414 -31.19 -38.29 -7.67
N GLU B 415 -31.77 -37.17 -7.23
CA GLU B 415 -32.49 -36.26 -8.12
C GLU B 415 -32.57 -34.91 -7.43
N SER B 416 -32.84 -33.88 -8.22
CA SER B 416 -32.76 -32.50 -7.72
C SER B 416 -33.92 -32.16 -6.81
N PRO B 417 -33.69 -31.90 -5.52
CA PRO B 417 -34.75 -31.36 -4.67
C PRO B 417 -34.83 -29.84 -4.77
N ARG B 418 -36.06 -29.34 -4.86
CA ARG B 418 -36.29 -27.92 -5.12
C ARG B 418 -36.86 -27.18 -3.93
N LYS B 419 -37.96 -27.67 -3.35
CA LYS B 419 -38.61 -27.02 -2.23
C LYS B 419 -38.99 -28.06 -1.19
N ILE B 420 -39.08 -27.63 0.07
CA ILE B 420 -39.38 -28.53 1.17
C ILE B 420 -40.24 -27.80 2.19
N CYS B 421 -41.15 -28.55 2.81
CA CYS B 421 -41.95 -28.07 3.94
C CYS B 421 -42.25 -29.25 4.83
N TYR B 422 -42.77 -28.97 6.02
CA TYR B 422 -42.99 -30.00 7.03
C TYR B 422 -44.44 -30.00 7.51
N GLN B 423 -44.97 -31.19 7.76
CA GLN B 423 -46.32 -31.38 8.28
C GLN B 423 -46.23 -32.23 9.54
N GLU B 424 -46.57 -31.66 10.69
CA GLU B 424 -46.47 -32.39 11.94
C GLU B 424 -47.55 -33.45 12.06
N VAL B 425 -48.78 -33.13 11.65
CA VAL B 425 -49.89 -34.07 11.76
C VAL B 425 -49.62 -35.34 10.95
N SER B 426 -48.90 -35.21 9.84
CA SER B 426 -48.58 -36.36 9.01
C SER B 426 -47.24 -36.99 9.34
N GLN B 427 -46.46 -36.36 10.22
CA GLN B 427 -45.17 -36.86 10.67
C GLN B 427 -44.26 -37.20 9.48
N CYS B 428 -44.22 -36.28 8.51
CA CYS B 428 -43.45 -36.48 7.30
C CYS B 428 -43.28 -35.15 6.59
N PHE B 429 -42.28 -35.10 5.71
CA PHE B 429 -41.98 -33.91 4.93
C PHE B 429 -42.56 -34.01 3.52
N GLY B 430 -42.90 -32.86 2.96
CA GLY B 430 -43.24 -32.75 1.56
C GLY B 430 -42.14 -32.04 0.81
N VAL B 431 -41.61 -32.68 -0.24
CA VAL B 431 -40.45 -32.15 -0.97
C VAL B 431 -40.80 -32.10 -2.45
N LEU B 432 -40.77 -30.90 -3.03
CA LEU B 432 -40.86 -30.76 -4.48
C LEU B 432 -39.51 -31.06 -5.10
N SER B 433 -39.50 -31.95 -6.08
CA SER B 433 -38.26 -32.41 -6.69
C SER B 433 -38.46 -32.61 -8.19
N SER B 434 -37.36 -32.92 -8.88
CA SER B 434 -37.36 -33.04 -10.32
C SER B 434 -36.38 -34.13 -10.74
N ARG B 435 -36.80 -34.98 -11.67
CA ARG B 435 -35.96 -36.03 -12.23
C ARG B 435 -35.84 -35.82 -13.74
N ILE B 436 -34.65 -36.10 -14.27
CA ILE B 436 -34.35 -35.87 -15.68
C ILE B 436 -34.46 -37.20 -16.42
N GLU B 437 -35.45 -37.30 -17.31
CA GLU B 437 -35.61 -38.45 -18.18
C GLU B 437 -35.25 -38.07 -19.61
N VAL B 438 -34.96 -39.08 -20.42
CA VAL B 438 -34.52 -38.88 -21.80
C VAL B 438 -35.55 -39.47 -22.74
N GLN B 439 -35.86 -38.76 -23.82
CA GLN B 439 -36.82 -39.21 -24.82
C GLN B 439 -36.25 -40.38 -25.61
N ASP B 440 -36.70 -41.59 -25.28
CA ASP B 440 -36.28 -42.78 -25.99
C ASP B 440 -36.90 -42.79 -27.40
N THR B 441 -36.41 -43.70 -28.24
CA THR B 441 -36.87 -43.74 -29.63
C THR B 441 -38.30 -44.28 -29.76
N SER B 442 -38.74 -45.16 -28.85
CA SER B 442 -40.09 -45.69 -28.95
C SER B 442 -41.14 -44.58 -28.87
N GLY B 443 -40.97 -43.63 -27.95
CA GLY B 443 -41.90 -42.52 -27.88
C GLY B 443 -42.10 -41.93 -26.49
N GLY B 444 -41.58 -42.58 -25.46
CA GLY B 444 -41.79 -42.09 -24.11
C GLY B 444 -40.58 -41.41 -23.50
N THR B 445 -40.44 -41.49 -22.18
CA THR B 445 -39.31 -40.92 -21.46
C THR B 445 -38.72 -41.99 -20.55
N THR B 446 -37.55 -42.52 -20.92
CA THR B 446 -36.86 -43.47 -20.07
C THR B 446 -36.04 -42.72 -19.02
N ALA B 447 -35.91 -43.34 -17.86
CA ALA B 447 -35.18 -42.71 -16.78
C ALA B 447 -33.67 -42.86 -16.98
N LEU B 448 -32.92 -41.92 -16.39
CA LEU B 448 -31.46 -41.97 -16.43
C LEU B 448 -30.90 -42.86 -15.33
N ARG B 449 -31.45 -42.77 -14.13
CA ARG B 449 -31.01 -43.58 -12.99
C ARG B 449 -32.13 -43.63 -11.98
N PRO B 450 -32.27 -44.74 -11.24
CA PRO B 450 -33.33 -44.83 -10.24
C PRO B 450 -33.15 -43.83 -9.10
N SER B 451 -34.04 -42.85 -9.02
CA SER B 451 -33.99 -41.80 -8.01
C SER B 451 -35.15 -41.94 -7.03
N ALA B 452 -35.31 -40.94 -6.17
CA ALA B 452 -36.31 -41.01 -5.11
C ALA B 452 -37.73 -41.09 -5.68
N SER B 453 -38.00 -40.34 -6.76
CA SER B 453 -39.33 -40.34 -7.35
C SER B 453 -39.67 -41.65 -8.05
N THR B 454 -38.71 -42.57 -8.16
CA THR B 454 -38.93 -43.86 -8.80
C THR B 454 -39.00 -45.02 -7.82
N GLN B 455 -38.48 -44.86 -6.61
CA GLN B 455 -38.46 -45.92 -5.61
C GLN B 455 -39.39 -45.60 -4.44
N ALA B 456 -40.49 -44.92 -4.70
CA ALA B 456 -41.46 -44.65 -3.65
C ALA B 456 -42.27 -45.90 -3.33
N LEU B 457 -42.82 -45.92 -2.12
CA LEU B 457 -43.66 -47.05 -1.71
C LEU B 457 -44.97 -47.09 -2.49
N SER B 458 -45.46 -45.94 -2.95
CA SER B 458 -46.70 -45.87 -3.70
C SER B 458 -46.64 -44.67 -4.62
N SER B 459 -46.75 -44.90 -5.92
CA SER B 459 -46.69 -43.82 -6.90
C SER B 459 -48.07 -43.48 -7.43
N SER B 460 -48.21 -42.26 -7.91
CA SER B 460 -49.45 -41.78 -8.50
C SER B 460 -49.14 -40.66 -9.49
N VAL B 461 -50.06 -40.46 -10.43
CA VAL B 461 -49.94 -39.40 -11.41
C VAL B 461 -51.16 -38.49 -11.31
N SER B 462 -51.03 -37.30 -11.87
CA SER B 462 -52.13 -36.35 -11.88
C SER B 462 -52.98 -36.61 -13.12
N SER B 463 -54.30 -36.55 -12.95
CA SER B 463 -55.25 -36.78 -14.02
C SER B 463 -56.30 -35.67 -14.08
N SER B 464 -55.86 -34.43 -13.81
CA SER B 464 -56.77 -33.31 -13.84
C SER B 464 -57.37 -33.13 -15.23
N LYS B 465 -56.54 -33.23 -16.27
CA LYS B 465 -56.98 -33.08 -17.66
C LYS B 465 -57.61 -31.70 -17.90
N LEU B 466 -57.20 -30.71 -17.11
CA LEU B 466 -57.74 -29.35 -17.24
C LEU B 466 -57.34 -28.67 -18.54
N PHE B 467 -56.45 -29.27 -19.33
CA PHE B 467 -56.03 -28.66 -20.59
C PHE B 467 -56.22 -29.66 -21.74
N PHE B 478 -37.96 -35.25 -29.05
CA PHE B 478 -37.53 -36.29 -29.99
C PHE B 478 -36.21 -36.92 -29.56
N GLY B 479 -35.53 -36.29 -28.61
CA GLY B 479 -34.28 -36.80 -28.09
C GLY B 479 -33.72 -35.97 -26.96
N GLU B 480 -34.17 -34.71 -26.90
CA GLU B 480 -33.73 -33.80 -25.85
C GLU B 480 -34.25 -34.23 -24.49
N GLU B 481 -33.50 -33.86 -23.45
CA GLU B 481 -33.89 -34.18 -22.08
C GLU B 481 -35.05 -33.28 -21.63
N VAL B 482 -35.87 -33.81 -20.73
CA VAL B 482 -37.04 -33.11 -20.23
C VAL B 482 -37.14 -33.34 -18.72
N GLU B 483 -37.58 -32.30 -18.00
CA GLU B 483 -37.72 -32.39 -16.56
C GLU B 483 -39.04 -33.08 -16.19
N VAL B 484 -38.99 -33.91 -15.16
CA VAL B 484 -40.16 -34.61 -14.64
C VAL B 484 -40.29 -34.27 -13.16
N HIS B 485 -41.29 -33.45 -12.83
CA HIS B 485 -41.47 -32.97 -11.47
C HIS B 485 -42.38 -33.90 -10.68
N ASN B 486 -42.01 -34.17 -9.44
CA ASN B 486 -42.78 -35.03 -8.55
C ASN B 486 -42.87 -34.39 -7.17
N LEU B 487 -43.99 -34.61 -6.51
CA LEU B 487 -44.16 -34.24 -5.10
C LEU B 487 -43.84 -35.46 -4.26
N LEU B 488 -42.91 -35.32 -3.34
CA LEU B 488 -42.43 -36.44 -2.53
C LEU B 488 -42.96 -36.36 -1.11
N ILE B 489 -43.38 -37.51 -0.59
CA ILE B 489 -43.79 -37.64 0.80
C ILE B 489 -42.69 -38.42 1.51
N ILE B 490 -41.96 -37.74 2.39
CA ILE B 490 -40.76 -38.30 3.02
C ILE B 490 -40.99 -38.38 4.52
N ASP B 491 -40.89 -39.59 5.07
CA ASP B 491 -41.15 -39.81 6.48
C ASP B 491 -40.12 -39.06 7.34
N GLN B 492 -40.58 -38.54 8.46
CA GLN B 492 -39.73 -37.72 9.31
C GLN B 492 -38.75 -38.53 10.17
N HIS B 493 -38.84 -39.86 10.16
CA HIS B 493 -37.93 -40.69 10.93
C HIS B 493 -37.01 -41.53 10.05
N THR B 494 -37.58 -42.32 9.14
CA THR B 494 -36.79 -43.14 8.22
C THR B 494 -36.39 -42.40 6.97
N PHE B 495 -37.03 -41.26 6.67
CA PHE B 495 -36.82 -40.53 5.42
C PHE B 495 -37.05 -41.44 4.22
N GLU B 496 -38.19 -42.12 4.23
CA GLU B 496 -38.60 -43.04 3.19
C GLU B 496 -39.56 -42.34 2.23
N VAL B 497 -39.35 -42.52 0.93
CA VAL B 497 -40.28 -42.01 -0.06
C VAL B 497 -41.57 -42.81 0.04
N LEU B 498 -42.51 -42.32 0.85
CA LEU B 498 -43.78 -43.04 1.00
C LEU B 498 -44.63 -42.89 -0.26
N HIS B 499 -44.75 -41.67 -0.76
CA HIS B 499 -45.51 -41.40 -1.98
C HIS B 499 -44.66 -40.55 -2.92
N ALA B 500 -44.98 -40.65 -4.22
CA ALA B 500 -44.34 -39.84 -5.25
C ALA B 500 -45.42 -39.50 -6.27
N HIS B 501 -46.08 -38.37 -6.07
CA HIS B 501 -47.11 -37.90 -6.98
C HIS B 501 -46.45 -37.11 -8.11
N GLN B 502 -46.66 -37.57 -9.34
CA GLN B 502 -46.06 -36.93 -10.51
C GLN B 502 -47.04 -35.91 -11.08
N PHE B 503 -46.54 -34.71 -11.35
CA PHE B 503 -47.39 -33.65 -11.88
C PHE B 503 -47.53 -33.80 -13.39
N LEU B 504 -48.41 -32.99 -13.96
CA LEU B 504 -48.75 -33.10 -15.38
C LEU B 504 -47.53 -32.83 -16.25
N GLN B 505 -47.64 -33.24 -17.52
CA GLN B 505 -46.59 -32.97 -18.49
C GLN B 505 -46.44 -31.48 -18.73
N ASN B 506 -45.18 -31.03 -18.80
CA ASN B 506 -44.83 -29.62 -18.98
C ASN B 506 -45.28 -28.75 -17.81
N GLU B 507 -45.55 -29.36 -16.66
CA GLU B 507 -45.95 -28.63 -15.45
C GLU B 507 -44.76 -28.49 -14.53
N TYR B 508 -44.49 -27.26 -14.11
CA TYR B 508 -43.34 -26.94 -13.25
C TYR B 508 -43.86 -26.53 -11.89
N ALA B 509 -43.65 -27.38 -10.88
CA ALA B 509 -44.08 -27.08 -9.52
C ALA B 509 -43.14 -26.04 -8.92
N LEU B 510 -43.71 -24.91 -8.48
CA LEU B 510 -42.91 -23.80 -7.99
C LEU B 510 -43.10 -23.50 -6.50
N SER B 511 -44.28 -23.79 -5.95
CA SER B 511 -44.58 -23.43 -4.56
C SER B 511 -45.11 -24.65 -3.81
N LEU B 512 -44.83 -24.68 -2.52
CA LEU B 512 -45.24 -25.78 -1.66
C LEU B 512 -45.40 -25.25 -0.24
N VAL B 513 -46.61 -25.44 0.33
CA VAL B 513 -46.90 -25.01 1.69
C VAL B 513 -47.77 -26.07 2.36
N SER B 514 -47.71 -26.10 3.69
CA SER B 514 -48.48 -27.04 4.49
C SER B 514 -49.15 -26.26 5.62
N CYS B 515 -50.48 -26.25 5.63
CA CYS B 515 -51.23 -25.45 6.59
C CYS B 515 -52.69 -25.90 6.57
N LYS B 516 -53.44 -25.43 7.57
CA LYS B 516 -54.87 -25.62 7.65
C LYS B 516 -55.57 -24.29 7.36
N LEU B 517 -56.57 -24.33 6.48
CA LEU B 517 -57.23 -23.12 5.99
C LEU B 517 -58.65 -23.03 6.52
N GLY B 518 -59.14 -21.80 6.64
CA GLY B 518 -60.51 -21.54 7.06
C GLY B 518 -60.85 -22.19 8.37
N LYS B 519 -62.09 -22.66 8.47
CA LYS B 519 -62.55 -23.38 9.65
C LYS B 519 -62.25 -24.86 9.59
N ASP B 520 -61.83 -25.37 8.43
CA ASP B 520 -61.51 -26.78 8.28
C ASP B 520 -60.39 -27.17 9.25
N PRO B 521 -60.47 -28.33 9.89
CA PRO B 521 -59.42 -28.73 10.84
C PRO B 521 -58.26 -29.46 10.20
N ASN B 522 -58.49 -30.09 9.05
CA ASN B 522 -57.46 -30.88 8.40
C ASN B 522 -56.30 -30.00 7.92
N THR B 523 -55.11 -30.58 7.88
CA THR B 523 -53.92 -29.92 7.36
C THR B 523 -53.61 -30.48 5.99
N TYR B 524 -53.39 -29.59 5.02
CA TYR B 524 -53.29 -29.97 3.62
C TYR B 524 -51.89 -29.71 3.09
N PHE B 525 -51.58 -30.36 1.98
CA PHE B 525 -50.35 -30.13 1.22
C PHE B 525 -50.74 -29.37 -0.04
N ILE B 526 -50.39 -28.10 -0.10
CA ILE B 526 -50.76 -27.21 -1.19
C ILE B 526 -49.54 -26.98 -2.07
N VAL B 527 -49.71 -27.14 -3.38
CA VAL B 527 -48.64 -27.00 -4.35
C VAL B 527 -49.07 -26.00 -5.40
N GLY B 528 -48.18 -25.06 -5.73
CA GLY B 528 -48.40 -24.11 -6.81
C GLY B 528 -47.47 -24.45 -7.97
N THR B 529 -48.07 -24.59 -9.16
CA THR B 529 -47.37 -25.02 -10.35
C THR B 529 -47.56 -24.01 -11.46
N ALA B 530 -46.84 -24.23 -12.57
CA ALA B 530 -46.95 -23.40 -13.76
C ALA B 530 -46.80 -24.27 -14.99
N MET B 531 -47.62 -24.00 -16.01
CA MET B 531 -47.54 -24.72 -17.27
C MET B 531 -46.59 -23.96 -18.19
N VAL B 532 -45.39 -24.51 -18.37
CA VAL B 532 -44.33 -23.87 -19.14
C VAL B 532 -44.08 -24.67 -20.41
N TYR B 533 -44.33 -24.05 -21.56
CA TYR B 533 -44.01 -24.63 -22.84
C TYR B 533 -42.86 -23.86 -23.48
N PRO B 534 -41.92 -24.55 -24.13
CA PRO B 534 -40.72 -23.86 -24.63
C PRO B 534 -41.02 -22.74 -25.61
N GLU B 535 -42.14 -22.80 -26.32
CA GLU B 535 -42.48 -21.75 -27.27
C GLU B 535 -43.03 -20.51 -26.58
N GLU B 536 -43.82 -20.69 -25.52
CA GLU B 536 -44.41 -19.58 -24.78
C GLU B 536 -43.41 -19.09 -23.73
N ALA B 537 -42.98 -17.84 -23.85
CA ALA B 537 -42.00 -17.29 -22.93
C ALA B 537 -42.59 -17.08 -21.54
N GLU B 538 -43.76 -16.44 -21.48
CA GLU B 538 -44.39 -16.18 -20.18
C GLU B 538 -45.54 -17.13 -19.95
N PRO B 539 -45.58 -17.84 -18.82
CA PRO B 539 -46.66 -18.81 -18.58
C PRO B 539 -47.98 -18.09 -18.29
N LYS B 540 -49.02 -18.50 -19.01
CA LYS B 540 -50.34 -17.90 -18.90
C LYS B 540 -51.36 -18.82 -18.22
N GLN B 541 -50.91 -19.96 -17.69
CA GLN B 541 -51.81 -20.92 -17.08
C GLN B 541 -51.06 -21.72 -16.03
N GLY B 542 -51.72 -21.96 -14.90
CA GLY B 542 -51.13 -22.70 -13.80
C GLY B 542 -52.19 -23.40 -12.98
N ARG B 543 -51.73 -24.03 -11.89
CA ARG B 543 -52.60 -24.81 -11.02
C ARG B 543 -52.20 -24.65 -9.57
N ILE B 544 -53.19 -24.61 -8.69
CA ILE B 544 -52.99 -24.66 -7.24
C ILE B 544 -53.65 -25.95 -6.75
N VAL B 545 -52.87 -27.00 -6.57
CA VAL B 545 -53.39 -28.32 -6.23
C VAL B 545 -53.31 -28.51 -4.73
N VAL B 546 -54.42 -28.90 -4.12
CA VAL B 546 -54.50 -29.16 -2.68
C VAL B 546 -54.52 -30.66 -2.45
N PHE B 547 -53.60 -31.15 -1.63
CA PHE B 547 -53.44 -32.56 -1.33
C PHE B 547 -53.73 -32.81 0.15
N GLN B 548 -54.02 -34.07 0.47
CA GLN B 548 -54.11 -34.50 1.86
C GLN B 548 -53.33 -35.80 2.00
N TYR B 549 -52.36 -35.81 2.90
CA TYR B 549 -51.61 -37.02 3.24
C TYR B 549 -51.58 -37.20 4.76
N SER B 550 -52.13 -38.31 5.22
CA SER B 550 -52.19 -38.66 6.64
C SER B 550 -52.56 -40.13 6.71
N ASP B 551 -53.77 -40.43 6.25
CA ASP B 551 -54.33 -41.77 6.18
C ASP B 551 -53.53 -42.73 5.30
N GLY B 552 -52.22 -42.52 5.17
CA GLY B 552 -51.38 -43.44 4.42
C GLY B 552 -51.56 -43.41 2.91
N LYS B 553 -52.46 -42.59 2.39
CA LYS B 553 -52.70 -42.50 0.95
C LYS B 553 -52.82 -41.04 0.57
N LEU B 554 -52.31 -40.69 -0.62
CA LEU B 554 -52.31 -39.32 -1.10
C LEU B 554 -53.39 -39.16 -2.16
N GLN B 555 -54.47 -38.48 -1.81
CA GLN B 555 -55.56 -38.16 -2.73
C GLN B 555 -55.70 -36.65 -2.81
N THR B 556 -56.24 -36.19 -3.95
CA THR B 556 -56.37 -34.77 -4.21
C THR B 556 -57.68 -34.24 -3.66
N VAL B 557 -57.61 -33.17 -2.88
CA VAL B 557 -58.82 -32.54 -2.34
C VAL B 557 -59.04 -31.21 -3.06
N ALA B 558 -59.51 -31.29 -4.30
CA ALA B 558 -59.87 -30.15 -5.13
C ALA B 558 -58.67 -29.30 -5.54
N GLU B 559 -58.74 -28.68 -6.71
CA GLU B 559 -57.68 -27.81 -7.21
C GLU B 559 -58.30 -26.55 -7.78
N LYS B 560 -57.51 -25.48 -7.80
CA LYS B 560 -57.95 -24.18 -8.31
C LYS B 560 -57.03 -23.79 -9.46
N GLU B 561 -57.60 -23.72 -10.65
CA GLU B 561 -56.85 -23.38 -11.86
C GLU B 561 -56.72 -21.87 -11.99
N VAL B 562 -55.49 -21.38 -12.08
CA VAL B 562 -55.21 -19.95 -12.19
C VAL B 562 -54.64 -19.66 -13.58
N LYS B 563 -54.60 -18.38 -13.92
CA LYS B 563 -54.17 -17.92 -15.24
C LYS B 563 -52.74 -17.41 -15.23
N GLY B 564 -51.82 -18.17 -14.63
CA GLY B 564 -50.44 -17.77 -14.61
C GLY B 564 -49.62 -18.66 -13.70
N ALA B 565 -48.37 -18.25 -13.49
CA ALA B 565 -47.44 -19.02 -12.68
C ALA B 565 -47.62 -18.72 -11.20
N VAL B 566 -47.76 -19.77 -10.40
CA VAL B 566 -47.92 -19.64 -8.95
C VAL B 566 -46.50 -19.63 -8.38
N TYR B 567 -45.93 -18.43 -8.25
CA TYR B 567 -44.54 -18.31 -7.81
C TYR B 567 -44.40 -18.59 -6.33
N SER B 568 -45.30 -18.08 -5.50
CA SER B 568 -45.15 -18.23 -4.06
C SER B 568 -46.52 -18.32 -3.39
N MET B 569 -46.59 -19.13 -2.32
CA MET B 569 -47.79 -19.27 -1.52
C MET B 569 -47.42 -19.23 -0.05
N VAL B 570 -48.31 -18.66 0.77
CA VAL B 570 -48.13 -18.59 2.21
C VAL B 570 -49.49 -18.66 2.89
N GLU B 571 -49.50 -19.08 4.15
CA GLU B 571 -50.72 -19.10 4.95
C GLU B 571 -50.91 -17.73 5.57
N PHE B 572 -51.97 -17.03 5.17
CA PHE B 572 -52.25 -15.66 5.60
C PHE B 572 -53.51 -15.65 6.46
N ASN B 573 -53.33 -15.82 7.77
CA ASN B 573 -54.40 -15.71 8.76
C ASN B 573 -55.60 -16.58 8.38
N GLY B 574 -55.36 -17.89 8.38
CA GLY B 574 -56.39 -18.85 8.04
C GLY B 574 -56.72 -18.96 6.57
N LYS B 575 -56.27 -18.01 5.74
CA LYS B 575 -56.49 -18.02 4.30
C LYS B 575 -55.18 -18.34 3.59
N LEU B 576 -55.26 -18.40 2.26
CA LEU B 576 -54.11 -18.74 1.42
C LEU B 576 -53.76 -17.54 0.55
N LEU B 577 -52.54 -17.04 0.71
CA LEU B 577 -52.01 -15.94 -0.10
C LEU B 577 -51.12 -16.52 -1.19
N ALA B 578 -51.53 -16.34 -2.45
CA ALA B 578 -50.78 -16.85 -3.58
C ALA B 578 -50.30 -15.70 -4.46
N SER B 579 -49.33 -16.01 -5.32
CA SER B 579 -48.74 -15.03 -6.23
C SER B 579 -48.84 -15.59 -7.64
N ILE B 580 -49.70 -15.01 -8.47
CA ILE B 580 -49.87 -15.41 -9.86
C ILE B 580 -49.26 -14.31 -10.71
N ASN B 581 -48.05 -14.56 -11.22
CA ASN B 581 -47.31 -13.59 -12.03
C ASN B 581 -47.19 -12.25 -11.33
N SER B 582 -47.99 -11.27 -11.75
CA SER B 582 -47.97 -9.93 -11.18
C SER B 582 -49.20 -9.65 -10.32
N THR B 583 -49.75 -10.68 -9.68
CA THR B 583 -50.96 -10.55 -8.88
C THR B 583 -50.80 -11.32 -7.58
N VAL B 584 -51.09 -10.67 -6.47
CA VAL B 584 -51.08 -11.30 -5.15
C VAL B 584 -52.53 -11.54 -4.77
N ARG B 585 -52.97 -12.80 -4.88
CA ARG B 585 -54.36 -13.16 -4.65
C ARG B 585 -54.56 -13.78 -3.27
N LEU B 586 -55.72 -13.50 -2.68
CA LEU B 586 -56.11 -14.06 -1.40
C LEU B 586 -57.27 -15.03 -1.61
N TYR B 587 -57.05 -16.30 -1.30
CA TYR B 587 -58.04 -17.34 -1.49
C TYR B 587 -58.68 -17.72 -0.15
N GLU B 588 -59.96 -18.05 -0.21
CA GLU B 588 -60.71 -18.50 0.96
C GLU B 588 -60.98 -19.99 0.86
N TRP B 589 -61.25 -20.60 2.02
CA TRP B 589 -61.50 -22.04 2.10
C TRP B 589 -62.97 -22.22 2.49
N THR B 590 -63.80 -22.52 1.49
CA THR B 590 -65.24 -22.62 1.70
C THR B 590 -65.59 -23.92 2.40
N THR B 591 -66.89 -24.09 2.69
CA THR B 591 -67.36 -25.31 3.32
C THR B 591 -67.28 -26.50 2.37
N GLU B 592 -67.33 -26.26 1.06
CA GLU B 592 -67.24 -27.31 0.06
C GLU B 592 -65.81 -27.66 -0.31
N LYS B 593 -64.83 -27.23 0.49
CA LYS B 593 -63.42 -27.56 0.29
C LYS B 593 -62.93 -27.13 -1.09
N GLU B 594 -63.11 -25.84 -1.37
CA GLU B 594 -62.64 -25.25 -2.62
C GLU B 594 -62.10 -23.85 -2.34
N LEU B 595 -61.21 -23.39 -3.21
CA LEU B 595 -60.63 -22.06 -3.09
C LEU B 595 -61.51 -21.03 -3.77
N ARG B 596 -61.84 -19.96 -3.05
CA ARG B 596 -62.72 -18.90 -3.51
C ARG B 596 -61.96 -17.59 -3.53
N THR B 597 -61.94 -16.93 -4.69
CA THR B 597 -61.24 -15.66 -4.85
C THR B 597 -61.88 -14.56 -3.99
N GLU B 598 -61.24 -14.23 -2.87
CA GLU B 598 -61.76 -13.17 -2.00
C GLU B 598 -61.41 -11.79 -2.57
N CYS B 599 -60.12 -11.45 -2.57
CA CYS B 599 -59.67 -10.14 -3.05
C CYS B 599 -58.38 -10.32 -3.83
N ASN B 600 -58.06 -9.30 -4.63
CA ASN B 600 -56.87 -9.31 -5.46
C ASN B 600 -56.11 -7.99 -5.32
N HIS B 601 -54.82 -8.05 -5.63
CA HIS B 601 -53.99 -6.86 -5.75
C HIS B 601 -53.04 -7.05 -6.92
N TYR B 602 -53.16 -6.21 -7.93
CA TYR B 602 -52.32 -6.29 -9.12
C TYR B 602 -51.16 -5.33 -8.99
N ASN B 603 -49.96 -5.81 -9.31
CA ASN B 603 -48.75 -5.00 -9.20
C ASN B 603 -48.09 -4.86 -10.57
N ASN B 604 -47.25 -3.83 -10.69
CA ASN B 604 -46.43 -3.65 -11.87
C ASN B 604 -45.23 -4.58 -11.91
N ILE B 605 -44.92 -5.24 -10.79
CA ILE B 605 -43.80 -6.16 -10.71
C ILE B 605 -44.33 -7.58 -10.65
N MET B 606 -43.46 -8.53 -10.92
CA MET B 606 -43.81 -9.94 -10.88
C MET B 606 -43.64 -10.44 -9.45
N ALA B 607 -44.75 -10.87 -8.84
CA ALA B 607 -44.73 -11.29 -7.43
C ALA B 607 -43.98 -12.59 -7.24
N LEU B 608 -42.65 -12.49 -7.10
CA LEU B 608 -41.79 -13.66 -6.92
C LEU B 608 -41.63 -14.04 -5.45
N TYR B 609 -41.25 -13.08 -4.61
CA TYR B 609 -41.01 -13.32 -3.20
C TYR B 609 -42.22 -12.87 -2.38
N LEU B 610 -42.75 -13.77 -1.55
CA LEU B 610 -43.94 -13.53 -0.76
C LEU B 610 -43.67 -13.90 0.69
N LYS B 611 -43.68 -12.91 1.58
CA LYS B 611 -43.49 -13.13 3.00
C LYS B 611 -44.48 -12.28 3.77
N THR B 612 -45.00 -12.83 4.87
CA THR B 612 -46.03 -12.15 5.65
C THR B 612 -45.69 -12.19 7.13
N LYS B 613 -46.19 -11.20 7.86
CA LYS B 613 -46.07 -11.14 9.31
C LYS B 613 -47.31 -10.42 9.83
N GLY B 614 -48.18 -11.14 10.53
CA GLY B 614 -49.45 -10.59 10.95
C GLY B 614 -50.36 -10.35 9.76
N ASP B 615 -50.73 -9.09 9.53
CA ASP B 615 -51.50 -8.72 8.35
C ASP B 615 -50.68 -7.94 7.33
N PHE B 616 -49.36 -7.85 7.54
CA PHE B 616 -48.47 -7.21 6.59
C PHE B 616 -47.94 -8.23 5.59
N ILE B 617 -47.74 -7.79 4.35
CA ILE B 617 -47.30 -8.65 3.26
C ILE B 617 -46.08 -8.00 2.60
N LEU B 618 -45.00 -8.77 2.48
CA LEU B 618 -43.78 -8.30 1.84
C LEU B 618 -43.69 -8.94 0.45
N VAL B 619 -43.59 -8.10 -0.58
CA VAL B 619 -43.55 -8.55 -1.96
C VAL B 619 -42.19 -8.20 -2.54
N GLY B 620 -41.73 -9.01 -3.49
CA GLY B 620 -40.47 -8.76 -4.15
C GLY B 620 -40.28 -9.56 -5.43
N ASP B 621 -39.68 -8.94 -6.43
CA ASP B 621 -39.34 -9.59 -7.69
C ASP B 621 -37.84 -9.84 -7.74
N LEU B 622 -37.39 -10.36 -8.89
CA LEU B 622 -35.98 -10.69 -9.06
C LEU B 622 -35.09 -9.44 -9.13
N MET B 623 -35.66 -8.24 -9.27
CA MET B 623 -34.90 -7.02 -9.44
C MET B 623 -34.97 -6.09 -8.22
N ARG B 624 -35.04 -6.67 -7.02
CA ARG B 624 -35.00 -5.92 -5.76
C ARG B 624 -36.12 -4.88 -5.68
N SER B 625 -37.27 -5.19 -6.25
CA SER B 625 -38.45 -4.34 -6.10
C SER B 625 -39.18 -4.76 -4.83
N VAL B 626 -38.97 -4.00 -3.76
CA VAL B 626 -39.53 -4.33 -2.46
C VAL B 626 -40.87 -3.62 -2.30
N LEU B 627 -41.94 -4.39 -2.21
CA LEU B 627 -43.28 -3.86 -2.04
C LEU B 627 -43.83 -4.30 -0.68
N LEU B 628 -44.69 -3.46 -0.11
CA LEU B 628 -45.27 -3.69 1.21
C LEU B 628 -46.77 -3.49 1.13
N LEU B 629 -47.53 -4.54 1.47
CA LEU B 629 -48.97 -4.47 1.51
C LEU B 629 -49.48 -4.88 2.89
N ALA B 630 -50.70 -4.45 3.19
CA ALA B 630 -51.33 -4.75 4.47
C ALA B 630 -52.80 -5.09 4.22
N TYR B 631 -53.27 -6.15 4.85
CA TYR B 631 -54.66 -6.58 4.72
C TYR B 631 -55.54 -5.70 5.61
N LYS B 632 -56.42 -4.91 5.00
CA LYS B 632 -57.38 -4.13 5.77
C LYS B 632 -58.64 -4.97 5.96
N PRO B 633 -58.84 -5.55 7.14
CA PRO B 633 -59.97 -6.48 7.32
C PRO B 633 -61.33 -5.81 7.25
N MET B 634 -61.42 -4.52 7.58
CA MET B 634 -62.71 -3.85 7.59
C MET B 634 -63.35 -3.84 6.19
N GLU B 635 -62.52 -3.72 5.15
CA GLU B 635 -63.01 -3.72 3.78
C GLU B 635 -62.87 -5.06 3.09
N GLY B 636 -61.78 -5.79 3.34
CA GLY B 636 -61.55 -7.07 2.72
C GLY B 636 -60.48 -7.13 1.65
N ASN B 637 -59.74 -6.03 1.43
CA ASN B 637 -58.69 -5.98 0.42
C ASN B 637 -57.41 -5.47 1.05
N PHE B 638 -56.33 -5.50 0.28
CA PHE B 638 -55.06 -4.96 0.72
C PHE B 638 -54.86 -3.52 0.25
N GLU B 639 -53.98 -2.81 0.96
CA GLU B 639 -53.57 -1.46 0.61
C GLU B 639 -52.05 -1.38 0.69
N GLU B 640 -51.44 -0.72 -0.30
CA GLU B 640 -49.99 -0.59 -0.33
C GLU B 640 -49.52 0.41 0.72
N ILE B 641 -48.50 0.02 1.50
CA ILE B 641 -47.97 0.86 2.56
C ILE B 641 -46.78 1.64 2.02
N ALA B 642 -45.73 0.93 1.61
CA ALA B 642 -44.51 1.57 1.13
C ALA B 642 -43.87 0.69 0.07
N ARG B 643 -42.82 1.22 -0.55
CA ARG B 643 -42.13 0.51 -1.62
C ARG B 643 -40.72 1.06 -1.75
N ASP B 644 -39.82 0.23 -2.28
CA ASP B 644 -38.44 0.64 -2.53
C ASP B 644 -37.96 -0.11 -3.76
N PHE B 645 -37.95 0.57 -4.91
CA PHE B 645 -37.59 -0.03 -6.19
C PHE B 645 -36.19 0.44 -6.57
N ASN B 646 -35.23 -0.46 -6.50
CA ASN B 646 -33.84 -0.19 -6.91
C ASN B 646 -33.36 -1.33 -7.78
N PRO B 647 -33.17 -1.13 -9.09
CA PRO B 647 -32.77 -2.22 -9.98
C PRO B 647 -31.47 -2.90 -9.56
N ASN B 648 -31.58 -4.14 -9.10
CA ASN B 648 -30.46 -4.98 -8.71
C ASN B 648 -30.99 -6.38 -8.45
N TRP B 649 -30.21 -7.39 -8.84
CA TRP B 649 -30.66 -8.77 -8.68
C TRP B 649 -30.84 -9.11 -7.21
N MET B 650 -31.98 -9.73 -6.89
CA MET B 650 -32.33 -10.09 -5.52
C MET B 650 -32.63 -11.58 -5.46
N SER B 651 -31.97 -12.28 -4.53
CA SER B 651 -32.05 -13.73 -4.44
C SER B 651 -32.95 -14.23 -3.33
N ALA B 652 -33.12 -13.46 -2.26
CA ALA B 652 -33.93 -13.89 -1.12
C ALA B 652 -34.38 -12.68 -0.34
N VAL B 653 -35.42 -12.86 0.48
CA VAL B 653 -36.00 -11.79 1.27
C VAL B 653 -36.58 -12.38 2.55
N GLU B 654 -36.69 -11.55 3.58
CA GLU B 654 -37.22 -12.00 4.86
C GLU B 654 -37.64 -10.78 5.68
N ILE B 655 -38.70 -10.98 6.46
CA ILE B 655 -39.21 -9.95 7.36
C ILE B 655 -38.54 -10.10 8.72
N LEU B 656 -37.92 -9.02 9.20
CA LEU B 656 -37.33 -8.99 10.53
C LEU B 656 -38.37 -8.64 11.59
N ASP B 657 -39.06 -7.52 11.39
CA ASP B 657 -40.15 -7.11 12.27
C ASP B 657 -41.12 -6.27 11.45
N ASP B 658 -42.09 -5.65 12.13
CA ASP B 658 -43.15 -4.91 11.45
C ASP B 658 -42.66 -3.72 10.65
N ASP B 659 -41.39 -3.31 10.81
CA ASP B 659 -40.87 -2.18 10.06
C ASP B 659 -39.42 -2.38 9.64
N ASN B 660 -39.01 -3.64 9.44
CA ASN B 660 -37.64 -3.94 9.02
C ASN B 660 -37.66 -5.18 8.15
N PHE B 661 -36.92 -5.13 7.04
CA PHE B 661 -36.96 -6.19 6.03
C PHE B 661 -35.56 -6.51 5.55
N LEU B 662 -35.17 -7.79 5.68
CA LEU B 662 -33.86 -8.26 5.23
C LEU B 662 -33.94 -8.78 3.79
N GLY B 663 -32.81 -8.70 3.09
CA GLY B 663 -32.74 -9.18 1.73
C GLY B 663 -31.32 -9.39 1.29
N ALA B 664 -31.13 -10.30 0.32
CA ALA B 664 -29.84 -10.60 -0.26
C ALA B 664 -29.82 -10.15 -1.72
N GLU B 665 -28.75 -9.46 -2.12
CA GLU B 665 -28.69 -8.88 -3.45
C GLU B 665 -27.28 -8.98 -4.02
N ASN B 666 -27.17 -8.65 -5.30
CA ASN B 666 -25.89 -8.63 -5.99
C ASN B 666 -25.03 -7.48 -5.48
N ALA B 667 -23.73 -7.73 -5.33
CA ALA B 667 -23.07 -9.03 -5.49
C ALA B 667 -22.71 -9.63 -4.14
N PHE B 668 -23.36 -10.74 -3.80
CA PHE B 668 -23.08 -11.47 -2.55
C PHE B 668 -23.28 -10.55 -1.34
N ASN B 669 -24.38 -9.80 -1.37
CA ASN B 669 -24.62 -8.74 -0.39
C ASN B 669 -25.87 -9.04 0.43
N LEU B 670 -25.95 -8.39 1.58
CA LEU B 670 -27.14 -8.39 2.43
C LEU B 670 -27.57 -6.94 2.64
N PHE B 671 -28.88 -6.71 2.71
CA PHE B 671 -29.37 -5.36 2.88
C PHE B 671 -30.64 -5.36 3.73
N VAL B 672 -30.84 -4.27 4.46
CA VAL B 672 -32.01 -4.07 5.30
C VAL B 672 -32.61 -2.70 4.99
N CYS B 673 -33.92 -2.67 4.75
CA CYS B 673 -34.65 -1.43 4.59
C CYS B 673 -35.75 -1.37 5.63
N GLN B 674 -36.12 -0.16 6.03
CA GLN B 674 -37.02 0.06 7.14
C GLN B 674 -38.14 1.02 6.76
N LYS B 675 -39.29 0.85 7.41
CA LYS B 675 -40.39 1.79 7.27
C LYS B 675 -40.05 3.10 7.96
N ASP B 676 -40.15 4.20 7.22
CA ASP B 676 -39.66 5.49 7.69
C ASP B 676 -40.35 5.90 8.98
N SER B 677 -39.56 6.48 9.89
CA SER B 677 -40.07 6.89 11.20
C SER B 677 -40.71 8.27 11.16
N ALA B 678 -40.12 9.22 10.44
CA ALA B 678 -40.65 10.57 10.36
C ALA B 678 -41.76 10.65 9.29
N ALA B 679 -42.82 9.88 9.53
CA ALA B 679 -43.94 9.84 8.60
C ALA B 679 -44.91 10.95 8.94
N THR B 680 -44.66 12.13 8.36
CA THR B 680 -45.55 13.28 8.50
C THR B 680 -46.39 13.50 7.24
N THR B 681 -45.76 13.40 6.08
CA THR B 681 -46.41 13.50 4.78
C THR B 681 -46.51 12.11 4.16
N ASP B 682 -47.57 11.91 3.37
CA ASP B 682 -47.81 10.61 2.75
C ASP B 682 -46.71 10.19 1.79
N GLU B 683 -45.78 11.08 1.45
CA GLU B 683 -44.68 10.70 0.58
C GLU B 683 -43.51 10.08 1.32
N GLU B 684 -43.40 10.30 2.63
CA GLU B 684 -42.34 9.68 3.42
C GLU B 684 -42.72 8.29 3.92
N ARG B 685 -43.97 8.14 4.39
CA ARG B 685 -44.43 6.83 4.86
C ARG B 685 -44.59 5.82 3.73
N GLN B 686 -44.63 6.27 2.48
CA GLN B 686 -44.74 5.39 1.33
C GLN B 686 -43.39 4.93 0.81
N HIS B 687 -42.32 5.14 1.57
CA HIS B 687 -40.97 4.80 1.16
C HIS B 687 -40.30 3.94 2.22
N LEU B 688 -39.53 2.95 1.78
CA LEU B 688 -38.75 2.09 2.66
C LEU B 688 -37.28 2.52 2.55
N GLN B 689 -36.83 3.32 3.50
CA GLN B 689 -35.46 3.82 3.48
C GLN B 689 -34.48 2.70 3.82
N GLU B 690 -33.48 2.53 2.96
CA GLU B 690 -32.46 1.50 3.14
C GLU B 690 -31.49 1.91 4.24
N VAL B 691 -31.33 1.05 5.25
CA VAL B 691 -30.49 1.37 6.40
C VAL B 691 -29.36 0.38 6.62
N GLY B 692 -29.37 -0.77 5.95
CA GLY B 692 -28.34 -1.77 6.18
C GLY B 692 -27.67 -2.25 4.90
N LEU B 693 -26.35 -2.17 4.84
CA LEU B 693 -25.58 -2.65 3.70
C LEU B 693 -24.41 -3.47 4.22
N PHE B 694 -24.22 -4.66 3.64
CA PHE B 694 -23.22 -5.59 4.14
C PHE B 694 -22.83 -6.55 3.01
N HIS B 695 -21.54 -6.74 2.81
CA HIS B 695 -21.04 -7.70 1.83
C HIS B 695 -20.81 -9.03 2.54
N LEU B 696 -21.78 -9.95 2.41
CA LEU B 696 -21.68 -11.23 3.09
C LEU B 696 -20.63 -12.13 2.44
N GLY B 697 -20.51 -12.07 1.11
CA GLY B 697 -19.63 -12.95 0.39
C GLY B 697 -20.27 -14.26 -0.03
N GLU B 698 -21.54 -14.47 0.28
CA GLU B 698 -22.25 -15.70 -0.06
C GLU B 698 -23.55 -15.35 -0.80
N PHE B 699 -24.10 -16.34 -1.48
CA PHE B 699 -25.31 -16.19 -2.26
C PHE B 699 -26.46 -16.88 -1.52
N VAL B 700 -27.28 -16.08 -0.85
CA VAL B 700 -28.39 -16.63 -0.06
C VAL B 700 -29.52 -17.04 -0.99
N ASN B 701 -30.06 -18.24 -0.76
CA ASN B 701 -31.22 -18.72 -1.50
C ASN B 701 -32.48 -18.80 -0.66
N VAL B 702 -32.36 -19.11 0.64
CA VAL B 702 -33.51 -19.32 1.51
C VAL B 702 -33.27 -18.61 2.83
N PHE B 703 -34.33 -17.97 3.35
CA PHE B 703 -34.31 -17.34 4.67
C PHE B 703 -35.33 -18.06 5.55
N CYS B 704 -34.87 -18.51 6.72
CA CYS B 704 -35.73 -19.29 7.63
C CYS B 704 -35.67 -18.73 9.03
N HIS B 705 -36.83 -18.34 9.55
CA HIS B 705 -36.97 -17.96 10.95
C HIS B 705 -36.85 -19.21 11.81
N GLY B 706 -35.79 -19.29 12.61
CA GLY B 706 -35.60 -20.44 13.47
C GLY B 706 -34.28 -20.36 14.20
N SER B 707 -33.97 -21.43 14.91
CA SER B 707 -32.74 -21.50 15.68
C SER B 707 -32.36 -22.97 15.87
N LEU B 708 -31.07 -23.20 16.12
CA LEU B 708 -30.55 -24.54 16.33
C LEU B 708 -30.20 -24.83 17.77
N VAL B 709 -30.32 -23.83 18.65
CA VAL B 709 -30.07 -24.04 20.07
C VAL B 709 -31.40 -24.08 20.80
N MET B 710 -31.36 -24.24 22.12
CA MET B 710 -32.57 -24.30 22.95
C MET B 710 -32.54 -23.17 23.97
N GLN B 711 -32.68 -21.93 23.48
CA GLN B 711 -32.63 -20.77 24.36
C GLN B 711 -33.81 -20.74 25.33
N PRO B 719 -31.26 -10.58 25.72
CA PRO B 719 -30.06 -10.15 25.00
C PRO B 719 -30.35 -9.72 23.57
N THR B 720 -30.01 -10.58 22.60
CA THR B 720 -30.25 -10.30 21.20
C THR B 720 -31.64 -10.80 20.80
N GLN B 721 -32.33 -10.01 20.00
CA GLN B 721 -33.69 -10.33 19.57
C GLN B 721 -33.68 -10.88 18.15
N GLY B 722 -34.48 -11.92 17.93
CA GLY B 722 -34.62 -12.49 16.61
C GLY B 722 -33.57 -13.54 16.31
N SER B 723 -33.92 -14.45 15.40
CA SER B 723 -33.01 -15.50 14.95
C SER B 723 -33.45 -15.94 13.57
N VAL B 724 -32.59 -15.71 12.57
CA VAL B 724 -32.91 -16.02 11.17
C VAL B 724 -31.74 -16.79 10.58
N LEU B 725 -32.01 -17.98 10.05
CA LEU B 725 -31.02 -18.79 9.37
C LEU B 725 -31.15 -18.61 7.86
N PHE B 726 -30.05 -18.86 7.16
CA PHE B 726 -30.08 -18.81 5.71
C PHE B 726 -29.10 -19.82 5.14
N GLY B 727 -29.42 -20.34 3.96
CA GLY B 727 -28.58 -21.28 3.27
C GLY B 727 -28.09 -20.67 1.96
N THR B 728 -26.90 -21.10 1.55
CA THR B 728 -26.21 -20.49 0.43
C THR B 728 -25.88 -21.55 -0.63
N VAL B 729 -25.29 -21.09 -1.73
CA VAL B 729 -24.90 -22.00 -2.80
C VAL B 729 -23.67 -22.79 -2.41
N ASN B 730 -22.78 -22.21 -1.61
CA ASN B 730 -21.57 -22.87 -1.17
C ASN B 730 -21.79 -23.79 0.03
N GLY B 731 -23.03 -23.93 0.51
CA GLY B 731 -23.32 -24.74 1.66
C GLY B 731 -23.24 -24.01 2.99
N MET B 732 -22.72 -22.79 2.99
CA MET B 732 -22.60 -22.03 4.22
C MET B 732 -23.97 -21.70 4.78
N ILE B 733 -24.14 -21.89 6.09
CA ILE B 733 -25.36 -21.54 6.80
C ILE B 733 -24.99 -20.46 7.81
N GLY B 734 -25.76 -19.37 7.82
CA GLY B 734 -25.49 -18.24 8.68
C GLY B 734 -26.70 -17.85 9.51
N LEU B 735 -26.49 -16.88 10.39
CA LEU B 735 -27.51 -16.41 11.30
C LEU B 735 -27.52 -14.89 11.34
N VAL B 736 -28.71 -14.31 11.32
CA VAL B 736 -28.90 -12.87 11.44
C VAL B 736 -29.76 -12.61 12.67
N THR B 737 -29.32 -11.66 13.51
CA THR B 737 -30.05 -11.28 14.70
C THR B 737 -29.99 -9.76 14.87
N SER B 738 -31.04 -9.21 15.48
CA SER B 738 -31.15 -7.78 15.67
C SER B 738 -30.52 -7.33 16.98
N LEU B 739 -30.02 -6.10 17.00
CA LEU B 739 -29.35 -5.53 18.15
C LEU B 739 -29.95 -4.17 18.49
N SER B 740 -29.79 -3.79 19.75
CA SER B 740 -30.17 -2.45 20.18
C SER B 740 -29.12 -1.44 19.74
N GLU B 741 -29.55 -0.19 19.57
CA GLU B 741 -28.62 0.86 19.13
C GLU B 741 -27.44 0.98 20.08
N SER B 742 -27.68 0.86 21.38
CA SER B 742 -26.59 0.88 22.34
C SER B 742 -25.65 -0.30 22.13
N TRP B 743 -26.21 -1.50 21.94
CA TRP B 743 -25.37 -2.68 21.75
C TRP B 743 -24.67 -2.65 20.39
N TYR B 744 -25.29 -2.06 19.38
CA TYR B 744 -24.67 -1.98 18.06
C TYR B 744 -23.43 -1.10 18.09
N ASN B 745 -23.56 0.11 18.65
CA ASN B 745 -22.43 1.01 18.74
C ASN B 745 -21.30 0.43 19.58
N LEU B 746 -21.64 -0.36 20.60
CA LEU B 746 -20.60 -0.99 21.41
C LEU B 746 -19.80 -2.01 20.60
N LEU B 747 -20.49 -2.96 19.97
CA LEU B 747 -19.80 -3.97 19.17
C LEU B 747 -19.11 -3.37 17.95
N LEU B 748 -19.65 -2.28 17.41
CA LEU B 748 -19.03 -1.63 16.25
C LEU B 748 -17.66 -1.08 16.60
N ASP B 749 -17.54 -0.43 17.76
CA ASP B 749 -16.23 0.08 18.18
C ASP B 749 -15.27 -1.06 18.49
N MET B 750 -15.77 -2.14 19.08
CA MET B 750 -14.92 -3.31 19.30
C MET B 750 -14.50 -3.93 17.96
N GLN B 751 -15.42 -3.96 16.99
CA GLN B 751 -15.09 -4.51 15.69
C GLN B 751 -13.98 -3.71 15.00
N ASN B 752 -13.94 -2.40 15.24
CA ASN B 752 -12.88 -1.58 14.65
C ASN B 752 -11.53 -1.87 15.32
N ARG B 753 -11.53 -2.14 16.62
CA ARG B 753 -10.29 -2.38 17.35
C ARG B 753 -9.77 -3.79 17.17
N LEU B 754 -10.66 -4.77 16.95
CA LEU B 754 -10.21 -6.12 16.67
C LEU B 754 -9.45 -6.18 15.34
N ASN B 755 -9.79 -5.30 14.40
CA ASN B 755 -9.10 -5.28 13.12
C ASN B 755 -7.62 -4.95 13.27
N LYS B 756 -7.28 -4.17 14.30
CA LYS B 756 -5.88 -3.78 14.49
C LYS B 756 -5.03 -4.94 14.98
N VAL B 757 -5.62 -5.87 15.73
CA VAL B 757 -4.86 -6.93 16.37
C VAL B 757 -4.94 -8.27 15.63
N ILE B 758 -5.94 -8.46 14.77
CA ILE B 758 -6.11 -9.72 14.06
C ILE B 758 -5.40 -9.63 12.72
N LYS B 759 -4.64 -10.67 12.38
CA LYS B 759 -3.88 -10.70 11.15
C LYS B 759 -4.77 -11.05 9.95
N SER B 760 -4.63 -10.27 8.87
CA SER B 760 -5.31 -10.55 7.63
C SER B 760 -4.43 -11.43 6.75
N VAL B 761 -5.00 -12.51 6.22
CA VAL B 761 -4.21 -13.52 5.52
C VAL B 761 -3.50 -12.92 4.31
N GLY B 762 -4.18 -12.03 3.58
CA GLY B 762 -3.55 -11.39 2.44
C GLY B 762 -3.38 -9.90 2.66
N LYS B 763 -3.34 -9.50 3.94
CA LYS B 763 -3.27 -8.09 4.33
C LYS B 763 -4.43 -7.30 3.74
N ILE B 764 -5.56 -7.96 3.55
CA ILE B 764 -6.77 -7.31 3.05
C ILE B 764 -7.48 -6.63 4.20
N GLU B 765 -7.89 -5.38 3.99
CA GLU B 765 -8.61 -4.65 5.03
C GLU B 765 -10.02 -5.19 5.17
N HIS B 766 -10.43 -5.43 6.42
CA HIS B 766 -11.75 -6.02 6.68
C HIS B 766 -12.86 -5.13 6.15
N SER B 767 -12.77 -3.82 6.39
CA SER B 767 -13.81 -2.91 5.94
C SER B 767 -13.92 -2.89 4.43
N PHE B 768 -12.80 -3.09 3.72
CA PHE B 768 -12.87 -3.22 2.27
C PHE B 768 -13.55 -4.51 1.85
N TRP B 769 -13.28 -5.60 2.57
CA TRP B 769 -13.90 -6.89 2.26
C TRP B 769 -15.41 -6.85 2.47
N ARG B 770 -15.85 -6.27 3.59
CA ARG B 770 -17.26 -6.17 3.90
C ARG B 770 -17.93 -4.98 3.22
N SER B 771 -17.20 -4.19 2.46
CA SER B 771 -17.78 -3.03 1.78
C SER B 771 -18.75 -3.50 0.70
N PHE B 772 -19.94 -2.88 0.68
CA PHE B 772 -20.97 -3.15 -0.32
C PHE B 772 -20.38 -3.05 -1.73
N HIS B 773 -20.24 -4.19 -2.41
CA HIS B 773 -19.58 -4.25 -3.71
C HIS B 773 -20.60 -4.53 -4.80
N THR B 774 -20.72 -3.61 -5.75
CA THR B 774 -21.44 -3.81 -6.99
C THR B 774 -20.55 -3.35 -8.15
N GLU B 775 -20.99 -3.68 -9.37
CA GLU B 775 -20.21 -3.31 -10.54
C GLU B 775 -20.17 -1.80 -10.74
N ARG B 776 -21.24 -1.10 -10.37
CA ARG B 776 -21.34 0.35 -10.54
C ARG B 776 -20.96 1.13 -9.30
N LYS B 777 -21.43 0.70 -8.12
CA LYS B 777 -21.22 1.42 -6.88
C LYS B 777 -20.45 0.56 -5.89
N THR B 778 -19.78 1.24 -4.96
CA THR B 778 -19.06 0.57 -3.87
C THR B 778 -19.16 1.44 -2.64
N GLU B 779 -19.78 0.89 -1.58
CA GLU B 779 -20.08 1.64 -0.37
C GLU B 779 -19.62 0.87 0.85
N PRO B 780 -19.26 1.56 1.92
CA PRO B 780 -18.85 0.88 3.15
C PRO B 780 -20.01 0.13 3.79
N ALA B 781 -19.67 -0.77 4.70
CA ALA B 781 -20.67 -1.57 5.39
C ALA B 781 -21.36 -0.72 6.46
N THR B 782 -22.69 -0.80 6.51
CA THR B 782 -23.47 -0.03 7.47
C THR B 782 -24.55 -0.91 8.10
N GLY B 783 -24.88 -0.60 9.34
CA GLY B 783 -25.98 -1.26 10.03
C GLY B 783 -25.80 -2.73 10.26
N PHE B 784 -24.57 -3.23 10.16
CA PHE B 784 -24.30 -4.66 10.34
C PHE B 784 -23.03 -4.82 11.17
N ILE B 785 -22.96 -5.94 11.88
CA ILE B 785 -21.80 -6.29 12.70
C ILE B 785 -21.37 -7.70 12.32
N ASP B 786 -20.10 -7.87 11.99
CA ASP B 786 -19.57 -9.16 11.58
C ASP B 786 -19.37 -10.02 12.82
N GLY B 787 -20.25 -11.00 13.01
CA GLY B 787 -20.13 -11.87 14.17
C GLY B 787 -18.89 -12.74 14.14
N ASP B 788 -18.43 -13.11 12.94
CA ASP B 788 -17.21 -13.89 12.83
C ASP B 788 -16.02 -13.13 13.40
N LEU B 789 -15.96 -11.82 13.16
CA LEU B 789 -14.87 -11.02 13.70
C LEU B 789 -15.03 -10.81 15.20
N ILE B 790 -16.27 -10.61 15.66
CA ILE B 790 -16.51 -10.41 17.09
C ILE B 790 -16.21 -11.69 17.86
N GLU B 791 -16.61 -12.85 17.33
CA GLU B 791 -16.38 -14.10 18.03
C GLU B 791 -14.90 -14.46 18.08
N SER B 792 -14.12 -13.97 17.12
CA SER B 792 -12.68 -14.22 17.12
C SER B 792 -11.95 -13.44 18.21
N PHE B 793 -12.65 -12.56 18.94
CA PHE B 793 -12.03 -11.86 20.05
C PHE B 793 -11.61 -12.81 21.16
N LEU B 794 -12.38 -13.88 21.38
CA LEU B 794 -12.07 -14.84 22.43
C LEU B 794 -10.82 -15.66 22.15
N ASP B 795 -10.29 -15.62 20.92
CA ASP B 795 -9.12 -16.41 20.54
C ASP B 795 -7.82 -15.63 20.62
N ILE B 796 -7.86 -14.33 20.89
CA ILE B 796 -6.63 -13.54 20.93
C ILE B 796 -5.98 -13.65 22.31
N SER B 797 -4.70 -13.28 22.36
CA SER B 797 -3.96 -13.37 23.61
C SER B 797 -4.45 -12.34 24.62
N ARG B 798 -4.20 -12.62 25.89
CA ARG B 798 -4.63 -11.72 26.96
C ARG B 798 -4.08 -10.30 26.83
N PRO B 799 -2.80 -10.08 26.52
CA PRO B 799 -2.35 -8.68 26.31
C PRO B 799 -3.13 -7.96 25.23
N LYS B 800 -3.41 -8.64 24.11
CA LYS B 800 -4.18 -8.01 23.04
C LYS B 800 -5.60 -7.68 23.48
N MET B 801 -6.17 -8.47 24.39
CA MET B 801 -7.50 -8.15 24.89
C MET B 801 -7.50 -6.83 25.64
N GLN B 802 -6.47 -6.60 26.48
CA GLN B 802 -6.38 -5.35 27.21
C GLN B 802 -6.07 -4.18 26.29
N GLU B 803 -5.70 -4.45 25.04
CA GLU B 803 -5.40 -3.42 24.05
C GLU B 803 -6.66 -2.97 23.33
N VAL B 804 -7.57 -3.90 23.02
CA VAL B 804 -8.80 -3.53 22.32
C VAL B 804 -9.83 -2.91 23.25
N VAL B 805 -9.62 -3.00 24.57
CA VAL B 805 -10.52 -2.40 25.53
C VAL B 805 -10.05 -1.04 25.99
N ALA B 806 -8.86 -0.61 25.55
CA ALA B 806 -8.33 0.70 25.92
C ALA B 806 -9.25 1.78 25.36
N ASN B 807 -9.85 2.57 26.25
CA ASN B 807 -10.77 3.64 25.89
C ASN B 807 -12.00 3.07 25.17
N LEU B 808 -12.68 2.16 25.87
CA LEU B 808 -13.89 1.51 25.36
C LEU B 808 -14.87 1.36 26.50
N GLN B 809 -16.06 1.94 26.36
CA GLN B 809 -17.06 1.93 27.40
C GLN B 809 -18.45 1.86 26.75
N TYR B 810 -19.38 1.23 27.46
CA TYR B 810 -20.76 1.12 27.00
C TYR B 810 -21.40 2.50 26.82
N GLU B 819 -14.68 3.16 31.93
CA GLU B 819 -14.00 2.25 31.00
C GLU B 819 -14.59 0.85 31.08
N ALA B 820 -13.79 -0.13 30.68
CA ALA B 820 -14.20 -1.53 30.73
C ALA B 820 -12.95 -2.39 30.76
N THR B 821 -13.08 -3.55 31.39
CA THR B 821 -11.97 -4.49 31.48
C THR B 821 -12.12 -5.56 30.41
N ALA B 822 -11.04 -6.30 30.19
CA ALA B 822 -11.08 -7.42 29.25
C ALA B 822 -12.10 -8.46 29.68
N ASP B 823 -12.18 -8.71 30.99
CA ASP B 823 -13.12 -9.68 31.54
C ASP B 823 -14.57 -9.34 31.26
N ASP B 824 -14.86 -8.08 30.92
CA ASP B 824 -16.22 -7.71 30.56
C ASP B 824 -16.57 -8.22 29.17
N LEU B 825 -15.67 -8.04 28.21
CA LEU B 825 -15.96 -8.44 26.84
C LEU B 825 -15.95 -9.96 26.69
N ILE B 826 -15.11 -10.66 27.46
CA ILE B 826 -15.05 -12.11 27.38
C ILE B 826 -16.37 -12.75 27.79
N LYS B 827 -17.17 -12.05 28.59
CA LYS B 827 -18.45 -12.59 29.04
C LYS B 827 -19.60 -12.27 28.09
N VAL B 828 -19.48 -11.22 27.28
CA VAL B 828 -20.53 -10.91 26.32
C VAL B 828 -20.31 -11.65 24.99
N VAL B 829 -19.06 -11.84 24.57
CA VAL B 829 -18.81 -12.56 23.33
C VAL B 829 -19.10 -14.05 23.51
N GLU B 830 -18.87 -14.58 24.71
CA GLU B 830 -19.22 -15.98 24.97
C GLU B 830 -20.73 -16.18 24.85
N GLU B 831 -21.51 -15.19 25.29
CA GLU B 831 -22.95 -15.25 25.12
C GLU B 831 -23.34 -15.16 23.66
N LEU B 832 -22.58 -14.42 22.86
CA LEU B 832 -22.85 -14.31 21.43
C LEU B 832 -22.54 -15.62 20.70
N THR B 833 -21.77 -16.52 21.32
CA THR B 833 -21.55 -17.85 20.77
C THR B 833 -22.68 -18.81 21.12
N ARG B 834 -23.52 -18.44 22.09
CA ARG B 834 -24.65 -19.27 22.51
C ARG B 834 -25.89 -19.05 21.67
N ILE B 835 -25.72 -18.70 20.39
CA ILE B 835 -26.85 -18.59 19.48
C ILE B 835 -26.79 -19.59 18.34
N HIS B 836 -25.63 -20.17 18.04
CA HIS B 836 -25.53 -21.20 17.02
C HIS B 836 -24.92 -22.46 17.61
N SER C 3 -63.92 26.97 -48.81
CA SER C 3 -63.35 28.27 -48.49
C SER C 3 -62.30 28.13 -47.38
N LEU C 4 -61.79 29.27 -46.92
CA LEU C 4 -60.74 29.30 -45.91
C LEU C 4 -61.30 29.13 -44.50
N THR C 5 -62.46 28.51 -44.38
CA THR C 5 -63.01 28.14 -43.08
C THR C 5 -62.74 26.67 -42.80
N THR C 6 -61.49 26.26 -43.06
CA THR C 6 -61.03 24.91 -42.81
C THR C 6 -60.10 24.93 -41.61
N CYS C 7 -60.07 23.81 -40.88
CA CYS C 7 -59.24 23.74 -39.69
C CYS C 7 -57.79 23.59 -40.09
N GLU C 8 -56.93 24.35 -39.41
CA GLU C 8 -55.50 24.32 -39.72
C GLU C 8 -54.80 23.09 -39.15
N VAL C 9 -55.42 22.42 -38.18
CA VAL C 9 -54.79 21.29 -37.51
C VAL C 9 -55.03 19.98 -38.27
N CYS C 10 -56.27 19.75 -38.72
CA CYS C 10 -56.62 18.50 -39.39
C CYS C 10 -57.08 18.68 -40.83
N GLY C 11 -57.57 19.86 -41.19
CA GLY C 11 -58.04 20.09 -42.54
C GLY C 11 -59.51 19.81 -42.77
N ALA C 12 -60.33 19.85 -41.73
CA ALA C 12 -61.76 19.64 -41.88
C ALA C 12 -62.41 20.86 -42.52
N CYS C 13 -63.17 20.63 -43.57
CA CYS C 13 -63.80 21.71 -44.33
C CYS C 13 -65.20 21.98 -43.79
N PHE C 14 -65.38 23.16 -43.20
CA PHE C 14 -66.69 23.62 -42.74
C PHE C 14 -67.12 24.80 -43.60
N GLU C 15 -68.41 24.90 -43.86
CA GLU C 15 -68.95 25.95 -44.71
C GLU C 15 -69.42 27.18 -43.95
N THR C 16 -69.28 27.21 -42.63
CA THR C 16 -69.67 28.36 -41.83
C THR C 16 -68.53 28.79 -40.92
N ARG C 17 -68.57 30.06 -40.54
CA ARG C 17 -67.58 30.57 -39.59
C ARG C 17 -67.77 29.95 -38.21
N LYS C 18 -69.02 29.80 -37.78
CA LYS C 18 -69.30 29.22 -36.47
C LYS C 18 -69.02 27.72 -36.44
N GLY C 19 -69.35 27.02 -37.53
CA GLY C 19 -69.13 25.59 -37.60
C GLY C 19 -67.68 25.17 -37.46
N LEU C 20 -66.75 26.08 -37.73
CA LEU C 20 -65.33 25.82 -37.55
C LEU C 20 -64.86 26.15 -36.15
N SER C 21 -65.42 27.21 -35.54
CA SER C 21 -65.08 27.56 -34.17
C SER C 21 -65.48 26.46 -33.20
N SER C 22 -66.55 25.73 -33.51
CA SER C 22 -66.93 24.58 -32.68
C SER C 22 -65.92 23.46 -32.80
N HIS C 23 -65.38 23.25 -34.00
CA HIS C 23 -64.36 22.23 -34.21
C HIS C 23 -63.05 22.58 -33.52
N ALA C 24 -62.74 23.88 -33.40
CA ALA C 24 -61.51 24.30 -32.74
C ALA C 24 -61.47 23.83 -31.29
N ARG C 25 -62.64 23.63 -30.66
CA ARG C 25 -62.67 23.13 -29.29
C ARG C 25 -62.25 21.67 -29.22
N SER C 26 -62.56 20.88 -30.26
CA SER C 26 -62.23 19.46 -30.31
C SER C 26 -60.73 19.19 -30.52
N HIS C 27 -59.85 20.19 -30.46
CA HIS C 27 -58.42 19.99 -30.60
C HIS C 27 -57.65 20.23 -29.32
N LEU C 28 -58.28 20.83 -28.30
CA LEU C 28 -57.58 21.20 -27.08
C LEU C 28 -57.97 20.29 -25.93
N ASP D 7 39.23 14.31 33.06
CA ASP D 7 40.48 14.98 32.72
C ASP D 7 41.11 15.62 33.95
N SER D 8 41.68 14.80 34.83
CA SER D 8 42.32 15.27 36.03
C SER D 8 43.70 14.62 36.17
N CYS D 9 44.49 15.16 37.09
CA CYS D 9 45.81 14.62 37.40
C CYS D 9 45.79 14.07 38.82
N GLN D 10 46.05 12.77 38.96
CA GLN D 10 46.02 12.10 40.25
C GLN D 10 47.25 11.20 40.40
N VAL D 11 47.63 10.97 41.64
CA VAL D 11 48.80 10.15 41.98
C VAL D 11 48.33 8.79 42.49
N ILE D 12 48.51 7.77 41.65
CA ILE D 12 48.08 6.41 41.97
C ILE D 12 49.33 5.52 42.02
N PRO D 13 49.42 4.57 42.93
CA PRO D 13 50.60 3.71 42.99
C PRO D 13 50.60 2.66 41.89
N VAL D 14 51.76 2.02 41.70
CA VAL D 14 51.97 1.03 40.67
C VAL D 14 52.29 -0.31 41.32
N LEU D 15 51.78 -1.39 40.72
CA LEU D 15 52.11 -2.74 41.16
C LEU D 15 53.52 -3.10 40.68
N PRO D 16 54.44 -3.45 41.56
CA PRO D 16 55.85 -3.56 41.16
C PRO D 16 56.20 -4.81 40.35
N GLN D 17 55.26 -5.71 40.06
CA GLN D 17 55.66 -6.94 39.38
C GLN D 17 54.71 -7.38 38.28
N VAL D 18 53.94 -6.47 37.69
CA VAL D 18 53.06 -6.79 36.58
C VAL D 18 53.65 -6.19 35.32
N MET D 19 53.67 -6.97 34.24
CA MET D 19 54.13 -6.49 32.94
C MET D 19 53.00 -6.44 31.92
N MET D 20 51.76 -6.62 32.37
CA MET D 20 50.60 -6.60 31.48
C MET D 20 50.28 -5.18 31.03
N ILE D 21 49.60 -5.09 29.89
CA ILE D 21 49.14 -3.81 29.38
C ILE D 21 47.78 -3.45 29.97
N LEU D 22 46.93 -4.46 30.16
CA LEU D 22 45.57 -4.35 30.66
C LEU D 22 44.69 -3.42 29.82
N ILE D 23 43.58 -3.97 29.33
CA ILE D 23 42.57 -3.20 28.60
C ILE D 23 41.52 -2.77 29.63
N PRO D 24 40.93 -1.59 29.50
CA PRO D 24 39.79 -1.25 30.38
C PRO D 24 38.69 -2.28 30.24
N GLY D 25 38.25 -2.80 31.39
CA GLY D 25 37.27 -3.87 31.41
C GLY D 25 37.85 -5.26 31.34
N GLN D 26 39.16 -5.41 31.47
CA GLN D 26 39.83 -6.70 31.45
C GLN D 26 40.21 -7.09 32.87
N THR D 27 39.95 -8.34 33.21
CA THR D 27 40.25 -8.86 34.54
C THR D 27 41.69 -9.31 34.64
N LEU D 28 42.28 -9.13 35.82
CA LEU D 28 43.69 -9.40 36.05
C LEU D 28 43.84 -10.10 37.39
N PRO D 29 43.99 -11.42 37.40
CA PRO D 29 44.34 -12.13 38.64
C PRO D 29 45.80 -11.94 39.00
N LEU D 30 46.07 -11.87 40.31
CA LEU D 30 47.42 -11.71 40.80
C LEU D 30 47.65 -12.61 42.01
N GLN D 31 48.92 -12.95 42.24
CA GLN D 31 49.34 -13.69 43.42
C GLN D 31 50.40 -12.86 44.15
N LEU D 32 50.04 -12.27 45.29
CA LEU D 32 50.97 -11.44 46.04
C LEU D 32 51.56 -12.27 47.18
N PHE D 33 52.86 -12.49 47.15
CA PHE D 33 53.56 -13.18 48.23
C PHE D 33 54.62 -12.33 48.92
N HIS D 34 55.09 -11.27 48.29
CA HIS D 34 56.14 -10.45 48.88
C HIS D 34 55.56 -9.52 49.96
N PRO D 35 56.25 -9.36 51.08
CA PRO D 35 55.72 -8.49 52.16
C PRO D 35 55.61 -7.04 51.75
N GLN D 36 56.46 -6.56 50.84
CA GLN D 36 56.37 -5.18 50.39
C GLN D 36 55.16 -4.96 49.49
N GLU D 37 54.75 -6.00 48.74
CA GLU D 37 53.60 -5.86 47.84
C GLU D 37 52.28 -6.08 48.57
N VAL D 38 52.28 -6.94 49.60
CA VAL D 38 51.03 -7.26 50.30
C VAL D 38 50.51 -6.03 51.04
N SER D 39 51.41 -5.25 51.65
CA SER D 39 50.99 -4.07 52.40
C SER D 39 50.36 -3.02 51.49
N MET D 40 50.89 -2.86 50.27
CA MET D 40 50.33 -1.90 49.34
C MET D 40 48.90 -2.26 48.97
N VAL D 41 48.65 -3.55 48.70
CA VAL D 41 47.30 -3.99 48.40
C VAL D 41 46.39 -3.82 49.62
N ARG D 42 46.96 -3.95 50.84
CA ARG D 42 46.17 -3.77 52.04
C ARG D 42 45.74 -2.31 52.21
N ASN D 43 46.64 -1.37 51.95
CA ASN D 43 46.26 0.04 52.00
C ASN D 43 45.28 0.38 50.90
N LEU D 44 45.36 -0.31 49.76
CA LEU D 44 44.48 0.00 48.64
C LEU D 44 43.07 -0.51 48.89
N ILE D 45 42.93 -1.75 49.36
CA ILE D 45 41.62 -2.34 49.57
C ILE D 45 40.83 -1.55 50.62
N GLN D 46 41.51 -0.83 51.51
CA GLN D 46 40.82 0.04 52.45
C GLN D 46 40.54 1.41 51.83
N LYS D 47 41.47 1.93 51.02
CA LYS D 47 41.33 3.24 50.42
C LYS D 47 40.42 3.21 49.19
N ASP D 48 41.01 3.32 48.01
CA ASP D 48 40.26 3.39 46.76
C ASP D 48 40.33 2.13 45.93
N ARG D 49 41.15 1.15 46.32
CA ARG D 49 41.32 -0.12 45.63
C ARG D 49 41.82 0.04 44.20
N THR D 50 42.34 1.21 43.84
CA THR D 50 42.77 1.51 42.48
C THR D 50 44.27 1.75 42.44
N PHE D 51 44.98 0.99 41.61
CA PHE D 51 46.42 1.14 41.40
C PHE D 51 46.67 1.25 39.90
N ALA D 52 47.94 1.39 39.53
CA ALA D 52 48.33 1.63 38.15
C ALA D 52 49.06 0.42 37.57
N VAL D 53 48.75 0.12 36.31
CA VAL D 53 49.40 -0.94 35.55
C VAL D 53 49.98 -0.30 34.30
N LEU D 54 51.31 -0.18 34.25
CA LEU D 54 51.95 0.55 33.17
C LEU D 54 52.10 -0.32 31.92
N ALA D 55 52.26 0.34 30.78
CA ALA D 55 52.44 -0.33 29.49
C ALA D 55 53.73 0.15 28.83
N TYR D 56 54.84 -0.52 29.14
CA TYR D 56 56.16 -0.19 28.63
C TYR D 56 56.55 -1.10 27.45
N SER D 57 57.82 -0.97 27.04
CA SER D 57 58.43 -1.82 26.03
C SER D 57 59.94 -1.71 26.19
N ASN D 58 60.41 -1.90 27.42
CA ASN D 58 61.80 -1.67 27.81
C ASN D 58 62.22 -0.24 27.49
N ALA D 64 56.32 3.32 27.69
CA ALA D 64 56.52 3.44 29.14
C ALA D 64 55.81 4.67 29.70
N GLN D 65 55.08 5.37 28.83
CA GLN D 65 54.40 6.61 29.20
C GLN D 65 52.88 6.46 29.21
N PHE D 66 52.36 5.24 29.18
CA PHE D 66 50.92 5.00 29.22
C PHE D 66 50.64 3.85 30.16
N GLY D 67 49.37 3.69 30.51
CA GLY D 67 48.97 2.61 31.39
C GLY D 67 47.47 2.61 31.62
N THR D 68 47.03 1.74 32.53
CA THR D 68 45.62 1.57 32.83
C THR D 68 45.43 1.47 34.33
N THR D 69 44.38 2.12 34.83
CA THR D 69 44.01 2.04 36.24
C THR D 69 43.18 0.79 36.50
N ALA D 70 43.65 -0.07 37.39
CA ALA D 70 42.92 -1.27 37.75
C ALA D 70 42.17 -1.06 39.06
N GLU D 71 41.07 -1.78 39.21
CA GLU D 71 40.21 -1.70 40.38
C GLU D 71 40.11 -3.08 41.03
N ILE D 72 40.59 -3.18 42.26
CA ILE D 72 40.51 -4.44 43.01
C ILE D 72 39.06 -4.73 43.36
N TYR D 73 38.54 -5.86 42.86
CA TYR D 73 37.18 -6.29 43.13
C TYR D 73 37.10 -7.61 43.89
N ALA D 74 38.17 -8.40 43.91
CA ALA D 74 38.19 -9.70 44.55
C ALA D 74 39.37 -9.71 45.51
N TYR D 75 39.11 -9.95 46.79
CA TYR D 75 40.15 -10.01 47.80
C TYR D 75 40.10 -11.35 48.53
N ARG D 76 41.23 -11.69 49.15
CA ARG D 76 41.45 -12.97 49.82
C ARG D 76 42.74 -12.88 50.62
N GLU D 77 42.72 -13.44 51.83
CA GLU D 77 43.89 -13.40 52.72
C GLU D 77 44.11 -14.81 53.26
N GLU D 78 45.05 -15.53 52.65
CA GLU D 78 45.44 -16.86 53.12
C GLU D 78 46.56 -16.74 54.16
N GLN D 79 46.62 -17.74 55.04
CA GLN D 79 47.55 -17.76 56.17
C GLN D 79 48.23 -19.12 56.28
N ASP D 80 48.60 -19.73 55.16
CA ASP D 80 49.17 -21.07 55.18
C ASP D 80 50.58 -21.08 54.62
N PHE D 81 51.29 -22.18 54.90
CA PHE D 81 52.70 -22.34 54.56
C PHE D 81 53.58 -21.29 55.23
N GLY D 82 53.15 -20.74 56.36
CA GLY D 82 53.92 -19.72 57.04
C GLY D 82 53.87 -18.34 56.40
N ILE D 83 53.43 -18.25 55.15
CA ILE D 83 53.38 -17.01 54.40
C ILE D 83 51.92 -16.62 54.20
N GLU D 84 51.58 -15.38 54.52
CA GLU D 84 50.21 -14.92 54.37
C GLU D 84 50.02 -14.36 52.96
N ILE D 85 49.82 -15.31 52.04
CA ILE D 85 49.61 -14.96 50.63
C ILE D 85 48.26 -14.28 50.46
N VAL D 86 48.24 -13.20 49.68
CA VAL D 86 47.04 -12.44 49.40
C VAL D 86 46.74 -12.60 47.90
N LYS D 87 45.61 -13.21 47.58
CA LYS D 87 45.21 -13.38 46.20
C LYS D 87 44.23 -12.27 45.85
N VAL D 88 44.57 -11.47 44.84
CA VAL D 88 43.79 -10.31 44.43
C VAL D 88 43.40 -10.47 42.97
N LYS D 89 42.35 -9.74 42.58
CA LYS D 89 41.88 -9.72 41.21
C LYS D 89 41.42 -8.30 40.92
N ALA D 90 41.80 -7.78 39.75
CA ALA D 90 41.52 -6.42 39.37
C ALA D 90 40.90 -6.36 37.99
N ILE D 91 40.22 -5.24 37.72
CA ILE D 91 39.58 -4.97 36.44
C ILE D 91 39.97 -3.57 36.00
N GLY D 92 40.36 -3.43 34.74
CA GLY D 92 40.83 -2.15 34.26
C GLY D 92 39.73 -1.12 34.21
N ARG D 93 40.10 0.13 34.46
CA ARG D 93 39.14 1.23 34.51
C ARG D 93 39.43 2.28 33.46
N GLN D 94 40.36 3.18 33.75
CA GLN D 94 40.65 4.31 32.88
C GLN D 94 42.05 4.18 32.28
N ARG D 95 42.19 4.68 31.06
CA ARG D 95 43.49 4.82 30.43
C ARG D 95 44.15 6.10 30.93
N PHE D 96 45.47 6.17 30.77
CA PHE D 96 46.18 7.36 31.22
C PHE D 96 47.54 7.46 30.55
N LYS D 97 48.13 8.63 30.66
CA LYS D 97 49.51 8.89 30.22
C LYS D 97 50.30 9.37 31.43
N VAL D 98 51.36 8.64 31.77
CA VAL D 98 52.11 8.95 32.98
C VAL D 98 52.83 10.29 32.83
N LEU D 99 52.91 11.04 33.92
CA LEU D 99 53.67 12.28 33.98
C LEU D 99 55.06 12.05 34.55
N GLU D 100 55.14 11.44 35.74
CA GLU D 100 56.42 11.10 36.35
C GLU D 100 56.20 9.94 37.31
N LEU D 101 57.14 9.01 37.31
CA LEU D 101 57.09 7.84 38.20
C LEU D 101 57.98 8.10 39.41
N ARG D 102 57.49 8.94 40.31
CA ARG D 102 58.24 9.32 41.50
C ARG D 102 58.29 8.16 42.49
N THR D 103 59.46 7.54 42.62
CA THR D 103 59.64 6.45 43.56
C THR D 103 59.85 7.02 44.97
N GLN D 104 59.17 6.43 45.95
CA GLN D 104 59.15 6.98 47.30
C GLN D 104 60.20 6.29 48.17
N SER D 105 60.08 6.41 49.49
CA SER D 105 61.04 5.75 50.38
C SER D 105 60.93 4.24 50.28
N ASP D 106 59.72 3.71 50.21
CA ASP D 106 59.51 2.29 50.05
C ASP D 106 59.68 1.89 48.59
N GLY D 107 59.69 0.58 48.35
CA GLY D 107 59.86 0.06 47.00
C GLY D 107 58.74 0.37 46.04
N ILE D 108 57.65 0.99 46.50
CA ILE D 108 56.55 1.36 45.63
C ILE D 108 56.94 2.58 44.81
N GLN D 109 56.33 2.72 43.63
CA GLN D 109 56.61 3.82 42.71
C GLN D 109 55.29 4.51 42.38
N GLN D 110 54.82 5.35 43.30
CA GLN D 110 53.65 6.18 43.03
C GLN D 110 53.91 7.06 41.81
N ALA D 111 52.82 7.46 41.14
CA ALA D 111 52.96 8.19 39.89
C ALA D 111 51.85 9.22 39.76
N LYS D 112 52.23 10.48 39.64
CA LYS D 112 51.28 11.53 39.29
C LYS D 112 51.01 11.43 37.79
N VAL D 113 49.74 11.37 37.42
CA VAL D 113 49.35 10.93 36.08
C VAL D 113 48.11 11.70 35.65
N GLN D 114 48.02 11.97 34.34
CA GLN D 114 46.88 12.65 33.74
C GLN D 114 45.92 11.62 33.15
N ILE D 115 44.64 11.76 33.48
CA ILE D 115 43.61 10.82 33.02
C ILE D 115 43.29 11.10 31.57
N LEU D 116 43.31 10.05 30.74
CA LEU D 116 42.87 10.22 29.35
C LEU D 116 41.35 10.06 29.27
N PRO D 117 40.64 11.02 28.71
CA PRO D 117 39.18 10.91 28.63
C PRO D 117 38.74 10.08 27.43
N GLU D 118 37.51 9.59 27.51
CA GLU D 118 36.87 8.92 26.38
C GLU D 118 36.14 9.96 25.55
N CYS D 119 36.57 10.13 24.29
CA CYS D 119 35.96 11.11 23.40
C CYS D 119 34.73 10.49 22.76
N VAL D 120 33.56 10.78 23.34
CA VAL D 120 32.29 10.25 22.84
C VAL D 120 31.70 11.27 21.89
N LEU D 121 31.39 10.84 20.68
CA LEU D 121 30.92 11.75 19.66
C LEU D 121 29.45 11.49 19.32
N PRO D 122 28.67 12.52 19.03
CA PRO D 122 27.29 12.30 18.57
C PRO D 122 27.27 11.79 17.16
N SER D 123 26.08 11.48 16.63
CA SER D 123 25.97 11.04 15.25
C SER D 123 26.42 12.16 14.31
N THR D 124 26.90 11.75 13.13
CA THR D 124 27.36 12.74 12.16
C THR D 124 26.22 13.63 11.68
N MET D 125 24.99 13.11 11.68
CA MET D 125 23.84 13.89 11.25
C MET D 125 23.30 14.81 12.33
N SER D 126 23.77 14.66 13.58
CA SER D 126 23.36 15.57 14.64
C SER D 126 23.76 17.01 14.32
N ALA D 127 24.85 17.18 13.57
CA ALA D 127 25.25 18.52 13.13
C ALA D 127 24.23 19.10 12.17
N VAL D 128 23.64 18.27 11.32
CA VAL D 128 22.68 18.74 10.33
C VAL D 128 21.28 18.27 10.72
N GLN D 129 20.69 17.41 9.89
CA GLN D 129 19.37 16.83 10.11
C GLN D 129 18.28 17.89 10.09
N LEU D 130 17.29 17.70 9.22
CA LEU D 130 16.17 18.61 9.17
C LEU D 130 15.31 18.44 10.43
N GLU D 131 14.88 19.55 11.01
CA GLU D 131 14.04 19.47 12.20
C GLU D 131 12.72 18.75 11.89
N SER D 132 12.20 18.94 10.68
CA SER D 132 11.01 18.19 10.26
C SER D 132 11.33 16.70 10.11
N LEU D 133 12.55 16.37 9.70
CA LEU D 133 13.00 14.99 9.56
C LEU D 133 13.53 14.42 10.87
N ASN D 134 13.46 15.19 11.97
CA ASN D 134 13.94 14.70 13.26
C ASN D 134 13.15 13.49 13.73
N LYS D 135 11.86 13.40 13.37
CA LYS D 135 11.03 12.30 13.83
C LYS D 135 11.42 10.97 13.21
N CYS D 136 12.00 10.98 12.01
CA CYS D 136 12.38 9.75 11.32
C CYS D 136 13.83 9.37 11.63
N GLN D 137 14.12 9.25 12.93
CA GLN D 137 15.43 8.83 13.38
C GLN D 137 15.42 7.60 14.28
N ILE D 138 14.28 7.23 14.84
CA ILE D 138 14.18 6.03 15.67
C ILE D 138 13.52 4.93 14.85
N PHE D 139 14.28 3.87 14.55
CA PHE D 139 13.77 2.73 13.80
C PHE D 139 13.72 1.49 14.67
N PRO D 140 12.66 0.69 14.61
CA PRO D 140 12.64 -0.57 15.35
C PRO D 140 13.57 -1.60 14.72
N SER D 141 14.01 -2.53 15.57
CA SER D 141 14.97 -3.56 15.17
C SER D 141 14.27 -4.81 14.64
N LYS D 142 15.04 -5.65 13.95
CA LYS D 142 14.58 -6.91 13.37
C LYS D 142 14.87 -8.05 14.34
N PRO D 143 13.92 -8.99 14.56
CA PRO D 143 14.21 -10.14 15.44
C PRO D 143 14.89 -11.33 14.75
N VAL D 144 16.21 -11.23 14.62
CA VAL D 144 16.99 -12.30 13.98
C VAL D 144 17.42 -13.35 14.99
N SER D 151 19.67 -9.02 8.28
CA SER D 151 19.59 -9.07 6.82
C SER D 151 20.23 -7.84 6.19
N TYR D 152 20.68 -7.99 4.94
CA TYR D 152 21.32 -6.89 4.24
C TYR D 152 20.34 -5.77 3.91
N LYS D 153 19.04 -6.06 3.86
CA LYS D 153 18.06 -5.03 3.55
C LYS D 153 17.68 -4.20 4.76
N TRP D 154 17.84 -4.72 5.98
CA TRP D 154 17.62 -3.89 7.16
C TRP D 154 18.70 -2.82 7.27
N TRP D 155 19.95 -3.21 7.06
CA TRP D 155 21.06 -2.26 7.11
C TRP D 155 21.09 -1.37 5.88
N GLN D 156 20.48 -1.79 4.78
CA GLN D 156 20.32 -0.92 3.62
C GLN D 156 19.34 0.21 3.94
N LYS D 157 18.15 -0.15 4.42
CA LYS D 157 17.18 0.87 4.81
C LYS D 157 17.66 1.66 6.01
N TYR D 158 18.45 1.03 6.90
CA TYR D 158 19.06 1.77 8.00
C TYR D 158 19.97 2.88 7.48
N GLN D 159 20.69 2.61 6.38
CA GLN D 159 21.55 3.61 5.78
C GLN D 159 20.74 4.71 5.12
N LYS D 160 19.71 4.33 4.34
CA LYS D 160 18.86 5.30 3.68
C LYS D 160 18.18 6.23 4.69
N ARG D 161 17.80 5.69 5.85
CA ARG D 161 17.06 6.45 6.84
C ARG D 161 17.99 7.31 7.70
N LYS D 162 18.95 6.66 8.37
CA LYS D 162 19.79 7.38 9.33
C LYS D 162 20.62 8.46 8.66
N PHE D 163 21.21 8.16 7.51
CA PHE D 163 22.07 9.10 6.79
C PHE D 163 21.36 9.71 5.59
N HIS D 164 20.08 10.07 5.75
CA HIS D 164 19.34 10.65 4.64
C HIS D 164 19.85 12.04 4.31
N CYS D 165 20.11 12.86 5.32
CA CYS D 165 20.59 14.23 5.12
C CYS D 165 22.03 14.29 4.60
N ALA D 166 22.59 13.19 4.11
CA ALA D 166 23.93 13.22 3.54
C ALA D 166 23.98 14.05 2.26
N ASN D 167 22.85 14.17 1.55
CA ASN D 167 22.81 14.98 0.35
C ASN D 167 22.92 16.47 0.64
N LEU D 168 22.75 16.88 1.90
CA LEU D 168 23.04 18.26 2.27
C LEU D 168 24.53 18.53 2.40
N THR D 169 25.33 17.49 2.61
CA THR D 169 26.78 17.62 2.75
C THR D 169 27.46 17.13 1.48
N SER D 170 28.79 17.23 1.47
CA SER D 170 29.59 16.86 0.31
C SER D 170 30.02 15.40 0.32
N TRP D 171 29.33 14.55 1.07
CA TRP D 171 29.70 13.15 1.18
C TRP D 171 28.48 12.26 1.05
N PRO D 172 28.65 11.05 0.53
CA PRO D 172 27.51 10.14 0.32
C PRO D 172 27.10 9.45 1.61
N ARG D 173 26.01 8.68 1.52
CA ARG D 173 25.52 7.94 2.67
C ARG D 173 26.49 6.84 3.08
N TRP D 174 27.03 6.11 2.11
CA TRP D 174 27.88 4.96 2.42
C TRP D 174 29.18 5.36 3.10
N LEU D 175 29.64 6.60 2.90
CA LEU D 175 30.83 7.05 3.62
C LEU D 175 30.56 7.23 5.11
N TYR D 176 29.39 7.76 5.46
CA TYR D 176 29.06 7.99 6.86
C TYR D 176 28.92 6.68 7.63
N SER D 177 28.56 5.59 6.94
CA SER D 177 28.48 4.30 7.61
C SER D 177 29.85 3.81 8.07
N LEU D 178 30.91 4.20 7.35
CA LEU D 178 32.27 3.81 7.76
C LEU D 178 32.71 4.49 9.05
N TYR D 179 31.95 5.51 9.51
CA TYR D 179 32.21 6.16 10.79
C TYR D 179 31.01 6.02 11.72
N ASP D 180 30.10 5.09 11.42
CA ASP D 180 28.89 4.86 12.21
C ASP D 180 29.16 3.74 13.20
N ALA D 181 29.16 4.07 14.49
CA ALA D 181 29.46 3.08 15.52
C ALA D 181 28.58 1.84 15.43
N GLU D 182 27.27 2.05 15.21
CA GLU D 182 26.36 0.91 15.13
C GLU D 182 26.70 0.02 13.93
N THR D 183 27.02 0.62 12.79
CA THR D 183 27.42 -0.16 11.62
C THR D 183 28.76 -0.84 11.86
N LEU D 184 29.72 -0.11 12.39
CA LEU D 184 31.04 -0.68 12.67
C LEU D 184 30.94 -1.85 13.64
N MET D 185 30.09 -1.74 14.66
CA MET D 185 29.94 -2.82 15.63
C MET D 185 29.38 -4.08 14.95
N ASP D 186 28.36 -3.91 14.11
CA ASP D 186 27.79 -5.06 13.41
C ASP D 186 28.80 -5.70 12.46
N ARG D 187 29.61 -4.86 11.80
CA ARG D 187 30.63 -5.40 10.90
C ARG D 187 31.66 -6.22 11.65
N ILE D 188 32.06 -5.76 12.84
CA ILE D 188 32.98 -6.53 13.68
C ILE D 188 32.29 -7.77 14.22
N LYS D 189 31.06 -7.61 14.73
CA LYS D 189 30.31 -8.75 15.25
C LYS D 189 30.11 -9.82 14.18
N LYS D 190 29.97 -9.42 12.92
CA LYS D 190 29.82 -10.39 11.84
C LYS D 190 31.05 -11.27 11.71
N GLN D 191 32.25 -10.68 11.78
CA GLN D 191 33.47 -11.47 11.64
C GLN D 191 33.72 -12.36 12.85
N LEU D 192 33.35 -11.90 14.05
CA LEU D 192 33.53 -12.72 15.24
C LEU D 192 32.66 -13.97 15.20
N ARG D 193 31.50 -13.89 14.56
CA ARG D 193 30.66 -15.07 14.38
C ARG D 193 31.32 -16.10 13.48
N GLU D 194 32.25 -15.69 12.62
CA GLU D 194 33.01 -16.64 11.82
C GLU D 194 34.00 -17.42 12.66
N TRP D 195 34.39 -16.89 13.82
CA TRP D 195 35.28 -17.59 14.75
C TRP D 195 34.51 -18.40 15.77
N ASP D 196 33.51 -17.79 16.43
CA ASP D 196 32.69 -18.45 17.43
C ASP D 196 31.26 -18.53 16.93
N GLU D 197 30.66 -19.71 17.05
CA GLU D 197 29.26 -19.93 16.70
C GLU D 197 28.45 -20.11 17.97
N ASN D 198 28.27 -19.02 18.71
CA ASN D 198 27.57 -19.13 19.99
C ASN D 198 26.46 -18.10 20.16
N LEU D 199 26.80 -16.86 20.51
CA LEU D 199 25.77 -15.91 20.88
C LEU D 199 26.10 -14.50 20.40
N LYS D 200 25.04 -13.68 20.28
CA LYS D 200 25.13 -12.27 19.94
C LYS D 200 24.42 -11.36 20.93
N ASP D 201 23.79 -11.92 21.98
CA ASP D 201 22.93 -11.14 22.87
C ASP D 201 23.71 -10.42 23.95
N ASP D 202 23.25 -10.55 25.20
CA ASP D 202 23.91 -9.89 26.33
C ASP D 202 25.39 -10.23 26.42
N SER D 203 25.84 -11.26 25.69
CA SER D 203 27.27 -11.58 25.66
C SER D 203 28.11 -10.37 25.25
N LEU D 204 27.64 -9.62 24.25
CA LEU D 204 28.38 -8.46 23.76
C LEU D 204 27.77 -7.17 24.28
N PRO D 205 28.57 -6.26 24.82
CA PRO D 205 28.03 -5.03 25.38
C PRO D 205 27.40 -4.14 24.31
N SER D 206 26.43 -3.34 24.73
CA SER D 206 25.74 -2.45 23.82
C SER D 206 26.41 -1.08 23.70
N ASN D 207 27.10 -0.65 24.76
CA ASN D 207 27.82 0.63 24.72
C ASN D 207 29.01 0.50 23.79
N PRO D 208 29.11 1.32 22.74
CA PRO D 208 30.23 1.15 21.79
C PRO D 208 31.60 1.30 22.41
N ILE D 209 31.76 2.18 23.41
CA ILE D 209 33.07 2.30 24.04
C ILE D 209 33.38 1.06 24.86
N ASP D 210 32.35 0.36 25.35
CA ASP D 210 32.56 -0.91 26.02
C ASP D 210 32.75 -2.03 25.01
N PHE D 211 32.00 -1.98 23.90
CA PHE D 211 32.17 -2.96 22.83
C PHE D 211 33.56 -2.87 22.24
N SER D 212 34.08 -1.66 22.04
CA SER D 212 35.42 -1.49 21.51
C SER D 212 36.47 -2.08 22.44
N TYR D 213 36.34 -1.79 23.74
CA TYR D 213 37.33 -2.30 24.69
C TYR D 213 37.29 -3.81 24.81
N ARG D 214 36.10 -4.41 24.67
CA ARG D 214 36.00 -5.87 24.71
C ARG D 214 36.71 -6.49 23.51
N VAL D 215 36.47 -5.97 22.31
CA VAL D 215 37.08 -6.51 21.10
C VAL D 215 38.59 -6.40 21.16
N ALA D 216 39.11 -5.35 21.81
CA ALA D 216 40.56 -5.17 21.89
C ALA D 216 41.20 -6.31 22.68
N ALA D 217 40.52 -6.81 23.70
CA ALA D 217 41.04 -7.88 24.55
C ALA D 217 40.74 -9.27 24.01
N CYS D 218 40.06 -9.39 22.87
CA CYS D 218 39.74 -10.67 22.28
C CYS D 218 40.53 -10.98 21.02
N LEU D 219 40.98 -9.95 20.30
CA LEU D 219 41.76 -10.19 19.09
C LEU D 219 43.10 -10.82 19.45
N PRO D 220 43.60 -11.75 18.64
CA PRO D 220 44.94 -12.31 18.90
C PRO D 220 46.03 -11.37 18.40
N ILE D 221 46.24 -10.30 19.14
CA ILE D 221 47.16 -9.24 18.76
C ILE D 221 48.22 -9.09 19.84
N ASP D 222 49.38 -8.58 19.43
CA ASP D 222 50.51 -8.42 20.34
C ASP D 222 50.30 -7.16 21.19
N ASP D 223 51.26 -6.91 22.08
CA ASP D 223 51.16 -5.75 22.97
C ASP D 223 51.30 -4.45 22.20
N VAL D 224 52.07 -4.44 21.11
CA VAL D 224 52.27 -3.21 20.35
C VAL D 224 50.97 -2.79 19.66
N LEU D 225 50.13 -3.76 19.29
CA LEU D 225 48.82 -3.41 18.76
C LEU D 225 47.88 -2.95 19.87
N ARG D 226 47.97 -3.57 21.06
CA ARG D 226 47.13 -3.17 22.17
C ARG D 226 47.43 -1.74 22.62
N ILE D 227 48.70 -1.35 22.66
CA ILE D 227 49.03 0.01 23.07
C ILE D 227 48.52 1.02 22.05
N GLN D 228 48.61 0.70 20.76
CA GLN D 228 48.10 1.60 19.74
C GLN D 228 46.59 1.74 19.84
N LEU D 229 45.90 0.64 20.19
CA LEU D 229 44.46 0.70 20.36
C LEU D 229 44.07 1.45 21.63
N LEU D 230 44.89 1.33 22.68
CA LEU D 230 44.63 2.08 23.91
C LEU D 230 44.81 3.58 23.69
N LYS D 231 45.83 3.96 22.91
CA LYS D 231 46.07 5.37 22.63
C LYS D 231 44.92 6.01 21.88
N ILE D 232 44.13 5.21 21.16
CA ILE D 232 42.99 5.74 20.42
C ILE D 232 41.97 6.31 21.39
N GLY D 233 41.54 7.55 21.12
CA GLY D 233 40.60 8.23 22.00
C GLY D 233 39.14 7.92 21.71
N SER D 234 38.75 8.00 20.45
CA SER D 234 37.36 7.79 20.07
C SER D 234 37.07 6.30 19.91
N ALA D 235 35.92 5.87 20.43
CA ALA D 235 35.51 4.48 20.27
C ALA D 235 35.25 4.15 18.81
N ILE D 236 34.75 5.12 18.03
CA ILE D 236 34.55 4.92 16.60
C ILE D 236 35.89 4.66 15.92
N GLN D 237 36.91 5.42 16.31
CA GLN D 237 38.25 5.17 15.78
C GLN D 237 38.80 3.83 16.24
N ARG D 238 38.51 3.44 17.48
CA ARG D 238 38.96 2.14 17.97
C ARG D 238 38.28 1.01 17.21
N LEU D 239 36.98 1.14 16.95
CA LEU D 239 36.28 0.13 16.16
C LEU D 239 36.81 0.11 14.72
N ARG D 240 37.06 1.29 14.16
CA ARG D 240 37.59 1.37 12.79
C ARG D 240 38.96 0.70 12.71
N CYS D 241 39.80 0.88 13.75
CA CYS D 241 41.12 0.28 13.75
C CYS D 241 41.07 -1.21 14.07
N GLU D 242 40.14 -1.62 14.93
CA GLU D 242 39.97 -3.05 15.20
C GLU D 242 39.54 -3.81 13.95
N LEU D 243 38.73 -3.18 13.09
CA LEU D 243 38.32 -3.83 11.85
C LEU D 243 39.47 -3.90 10.84
N ASP D 244 40.33 -2.88 10.82
CA ASP D 244 41.51 -2.94 9.96
C ASP D 244 42.43 -4.08 10.38
N ILE D 245 42.59 -4.28 11.69
CA ILE D 245 43.43 -5.37 12.19
C ILE D 245 42.88 -6.72 11.73
N MET D 246 41.55 -6.86 11.73
CA MET D 246 40.95 -8.13 11.35
C MET D 246 41.03 -8.37 9.85
N ASN D 247 40.93 -7.30 9.06
CA ASN D 247 40.92 -7.45 7.61
C ASN D 247 42.31 -7.53 7.00
N LYS D 248 43.33 -7.04 7.69
CA LYS D 248 44.70 -7.02 7.17
C LYS D 248 45.60 -8.07 7.81
N CYS D 249 45.69 -8.09 9.15
CA CYS D 249 46.61 -8.97 9.87
C CYS D 249 46.03 -10.39 9.92
N THR D 250 46.08 -11.06 8.76
CA THR D 250 45.58 -12.43 8.68
C THR D 250 46.61 -13.44 9.19
N SER D 251 47.88 -13.24 8.87
CA SER D 251 48.92 -14.19 9.25
C SER D 251 49.40 -13.93 10.67
N LEU D 252 49.52 -15.01 11.46
CA LEU D 252 50.07 -14.96 12.80
C LEU D 252 51.37 -15.76 12.82
N CYS D 253 52.46 -15.12 13.23
CA CYS D 253 53.78 -15.75 13.24
C CYS D 253 54.44 -15.55 14.60
N CYS D 254 55.57 -16.22 14.79
CA CYS D 254 56.30 -16.14 16.04
C CYS D 254 56.79 -14.72 16.30
N LYS D 255 56.49 -14.21 17.50
CA LYS D 255 56.92 -12.86 17.85
C LYS D 255 58.43 -12.78 18.06
N GLN D 256 59.07 -13.88 18.49
CA GLN D 256 60.48 -13.82 18.85
C GLN D 256 61.36 -13.74 17.59
N CYS D 257 61.20 -14.68 16.67
CA CYS D 257 62.01 -14.71 15.45
C CYS D 257 61.29 -14.10 14.27
N GLN D 258 60.21 -13.35 14.51
CA GLN D 258 59.47 -12.61 13.48
C GLN D 258 58.97 -13.49 12.35
N GLU D 259 59.80 -13.80 11.36
CA GLU D 259 59.32 -14.46 10.15
C GLU D 259 59.28 -15.98 10.39
N THR D 260 58.09 -16.47 10.72
CA THR D 260 57.81 -17.90 10.81
C THR D 260 56.31 -18.08 10.98
N GLU D 261 55.58 -18.17 9.87
CA GLU D 261 54.12 -18.19 9.93
C GLU D 261 53.63 -19.41 10.68
N ILE D 262 52.96 -19.18 11.81
CA ILE D 262 52.41 -20.25 12.61
C ILE D 262 51.03 -20.65 12.14
N THR D 263 50.15 -19.67 11.91
CA THR D 263 48.79 -19.94 11.47
C THR D 263 48.25 -18.69 10.79
N THR D 264 47.03 -18.79 10.28
CA THR D 264 46.32 -17.70 9.61
C THR D 264 44.99 -17.46 10.30
N LYS D 265 44.27 -16.43 9.84
CA LYS D 265 42.98 -16.11 10.43
C LYS D 265 41.94 -17.18 10.13
N ASN D 266 42.11 -17.92 9.02
CA ASN D 266 41.13 -18.92 8.64
C ASN D 266 41.05 -20.05 9.66
N GLU D 267 42.19 -20.47 10.20
CA GLU D 267 42.21 -21.61 11.09
C GLU D 267 41.64 -21.32 12.48
N ILE D 268 41.34 -20.06 12.78
CA ILE D 268 40.81 -19.72 14.10
C ILE D 268 39.41 -20.29 14.25
N PHE D 269 39.17 -21.00 15.35
CA PHE D 269 37.85 -21.48 15.69
C PHE D 269 37.72 -21.53 17.21
N SER D 270 36.49 -21.75 17.67
CA SER D 270 36.19 -21.77 19.10
C SER D 270 35.55 -23.09 19.48
N LEU D 271 36.23 -23.86 20.33
CA LEU D 271 35.64 -25.03 20.97
C LEU D 271 35.19 -24.74 22.40
N SER D 272 35.96 -23.92 23.13
CA SER D 272 35.51 -23.41 24.41
C SER D 272 34.42 -22.37 24.15
N LEU D 273 33.27 -22.55 24.82
CA LEU D 273 32.11 -21.68 24.58
C LEU D 273 32.41 -20.21 24.83
N CYS D 274 33.47 -19.89 25.56
CA CYS D 274 33.85 -18.50 25.84
C CYS D 274 34.78 -17.92 24.79
N GLY D 275 34.57 -18.23 23.51
CA GLY D 275 35.32 -17.64 22.44
C GLY D 275 36.48 -18.50 21.97
N PRO D 276 37.24 -17.99 20.99
CA PRO D 276 38.39 -18.76 20.48
C PRO D 276 39.66 -18.50 21.27
N MET D 277 39.67 -17.42 22.06
CA MET D 277 40.84 -17.03 22.85
C MET D 277 40.34 -16.62 24.23
N ALA D 278 40.50 -17.51 25.21
CA ALA D 278 40.07 -17.27 26.58
C ALA D 278 41.27 -17.42 27.51
N ALA D 279 41.23 -16.69 28.62
CA ALA D 279 42.32 -16.70 29.58
C ALA D 279 42.23 -17.96 30.43
N TYR D 280 43.29 -18.77 30.39
CA TYR D 280 43.39 -19.98 31.20
C TYR D 280 44.56 -19.83 32.17
N VAL D 281 44.48 -20.55 33.29
CA VAL D 281 45.50 -20.53 34.32
C VAL D 281 45.99 -21.95 34.54
N ASN D 282 47.31 -22.11 34.56
CA ASN D 282 47.93 -23.41 34.75
C ASN D 282 48.09 -23.70 36.24
N PRO D 283 48.48 -24.93 36.62
CA PRO D 283 48.60 -25.25 38.05
C PRO D 283 49.39 -24.25 38.88
N HIS D 284 50.32 -23.52 38.29
CA HIS D 284 51.18 -22.62 39.05
C HIS D 284 50.73 -21.17 39.01
N GLY D 285 49.61 -20.87 38.37
CA GLY D 285 49.06 -19.53 38.40
C GLY D 285 49.43 -18.64 37.23
N TYR D 286 49.97 -19.20 36.15
CA TYR D 286 50.33 -18.44 34.98
C TYR D 286 49.12 -18.31 34.06
N VAL D 287 48.86 -17.09 33.60
CA VAL D 287 47.71 -16.80 32.73
C VAL D 287 48.14 -16.99 31.29
N HIS D 288 47.28 -17.65 30.50
CA HIS D 288 47.56 -17.94 29.10
C HIS D 288 46.32 -17.59 28.27
N GLU D 289 46.41 -16.49 27.52
CA GLU D 289 45.37 -16.13 26.56
C GLU D 289 45.53 -17.02 25.34
N THR D 290 44.87 -18.17 25.38
CA THR D 290 45.14 -19.25 24.43
C THR D 290 44.18 -19.14 23.24
N LEU D 291 44.73 -18.77 22.08
CA LEU D 291 43.96 -18.74 20.85
C LEU D 291 43.92 -20.14 20.25
N THR D 292 42.71 -20.65 20.02
CA THR D 292 42.54 -22.00 19.49
C THR D 292 42.43 -21.94 17.97
N VAL D 293 43.29 -22.70 17.29
CA VAL D 293 43.30 -22.75 15.84
C VAL D 293 43.24 -24.20 15.36
N TYR D 294 42.72 -24.38 14.15
CA TYR D 294 42.63 -25.72 13.58
C TYR D 294 44.01 -26.25 13.19
N LYS D 295 44.69 -25.57 12.27
CA LYS D 295 45.95 -26.04 11.72
C LYS D 295 47.03 -25.00 11.94
N ALA D 296 48.11 -25.39 12.61
CA ALA D 296 49.29 -24.56 12.80
C ALA D 296 50.50 -25.24 12.19
N CYS D 297 51.45 -24.44 11.71
CA CYS D 297 52.61 -24.96 11.01
C CYS D 297 53.89 -24.44 11.65
N ASN D 298 55.01 -25.00 11.21
CA ASN D 298 56.35 -24.57 11.62
C ASN D 298 56.54 -24.65 13.13
N LEU D 299 56.08 -25.74 13.74
CA LEU D 299 56.17 -25.93 15.17
C LEU D 299 56.84 -27.26 15.49
N ASN D 300 57.47 -27.33 16.66
CA ASN D 300 58.13 -28.52 17.16
C ASN D 300 57.48 -28.95 18.46
N LEU D 301 57.24 -30.25 18.60
CA LEU D 301 56.60 -30.80 19.79
C LEU D 301 57.64 -31.25 20.80
N ILE D 302 57.41 -30.90 22.07
CA ILE D 302 58.32 -31.19 23.16
C ILE D 302 57.66 -32.20 24.08
N GLY D 303 58.10 -33.46 24.00
CA GLY D 303 57.64 -34.49 24.91
C GLY D 303 56.50 -35.32 24.35
N ARG D 304 55.82 -36.01 25.28
CA ARG D 304 54.72 -36.89 24.95
C ARG D 304 53.39 -36.32 25.46
N PRO D 305 52.29 -36.60 24.77
CA PRO D 305 50.99 -36.07 25.19
C PRO D 305 50.67 -36.42 26.64
N SER D 306 50.18 -35.43 27.39
CA SER D 306 49.74 -35.61 28.76
C SER D 306 48.29 -35.15 28.92
N THR D 307 47.64 -35.68 29.96
CA THR D 307 46.27 -35.33 30.27
C THR D 307 46.12 -34.64 31.61
N GLU D 308 47.21 -34.46 32.36
CA GLU D 308 47.14 -33.80 33.66
C GLU D 308 46.80 -32.33 33.49
N HIS D 309 45.72 -31.90 34.15
CA HIS D 309 45.28 -30.50 34.14
C HIS D 309 44.99 -30.01 32.73
N SER D 310 44.49 -30.92 31.88
CA SER D 310 44.10 -30.54 30.53
C SER D 310 42.91 -29.59 30.57
N TRP D 311 43.02 -28.47 29.86
CA TRP D 311 41.96 -27.48 29.86
C TRP D 311 40.73 -27.96 29.09
N PHE D 312 40.94 -28.74 28.02
CA PHE D 312 39.85 -29.28 27.23
C PHE D 312 39.70 -30.76 27.52
N PRO D 313 38.64 -31.20 28.19
CA PRO D 313 38.51 -32.62 28.55
C PRO D 313 38.51 -33.50 27.31
N GLY D 314 39.32 -34.55 27.35
CA GLY D 314 39.47 -35.43 26.21
C GLY D 314 40.53 -35.02 25.21
N TYR D 315 41.45 -34.14 25.60
CA TYR D 315 42.50 -33.68 24.70
C TYR D 315 43.83 -33.69 25.43
N ALA D 316 44.83 -34.32 24.82
CA ALA D 316 46.16 -34.47 25.40
C ALA D 316 47.06 -33.37 24.86
N TRP D 317 47.57 -32.52 25.75
CA TRP D 317 48.38 -31.38 25.36
C TRP D 317 49.85 -31.78 25.19
N THR D 318 50.52 -31.09 24.28
CA THR D 318 51.95 -31.30 24.01
C THR D 318 52.58 -29.96 23.67
N VAL D 319 53.66 -29.61 24.39
CA VAL D 319 54.28 -28.30 24.23
C VAL D 319 54.74 -28.09 22.80
N ALA D 320 54.48 -26.89 22.26
CA ALA D 320 54.87 -26.53 20.90
C ALA D 320 55.88 -25.40 20.95
N GLN D 321 56.88 -25.48 20.07
CA GLN D 321 57.96 -24.51 20.02
C GLN D 321 58.21 -24.08 18.58
N CYS D 322 58.89 -22.95 18.43
CA CYS D 322 59.22 -22.47 17.10
C CYS D 322 60.25 -23.38 16.44
N LYS D 323 60.03 -23.68 15.16
CA LYS D 323 60.95 -24.53 14.42
C LYS D 323 62.23 -23.81 14.04
N ILE D 324 62.35 -22.52 14.35
CA ILE D 324 63.52 -21.72 14.00
C ILE D 324 64.24 -21.19 15.23
N CYS D 325 63.50 -20.67 16.20
CA CYS D 325 64.10 -20.10 17.40
C CYS D 325 63.73 -20.84 18.67
N ALA D 326 62.92 -21.89 18.57
CA ALA D 326 62.55 -22.74 19.72
C ALA D 326 61.90 -21.94 20.83
N SER D 327 61.17 -20.89 20.49
CA SER D 327 60.40 -20.14 21.48
C SER D 327 59.07 -20.83 21.73
N HIS D 328 58.61 -20.80 22.98
CA HIS D 328 57.35 -21.46 23.33
C HIS D 328 56.18 -20.73 22.69
N ILE D 329 55.44 -21.43 21.83
CA ILE D 329 54.31 -20.84 21.14
C ILE D 329 52.97 -21.32 21.71
N GLY D 330 52.90 -22.52 22.25
CA GLY D 330 51.65 -23.01 22.82
C GLY D 330 51.65 -24.52 23.04
N TRP D 331 50.54 -25.17 22.69
CA TRP D 331 50.40 -26.61 22.90
C TRP D 331 49.64 -27.20 21.72
N LYS D 332 49.77 -28.52 21.55
CA LYS D 332 49.01 -29.28 20.58
C LYS D 332 48.12 -30.26 21.32
N PHE D 333 46.83 -30.22 21.02
CA PHE D 333 45.84 -31.04 21.72
C PHE D 333 45.39 -32.18 20.82
N THR D 334 45.48 -33.40 21.32
CA THR D 334 45.11 -34.60 20.59
C THR D 334 43.96 -35.29 21.32
N ALA D 335 42.93 -35.68 20.57
CA ALA D 335 41.75 -36.29 21.16
C ALA D 335 42.10 -37.66 21.74
N THR D 336 41.70 -37.89 22.99
CA THR D 336 41.93 -39.19 23.61
C THR D 336 41.08 -40.26 22.94
N LYS D 337 39.78 -39.99 22.77
CA LYS D 337 38.89 -40.89 22.07
C LYS D 337 38.92 -40.58 20.57
N LYS D 338 38.41 -41.52 19.78
CA LYS D 338 38.50 -41.41 18.33
C LYS D 338 37.27 -40.75 17.71
N ASP D 339 36.16 -40.68 18.44
CA ASP D 339 34.95 -40.05 17.92
C ASP D 339 35.01 -38.52 17.98
N MET D 340 35.85 -37.98 18.85
CA MET D 340 35.90 -36.53 19.06
C MET D 340 36.23 -35.80 17.76
N SER D 341 35.66 -34.60 17.62
CA SER D 341 35.87 -33.78 16.44
C SER D 341 36.09 -32.33 16.89
N PRO D 342 37.20 -31.70 16.48
CA PRO D 342 38.26 -32.23 15.62
C PRO D 342 39.21 -33.13 16.39
N GLN D 343 39.93 -34.02 15.69
CA GLN D 343 40.83 -34.94 16.38
C GLN D 343 42.02 -34.19 16.98
N LYS D 344 42.64 -33.31 16.19
CA LYS D 344 43.78 -32.53 16.64
C LYS D 344 43.52 -31.05 16.40
N PHE D 345 44.01 -30.22 17.31
CA PHE D 345 43.97 -28.78 17.15
C PHE D 345 45.08 -28.18 18.01
N TRP D 346 45.30 -26.88 17.84
CA TRP D 346 46.41 -26.21 18.50
C TRP D 346 45.90 -25.07 19.39
N GLY D 347 46.58 -24.87 20.50
CA GLY D 347 46.31 -23.76 21.38
C GLY D 347 47.53 -22.88 21.55
N LEU D 348 47.49 -21.68 20.98
CA LEU D 348 48.65 -20.79 20.94
C LEU D 348 48.49 -19.69 21.99
N THR D 349 49.53 -19.48 22.79
CA THR D 349 49.51 -18.38 23.75
C THR D 349 49.67 -17.05 23.04
N ARG D 350 48.90 -16.05 23.50
CA ARG D 350 48.85 -14.76 22.82
C ARG D 350 50.21 -14.06 22.84
N SER D 351 50.96 -14.20 23.93
CA SER D 351 52.22 -13.49 24.07
C SER D 351 53.26 -13.93 23.03
N ALA D 352 53.13 -15.14 22.48
CA ALA D 352 54.12 -15.67 21.55
C ALA D 352 53.78 -15.40 20.09
N LEU D 353 52.71 -14.66 19.80
CA LEU D 353 52.28 -14.44 18.43
C LEU D 353 52.52 -13.01 18.00
N LEU D 354 52.61 -12.81 16.68
CA LEU D 354 52.79 -11.51 16.08
C LEU D 354 51.92 -11.39 14.83
N PRO D 355 50.89 -10.55 14.86
CA PRO D 355 50.06 -10.37 13.65
C PRO D 355 50.82 -9.60 12.58
N THR D 356 50.78 -10.11 11.36
CA THR D 356 51.44 -9.50 10.21
C THR D 356 50.48 -9.45 9.04
N ILE D 357 50.74 -8.51 8.14
CA ILE D 357 49.93 -8.35 6.92
C ILE D 357 50.56 -9.23 5.84
N PRO D 358 49.86 -10.27 5.36
CA PRO D 358 50.34 -11.10 4.25
C PRO D 358 50.54 -10.32 2.95
N SER E 2 48.17 33.58 12.29
CA SER E 2 47.31 32.70 13.08
C SER E 2 46.15 33.48 13.70
N TYR E 3 46.01 34.75 13.30
CA TYR E 3 44.93 35.61 13.75
C TYR E 3 44.07 35.94 12.56
N ASN E 4 42.77 35.60 12.63
CA ASN E 4 41.91 35.65 11.46
C ASN E 4 40.67 36.49 11.74
N TYR E 5 40.02 36.90 10.65
CA TYR E 5 38.86 37.78 10.68
C TYR E 5 37.80 37.17 9.78
N VAL E 6 36.63 36.86 10.34
CA VAL E 6 35.55 36.19 9.62
C VAL E 6 34.36 37.14 9.54
N VAL E 7 33.78 37.25 8.34
CA VAL E 7 32.66 38.14 8.10
C VAL E 7 31.60 37.39 7.29
N THR E 8 30.33 37.66 7.59
CA THR E 8 29.22 37.05 6.87
C THR E 8 28.97 37.82 5.58
N ALA E 9 29.25 37.19 4.44
CA ALA E 9 29.03 37.86 3.16
C ALA E 9 27.59 37.72 2.68
N GLN E 10 26.93 36.62 3.01
CA GLN E 10 25.53 36.40 2.63
C GLN E 10 24.79 35.74 3.78
N LYS E 11 23.66 36.32 4.17
CA LYS E 11 22.87 35.77 5.25
C LYS E 11 22.32 34.40 4.87
N PRO E 12 22.05 33.53 5.84
CA PRO E 12 21.45 32.23 5.54
C PRO E 12 20.09 32.39 4.87
N THR E 13 19.91 31.67 3.76
CA THR E 13 18.71 31.79 2.94
C THR E 13 17.71 30.66 3.17
N ALA E 14 18.08 29.62 3.92
CA ALA E 14 17.21 28.47 4.13
C ALA E 14 16.25 28.75 5.28
N VAL E 15 14.97 28.49 5.06
CA VAL E 15 13.94 28.70 6.07
C VAL E 15 13.75 27.41 6.85
N ASN E 16 13.82 27.51 8.18
CA ASN E 16 13.59 26.37 9.06
C ASN E 16 12.38 26.55 9.97
N GLY E 17 11.77 27.73 9.97
CA GLY E 17 10.59 27.97 10.80
C GLY E 17 9.75 29.07 10.22
N CYS E 18 8.44 28.96 10.40
CA CYS E 18 7.50 29.94 9.88
C CYS E 18 6.22 29.88 10.69
N VAL E 19 5.74 31.04 11.13
CA VAL E 19 4.54 31.13 11.94
C VAL E 19 3.72 32.33 11.50
N THR E 20 2.39 32.21 11.67
CA THR E 20 1.46 33.31 11.44
C THR E 20 0.89 33.75 12.78
N GLY E 21 0.75 35.06 12.95
CA GLY E 21 0.20 35.58 14.18
C GLY E 21 -0.03 37.06 14.11
N HIS E 22 -0.24 37.65 15.29
CA HIS E 22 -0.51 39.08 15.42
C HIS E 22 0.57 39.69 16.32
N PHE E 23 1.80 39.74 15.81
CA PHE E 23 2.94 40.14 16.63
C PHE E 23 3.08 41.65 16.70
N THR E 24 2.99 42.34 15.56
CA THR E 24 3.16 43.79 15.55
C THR E 24 1.97 44.48 16.20
N SER E 25 0.75 44.12 15.77
CA SER E 25 -0.47 44.65 16.37
C SER E 25 -1.58 43.63 16.18
N ALA E 26 -2.57 43.69 17.07
CA ALA E 26 -3.64 42.69 17.07
C ALA E 26 -4.42 42.67 15.75
N GLU E 27 -4.38 43.75 14.97
CA GLU E 27 -5.10 43.83 13.71
C GLU E 27 -4.23 43.52 12.52
N ASP E 28 -2.98 43.13 12.73
CA ASP E 28 -2.06 42.77 11.66
C ASP E 28 -1.88 41.26 11.64
N LEU E 29 -1.86 40.68 10.45
CA LEU E 29 -1.54 39.27 10.26
C LEU E 29 -0.08 39.20 9.85
N ASN E 30 0.78 38.81 10.79
CA ASN E 30 2.22 38.78 10.55
C ASN E 30 2.65 37.40 10.09
N LEU E 31 3.78 37.37 9.38
CA LEU E 31 4.44 36.12 9.00
C LEU E 31 5.89 36.21 9.45
N LEU E 32 6.24 35.47 10.50
CA LEU E 32 7.59 35.45 11.03
C LEU E 32 8.32 34.25 10.45
N ILE E 33 9.54 34.49 9.96
CA ILE E 33 10.33 33.48 9.28
C ILE E 33 11.64 33.30 10.03
N ALA E 34 11.96 32.06 10.36
CA ALA E 34 13.22 31.72 11.00
C ALA E 34 14.20 31.25 9.94
N LYS E 35 15.28 32.02 9.76
CA LYS E 35 16.34 31.70 8.81
C LYS E 35 17.63 31.48 9.59
N ASN E 36 17.69 30.36 10.31
CA ASN E 36 18.80 30.01 11.17
C ASN E 36 19.01 31.08 12.25
N THR E 37 19.88 32.05 11.99
CA THR E 37 20.13 33.12 12.95
C THR E 37 19.28 34.36 12.70
N ARG E 38 18.74 34.52 11.50
CA ARG E 38 17.92 35.68 11.18
C ARG E 38 16.45 35.40 11.48
N LEU E 39 15.71 36.46 11.83
CA LEU E 39 14.27 36.40 12.04
C LEU E 39 13.64 37.54 11.26
N GLU E 40 12.80 37.20 10.28
CA GLU E 40 12.17 38.16 9.39
C GLU E 40 10.70 38.33 9.75
N ILE E 41 10.24 39.58 9.76
CA ILE E 41 8.85 39.92 10.07
C ILE E 41 8.21 40.49 8.82
N TYR E 42 7.10 39.89 8.41
CA TYR E 42 6.31 40.34 7.27
C TYR E 42 4.87 40.61 7.70
N VAL E 43 4.16 41.38 6.88
CA VAL E 43 2.73 41.60 7.06
C VAL E 43 2.01 41.07 5.84
N VAL E 44 1.05 40.16 6.07
CA VAL E 44 0.33 39.52 4.98
C VAL E 44 -0.73 40.49 4.47
N THR E 45 -0.60 40.92 3.23
CA THR E 45 -1.59 41.73 2.54
C THR E 45 -2.16 40.94 1.37
N ALA E 46 -3.31 41.40 0.88
CA ALA E 46 -3.91 40.78 -0.30
C ALA E 46 -3.00 40.89 -1.52
N GLU E 47 -2.04 41.80 -1.49
CA GLU E 47 -1.07 41.97 -2.57
C GLU E 47 0.14 41.05 -2.42
N GLY E 48 0.59 40.84 -1.18
CA GLY E 48 1.72 39.96 -0.92
C GLY E 48 2.25 40.07 0.49
N LEU E 49 3.55 40.29 0.63
CA LEU E 49 4.19 40.44 1.92
C LEU E 49 4.76 41.84 2.05
N ARG E 50 4.60 42.43 3.23
CA ARG E 50 5.16 43.75 3.50
C ARG E 50 6.24 43.64 4.57
N PRO E 51 7.51 43.87 4.23
CA PRO E 51 8.58 43.73 5.23
C PRO E 51 8.51 44.81 6.29
N VAL E 52 8.74 44.39 7.54
CA VAL E 52 8.73 45.28 8.69
C VAL E 52 10.12 45.44 9.29
N LYS E 53 10.71 44.35 9.78
CA LYS E 53 12.02 44.40 10.40
C LYS E 53 12.68 43.04 10.29
N GLU E 54 14.00 43.04 10.07
CA GLU E 54 14.78 41.82 9.99
C GLU E 54 15.92 41.94 10.99
N VAL E 55 15.91 41.10 12.01
CA VAL E 55 16.88 41.15 13.09
C VAL E 55 17.83 39.97 12.98
N GLY E 56 18.99 40.11 13.62
CA GLY E 56 19.96 39.04 13.70
C GLY E 56 20.21 38.63 15.14
N MET E 57 20.04 37.34 15.43
CA MET E 57 20.19 36.83 16.78
C MET E 57 21.56 36.21 16.98
N TYR E 58 21.97 36.13 18.25
CA TYR E 58 23.20 35.45 18.63
C TYR E 58 22.91 33.99 18.99
N GLY E 59 22.32 33.27 18.04
CA GLY E 59 21.96 31.89 18.29
C GLY E 59 21.28 31.28 17.09
N LYS E 60 21.18 29.95 17.13
CA LYS E 60 20.47 29.16 16.13
C LYS E 60 19.06 28.90 16.63
N ILE E 61 18.07 29.53 16.01
CA ILE E 61 16.67 29.42 16.43
C ILE E 61 16.20 27.97 16.31
N ALA E 62 16.03 27.30 17.45
CA ALA E 62 15.54 25.94 17.49
C ALA E 62 14.04 25.84 17.75
N VAL E 63 13.47 26.81 18.46
CA VAL E 63 12.04 26.87 18.74
C VAL E 63 11.56 28.29 18.47
N MET E 64 10.39 28.42 17.86
CA MET E 64 9.83 29.73 17.55
C MET E 64 8.31 29.60 17.55
N GLU E 65 7.66 30.10 18.59
CA GLU E 65 6.22 30.02 18.72
C GLU E 65 5.69 31.35 19.23
N LEU E 66 4.64 31.85 18.59
CA LEU E 66 3.95 33.05 19.03
C LEU E 66 2.84 32.67 20.00
N PHE E 67 2.55 33.57 20.94
CA PHE E 67 1.53 33.30 21.94
C PHE E 67 1.03 34.61 22.53
N ARG E 68 -0.18 34.56 23.08
CA ARG E 68 -0.84 35.70 23.70
C ARG E 68 -1.13 35.33 25.15
N PRO E 69 -0.33 35.81 26.11
CA PRO E 69 -0.53 35.41 27.51
C PRO E 69 -1.82 35.91 28.15
N LYS E 70 -2.78 36.36 27.33
CA LYS E 70 -4.07 36.86 27.77
C LYS E 70 -3.91 38.11 28.62
N GLY E 71 -4.45 39.22 28.15
CA GLY E 71 -4.22 40.50 28.77
C GLY E 71 -3.08 41.28 28.15
N GLU E 72 -2.73 40.96 26.89
CA GLU E 72 -1.66 41.62 26.16
C GLU E 72 -2.24 42.23 24.90
N SER E 73 -1.80 43.46 24.59
CA SER E 73 -2.34 44.16 23.43
C SER E 73 -2.00 43.43 22.12
N LYS E 74 -0.88 42.72 22.09
CA LYS E 74 -0.47 42.01 20.89
C LYS E 74 0.26 40.73 21.31
N ASP E 75 0.62 39.91 20.32
CA ASP E 75 1.25 38.64 20.59
C ASP E 75 2.68 38.82 21.08
N LEU E 76 3.16 37.84 21.84
CA LEU E 76 4.55 37.75 22.25
C LEU E 76 5.19 36.54 21.60
N LEU E 77 6.49 36.64 21.34
CA LEU E 77 7.24 35.60 20.64
C LEU E 77 8.18 34.89 21.62
N PHE E 78 8.20 33.57 21.54
CA PHE E 78 9.10 32.74 22.33
C PHE E 78 10.10 32.07 21.41
N ILE E 79 11.38 32.24 21.71
CA ILE E 79 12.47 31.67 20.91
C ILE E 79 13.40 30.90 21.83
N LEU E 80 13.79 29.71 21.41
CA LEU E 80 14.76 28.89 22.12
C LEU E 80 15.88 28.53 21.16
N THR E 81 17.10 28.92 21.50
CA THR E 81 18.24 28.73 20.61
C THR E 81 18.84 27.33 20.78
N ALA E 82 19.71 26.97 19.85
CA ALA E 82 20.37 25.67 19.91
C ALA E 82 21.24 25.55 21.16
N LYS E 83 21.77 26.66 21.65
CA LYS E 83 22.49 26.69 22.91
C LYS E 83 21.58 26.81 24.13
N TYR E 84 20.30 26.46 23.96
CA TYR E 84 19.32 26.40 25.06
C TYR E 84 19.06 27.78 25.67
N ASN E 85 19.10 28.83 24.85
CA ASN E 85 18.75 30.17 25.29
C ASN E 85 17.28 30.42 24.98
N ALA E 86 16.45 30.41 26.02
CA ALA E 86 15.03 30.73 25.88
C ALA E 86 14.80 32.20 26.17
N CYS E 87 13.80 32.77 25.49
CA CYS E 87 13.49 34.19 25.68
C CYS E 87 12.10 34.48 25.13
N ILE E 88 11.47 35.52 25.70
CA ILE E 88 10.19 36.02 25.25
C ILE E 88 10.38 37.44 24.74
N LEU E 89 9.92 37.69 23.52
CA LEU E 89 10.16 38.96 22.84
C LEU E 89 8.85 39.71 22.61
N GLU E 90 8.99 41.00 22.30
CA GLU E 90 7.85 41.87 22.09
C GLU E 90 8.19 42.90 21.02
N TYR E 91 7.22 43.22 20.17
CA TYR E 91 7.38 44.22 19.12
C TYR E 91 7.12 45.62 19.67
N LYS E 92 8.07 46.53 19.45
CA LYS E 92 7.97 47.92 19.89
C LYS E 92 8.35 48.83 18.73
N GLN E 93 7.42 49.70 18.33
CA GLN E 93 7.66 50.70 17.29
C GLN E 93 7.41 52.08 17.88
N SER E 94 8.49 52.80 18.18
CA SER E 94 8.41 54.13 18.80
C SER E 94 8.89 55.18 17.80
N GLY E 95 7.97 55.67 16.98
CA GLY E 95 8.31 56.66 15.96
C GLY E 95 8.84 56.03 14.69
N GLU E 96 10.10 56.30 14.37
CA GLU E 96 10.75 55.67 13.23
C GLU E 96 11.61 54.48 13.62
N SER E 97 11.91 54.32 14.91
CA SER E 97 12.72 53.20 15.37
C SER E 97 11.85 51.95 15.52
N ILE E 98 12.35 50.82 15.01
CA ILE E 98 11.69 49.53 15.16
C ILE E 98 12.66 48.63 15.90
N ASP E 99 12.27 48.21 17.10
CA ASP E 99 13.15 47.42 17.97
C ASP E 99 12.32 46.38 18.72
N ILE E 100 12.82 45.14 18.73
CA ILE E 100 12.19 44.04 19.45
C ILE E 100 12.86 43.93 20.81
N ILE E 101 12.10 44.20 21.87
CA ILE E 101 12.65 44.17 23.22
C ILE E 101 12.45 42.78 23.82
N THR E 102 13.28 42.46 24.80
CA THR E 102 13.25 41.16 25.46
C THR E 102 12.45 41.28 26.76
N ARG E 103 11.32 40.57 26.83
CA ARG E 103 10.52 40.57 28.05
C ARG E 103 11.14 39.65 29.10
N ALA E 104 11.46 38.41 28.71
CA ALA E 104 12.08 37.45 29.60
C ALA E 104 13.17 36.73 28.83
N HIS E 105 14.17 36.22 29.57
CA HIS E 105 15.28 35.51 28.94
C HIS E 105 15.97 34.65 29.98
N GLY E 106 16.52 33.52 29.52
CA GLY E 106 17.21 32.61 30.41
C GLY E 106 17.75 31.44 29.61
N ASN E 107 18.65 30.70 30.26
CA ASN E 107 19.28 29.53 29.66
C ASN E 107 18.77 28.30 30.40
N VAL E 108 17.89 27.53 29.76
CA VAL E 108 17.22 26.41 30.39
C VAL E 108 18.02 25.11 30.18
N GLN E 109 19.33 25.22 30.18
CA GLN E 109 20.20 24.07 29.98
C GLN E 109 20.46 23.33 31.29
N ASP E 110 20.60 22.01 31.18
CA ASP E 110 21.01 21.18 32.29
C ASP E 110 22.41 20.66 31.99
N ARG E 111 23.32 20.79 32.96
CA ARG E 111 24.70 20.39 32.74
C ARG E 111 24.82 18.91 32.40
N ILE E 112 23.97 18.07 32.98
CA ILE E 112 23.91 16.65 32.68
C ILE E 112 22.62 16.38 31.91
N GLY E 113 22.63 15.31 31.12
CA GLY E 113 21.46 14.95 30.34
C GLY E 113 21.74 14.61 28.89
N ARG E 114 21.11 13.54 28.40
CA ARG E 114 21.32 13.09 27.03
C ARG E 114 20.31 13.74 26.10
N PRO E 115 20.73 14.55 25.14
CA PRO E 115 19.80 15.15 24.18
C PRO E 115 19.07 14.09 23.35
N SER E 116 17.75 14.17 23.35
CA SER E 116 16.92 13.18 22.67
C SER E 116 17.17 13.20 21.16
N GLU E 117 17.07 12.02 20.54
CA GLU E 117 17.33 11.89 19.11
C GLU E 117 16.31 12.62 18.24
N THR E 118 15.14 12.95 18.77
CA THR E 118 14.10 13.61 17.99
C THR E 118 14.26 15.13 17.99
N GLY E 119 15.35 15.65 18.54
CA GLY E 119 15.61 17.07 18.50
C GLY E 119 14.89 17.83 19.60
N ILE E 120 15.02 19.15 19.54
CA ILE E 120 14.40 20.02 20.51
C ILE E 120 12.92 20.19 20.16
N ILE E 121 12.06 20.07 21.16
CA ILE E 121 10.62 20.23 20.97
C ILE E 121 10.14 21.33 21.90
N GLY E 122 9.52 22.35 21.32
CA GLY E 122 8.95 23.43 22.10
C GLY E 122 7.47 23.61 21.86
N ILE E 123 6.65 23.30 22.86
CA ILE E 123 5.21 23.41 22.77
C ILE E 123 4.70 24.29 23.90
N ILE E 124 3.59 24.98 23.66
CA ILE E 124 3.01 25.92 24.61
C ILE E 124 1.57 25.52 24.87
N ASP E 125 1.16 25.62 26.13
CA ASP E 125 -0.20 25.28 26.51
C ASP E 125 -1.19 26.19 25.79
N PRO E 126 -2.29 25.64 25.27
CA PRO E 126 -3.27 26.48 24.56
C PRO E 126 -3.82 27.63 25.39
N GLU E 127 -3.98 27.45 26.70
CA GLU E 127 -4.40 28.53 27.59
C GLU E 127 -3.23 29.33 28.11
N CYS E 128 -2.04 29.17 27.53
CA CYS E 128 -0.84 29.93 27.89
C CYS E 128 -0.54 29.82 29.39
N ARG E 129 -0.40 28.58 29.83
CA ARG E 129 -0.03 28.28 31.21
C ARG E 129 1.44 27.96 31.39
N MET E 130 2.05 27.29 30.42
CA MET E 130 3.44 26.86 30.55
C MET E 130 4.05 26.72 29.16
N ILE E 131 5.38 26.69 29.13
CA ILE E 131 6.14 26.37 27.93
C ILE E 131 6.83 25.04 28.19
N GLY E 132 6.35 23.99 27.51
CA GLY E 132 6.94 22.67 27.67
C GLY E 132 8.11 22.48 26.72
N LEU E 133 9.22 21.98 27.26
CA LEU E 133 10.43 21.74 26.49
C LEU E 133 10.88 20.30 26.69
N ARG E 134 11.15 19.61 25.58
CA ARG E 134 11.68 18.25 25.60
C ARG E 134 13.10 18.32 25.06
N LEU E 135 14.04 18.63 25.95
CA LEU E 135 15.44 18.77 25.59
C LEU E 135 16.22 17.48 25.78
N TYR E 136 16.00 16.79 26.90
CA TYR E 136 16.74 15.59 27.23
C TYR E 136 15.77 14.42 27.43
N ASP E 137 16.28 13.22 27.19
CA ASP E 137 15.45 12.02 27.29
C ASP E 137 15.04 11.76 28.73
N GLY E 138 13.77 11.39 28.93
CA GLY E 138 13.26 11.08 30.24
C GLY E 138 12.98 12.27 31.12
N LEU E 139 13.11 13.49 30.61
CA LEU E 139 12.86 14.70 31.38
C LEU E 139 12.07 15.68 30.53
N PHE E 140 11.09 16.33 31.15
CA PHE E 140 10.21 17.28 30.48
C PHE E 140 10.28 18.61 31.23
N LYS E 141 11.07 19.54 30.71
CA LYS E 141 11.24 20.84 31.35
C LYS E 141 9.96 21.66 31.20
N VAL E 142 9.57 22.35 32.28
CA VAL E 142 8.35 23.14 32.32
C VAL E 142 8.71 24.55 32.77
N ILE E 143 8.50 25.53 31.89
CA ILE E 143 8.71 26.94 32.20
C ILE E 143 7.35 27.55 32.53
N PRO E 144 7.04 27.81 33.79
CA PRO E 144 5.74 28.44 34.12
C PRO E 144 5.71 29.88 33.65
N LEU E 145 4.52 30.30 33.20
CA LEU E 145 4.33 31.63 32.64
C LEU E 145 3.59 32.51 33.63
N ASP E 146 4.32 33.46 34.23
CA ASP E 146 3.76 34.49 35.09
C ASP E 146 4.77 35.63 35.14
N ARG E 147 4.25 36.84 35.38
CA ARG E 147 5.10 38.03 35.33
C ARG E 147 6.21 38.02 36.37
N ASP E 148 6.13 37.16 37.38
CA ASP E 148 7.21 37.05 38.35
C ASP E 148 8.22 35.97 37.98
N ASN E 149 8.22 35.52 36.72
CA ASN E 149 9.24 34.60 36.23
C ASN E 149 10.09 35.30 35.17
N LYS E 150 10.75 36.40 35.55
CA LYS E 150 11.48 37.20 34.57
C LYS E 150 12.69 36.44 34.02
N GLU E 151 13.36 35.67 34.88
CA GLU E 151 14.54 34.91 34.48
C GLU E 151 14.21 33.58 33.83
N LEU E 152 12.92 33.30 33.58
CA LEU E 152 12.48 32.05 32.95
C LEU E 152 12.97 30.83 33.73
N LYS E 153 12.66 30.82 35.03
CA LYS E 153 12.97 29.67 35.87
C LYS E 153 12.08 28.49 35.49
N ALA E 154 12.65 27.29 35.51
CA ALA E 154 11.95 26.10 35.05
C ALA E 154 12.18 24.96 36.03
N PHE E 155 11.54 23.83 35.75
CA PHE E 155 11.68 22.63 36.56
C PHE E 155 11.32 21.42 35.72
N ASN E 156 12.08 20.34 35.89
CA ASN E 156 11.91 19.12 35.11
C ASN E 156 11.02 18.12 35.85
N ILE E 157 10.30 17.32 35.07
CA ILE E 157 9.48 16.24 35.58
C ILE E 157 9.97 14.94 34.97
N ARG E 158 10.02 13.88 35.79
CA ARG E 158 10.55 12.60 35.33
C ARG E 158 9.58 11.94 34.36
N LEU E 159 10.10 11.48 33.22
CA LEU E 159 9.32 10.80 32.20
C LEU E 159 9.69 9.33 32.20
N GLU E 160 8.72 8.48 32.55
CA GLU E 160 8.95 7.04 32.51
C GLU E 160 9.21 6.56 31.08
N GLU E 161 8.60 7.21 30.09
CA GLU E 161 8.86 6.90 28.69
C GLU E 161 10.10 7.64 28.24
N LEU E 162 11.01 6.91 27.58
CA LEU E 162 12.32 7.45 27.24
C LEU E 162 12.42 7.92 25.79
N HIS E 163 11.89 7.16 24.85
CA HIS E 163 11.98 7.50 23.43
C HIS E 163 10.69 8.19 23.01
N VAL E 164 10.67 9.52 23.09
CA VAL E 164 9.51 10.32 22.72
C VAL E 164 9.74 10.84 21.30
N ILE E 165 8.84 10.50 20.39
CA ILE E 165 8.98 10.92 19.00
C ILE E 165 8.49 12.35 18.82
N ASP E 166 7.24 12.61 19.18
CA ASP E 166 6.64 13.92 19.05
C ASP E 166 5.61 14.11 20.15
N VAL E 167 5.48 15.34 20.62
CA VAL E 167 4.58 15.67 21.72
C VAL E 167 3.92 17.01 21.42
N LYS E 168 2.62 17.11 21.73
CA LYS E 168 1.86 18.33 21.52
C LYS E 168 0.88 18.51 22.67
N PHE E 169 0.49 19.76 22.90
CA PHE E 169 -0.55 20.05 23.88
C PHE E 169 -1.93 19.82 23.26
N LEU E 170 -2.86 19.37 24.09
CA LEU E 170 -4.21 19.06 23.62
C LEU E 170 -5.15 20.23 23.87
N TYR E 171 -6.15 20.35 22.99
CA TYR E 171 -7.18 21.37 23.10
C TYR E 171 -8.40 20.82 23.85
N GLY E 172 -9.18 21.74 24.40
CA GLY E 172 -10.43 21.42 25.07
C GLY E 172 -10.31 20.39 26.17
N CYS E 173 -9.48 20.68 27.17
CA CYS E 173 -9.29 19.80 28.32
C CYS E 173 -9.35 20.63 29.59
N GLN E 174 -9.71 19.96 30.70
CA GLN E 174 -9.86 20.66 31.96
C GLN E 174 -8.53 21.22 32.47
N ALA E 175 -7.46 20.44 32.37
CA ALA E 175 -6.14 20.82 32.85
C ALA E 175 -5.13 20.62 31.73
N PRO E 176 -3.98 21.28 31.81
CA PRO E 176 -2.94 21.09 30.78
C PRO E 176 -2.66 19.61 30.53
N THR E 177 -2.74 19.23 29.26
CA THR E 177 -2.60 17.83 28.85
C THR E 177 -1.65 17.75 27.67
N ILE E 178 -0.61 16.94 27.82
CA ILE E 178 0.32 16.68 26.73
C ILE E 178 -0.04 15.35 26.09
N CYS E 179 0.24 15.23 24.79
CA CYS E 179 -0.04 14.03 24.03
C CYS E 179 1.19 13.70 23.19
N PHE E 180 1.76 12.52 23.39
CA PHE E 180 3.02 12.18 22.78
C PHE E 180 2.97 10.76 22.23
N VAL E 181 3.83 10.49 21.26
CA VAL E 181 4.01 9.16 20.68
C VAL E 181 5.39 8.68 21.12
N TYR E 182 5.42 7.54 21.79
CA TYR E 182 6.67 6.98 22.30
C TYR E 182 6.89 5.60 21.72
N GLN E 183 8.16 5.19 21.68
CA GLN E 183 8.56 3.89 21.17
C GLN E 183 9.00 3.02 22.34
N ASP E 184 8.54 1.77 22.34
CA ASP E 184 8.84 0.83 23.41
C ASP E 184 9.43 -0.39 22.72
N PRO E 185 10.03 -1.35 23.44
CA PRO E 185 10.36 -2.62 22.79
C PRO E 185 9.13 -3.30 22.20
N GLN E 186 7.95 -3.06 22.77
CA GLN E 186 6.69 -3.57 22.25
C GLN E 186 6.17 -2.77 21.06
N GLY E 187 6.87 -1.73 20.64
CA GLY E 187 6.48 -0.91 19.51
C GLY E 187 6.20 0.52 19.92
N ARG E 188 5.57 1.25 19.00
CA ARG E 188 5.23 2.65 19.22
C ARG E 188 3.78 2.78 19.68
N HIS E 189 3.55 3.64 20.67
CA HIS E 189 2.24 3.82 21.28
C HIS E 189 1.96 5.31 21.42
N VAL E 190 0.74 5.62 21.85
CA VAL E 190 0.31 6.99 22.12
C VAL E 190 -0.19 7.05 23.55
N LYS E 191 0.26 8.06 24.29
CA LYS E 191 -0.06 8.20 25.70
C LYS E 191 -0.26 9.68 26.01
N THR E 192 -1.02 9.94 27.08
CA THR E 192 -1.30 11.30 27.53
C THR E 192 -1.07 11.40 29.02
N TYR E 193 -0.46 12.50 29.44
CA TYR E 193 -0.24 12.81 30.85
C TYR E 193 -0.83 14.18 31.15
N GLU E 194 -1.48 14.30 32.30
CA GLU E 194 -2.00 15.59 32.74
C GLU E 194 -0.94 16.28 33.59
N VAL E 195 -0.50 17.45 33.15
CA VAL E 195 0.57 18.18 33.82
C VAL E 195 -0.04 19.07 34.91
N SER E 196 0.48 18.96 36.12
CA SER E 196 0.04 19.76 37.26
C SER E 196 1.20 20.63 37.71
N LEU E 197 1.11 21.94 37.44
CA LEU E 197 2.19 22.85 37.80
C LEU E 197 2.32 23.04 39.30
N ARG E 198 1.26 22.76 40.07
CA ARG E 198 1.33 22.91 41.52
C ARG E 198 2.10 21.76 42.16
N GLU E 199 1.78 20.53 41.78
CA GLU E 199 2.48 19.36 42.30
C GLU E 199 3.78 19.08 41.56
N LYS E 200 4.03 19.75 40.44
CA LYS E 200 5.24 19.57 39.64
C LYS E 200 5.45 18.10 39.26
N GLU E 201 4.38 17.47 38.79
CA GLU E 201 4.41 16.06 38.44
C GLU E 201 3.35 15.77 37.38
N PHE E 202 3.45 14.60 36.77
CA PHE E 202 2.47 14.15 35.78
C PHE E 202 1.33 13.42 36.48
N ASN E 203 0.12 13.60 35.96
CA ASN E 203 -1.06 12.91 36.46
C ASN E 203 -1.73 12.15 35.32
N LYS E 204 -2.68 11.29 35.69
CA LYS E 204 -3.35 10.44 34.72
C LYS E 204 -4.10 11.28 33.70
N GLY E 205 -3.79 11.05 32.42
CA GLY E 205 -4.40 11.79 31.34
C GLY E 205 -5.84 11.39 31.12
N PRO E 206 -6.46 12.01 30.11
CA PRO E 206 -7.89 11.73 29.86
C PRO E 206 -8.13 10.35 29.25
N TRP E 207 -7.21 9.84 28.44
CA TRP E 207 -7.38 8.55 27.80
C TRP E 207 -6.02 7.87 27.65
N LYS E 208 -6.00 6.55 27.80
CA LYS E 208 -4.79 5.75 27.80
C LYS E 208 -4.92 4.61 26.79
N GLN E 209 -4.55 4.89 25.54
CA GLN E 209 -4.49 3.90 24.47
C GLN E 209 -3.06 3.33 24.42
N GLU E 210 -2.66 2.81 23.27
CA GLU E 210 -1.36 2.16 23.12
C GLU E 210 -0.97 2.04 21.65
N ASN E 211 -0.79 0.81 21.18
CA ASN E 211 -0.29 0.49 19.83
C ASN E 211 -0.81 1.42 18.72
N VAL E 212 0.01 2.40 18.37
CA VAL E 212 -0.23 3.27 17.22
C VAL E 212 0.63 2.73 16.09
N GLU E 213 0.58 3.35 14.91
CA GLU E 213 1.33 2.85 13.75
C GLU E 213 2.81 2.70 14.07
N ALA E 214 3.39 1.60 13.55
CA ALA E 214 4.80 1.31 13.77
C ALA E 214 5.73 2.46 13.37
N GLU E 215 5.28 3.34 12.47
CA GLU E 215 6.07 4.49 12.02
C GLU E 215 5.31 5.79 12.30
N ALA E 216 4.66 5.87 13.45
CA ALA E 216 3.98 7.10 13.84
C ALA E 216 5.01 8.17 14.21
N SER E 217 4.91 9.33 13.57
CA SER E 217 5.92 10.36 13.71
C SER E 217 5.38 11.77 13.87
N MET E 218 4.07 11.96 13.89
CA MET E 218 3.50 13.31 13.91
C MET E 218 2.27 13.35 14.81
N VAL E 219 2.21 14.37 15.66
CA VAL E 219 1.06 14.64 16.52
C VAL E 219 0.46 15.98 16.10
N ILE E 220 -0.86 16.01 15.91
CA ILE E 220 -1.57 17.23 15.54
C ILE E 220 -2.65 17.49 16.58
N ALA E 221 -2.64 18.70 17.14
CA ALA E 221 -3.64 19.11 18.12
C ALA E 221 -4.87 19.64 17.41
N VAL E 222 -6.00 18.96 17.58
CA VAL E 222 -7.25 19.37 16.94
C VAL E 222 -7.94 20.40 17.81
N PRO E 223 -8.37 21.54 17.25
CA PRO E 223 -9.01 22.59 18.06
C PRO E 223 -10.29 22.15 18.77
N GLU E 224 -10.84 23.06 19.56
CA GLU E 224 -11.98 22.79 20.44
C GLU E 224 -13.15 22.05 19.79
N PRO E 225 -13.66 22.44 18.60
CA PRO E 225 -14.86 21.76 18.09
C PRO E 225 -14.76 20.25 17.99
N PHE E 226 -13.63 19.70 17.53
CA PHE E 226 -13.42 18.26 17.50
C PHE E 226 -12.63 17.78 18.72
N GLY E 227 -11.42 18.27 18.88
CA GLY E 227 -10.56 17.83 19.96
C GLY E 227 -9.77 16.59 19.61
N GLY E 228 -8.92 16.19 20.55
CA GLY E 228 -8.11 15.00 20.36
C GLY E 228 -6.84 15.29 19.59
N ALA E 229 -6.27 14.22 19.03
CA ALA E 229 -5.01 14.32 18.31
C ALA E 229 -5.08 13.46 17.05
N ILE E 230 -4.42 13.94 16.00
CA ILE E 230 -4.28 13.20 14.75
C ILE E 230 -2.84 12.73 14.66
N ILE E 231 -2.66 11.43 14.50
CA ILE E 231 -1.33 10.81 14.46
C ILE E 231 -1.06 10.42 13.02
N ILE E 232 -0.24 11.21 12.34
CA ILE E 232 0.13 10.94 10.95
C ILE E 232 1.35 10.04 10.96
N GLY E 233 1.21 8.84 10.39
CA GLY E 233 2.28 7.89 10.28
C GLY E 233 2.79 7.75 8.87
N GLN E 234 3.52 6.66 8.62
CA GLN E 234 4.06 6.41 7.29
C GLN E 234 2.95 6.20 6.27
N GLU E 235 1.99 5.32 6.60
CA GLU E 235 0.94 4.97 5.65
C GLU E 235 -0.48 5.12 6.20
N SER E 236 -0.65 5.47 7.47
CA SER E 236 -1.98 5.57 8.07
C SER E 236 -2.10 6.84 8.89
N ILE E 237 -3.28 7.47 8.83
CA ILE E 237 -3.61 8.63 9.65
C ILE E 237 -4.68 8.18 10.64
N THR E 238 -4.35 8.20 11.93
CA THR E 238 -5.23 7.75 12.99
C THR E 238 -5.67 8.94 13.84
N TYR E 239 -6.93 8.90 14.28
CA TYR E 239 -7.49 9.90 15.18
C TYR E 239 -7.75 9.28 16.54
N HIS E 240 -7.24 9.91 17.59
CA HIS E 240 -7.38 9.41 18.96
C HIS E 240 -8.03 10.49 19.80
N ASN E 241 -9.19 10.19 20.37
CA ASN E 241 -9.87 11.14 21.24
C ASN E 241 -10.88 10.42 22.14
N GLY E 242 -10.39 9.73 23.16
CA GLY E 242 -11.27 9.00 24.06
C GLY E 242 -11.76 7.71 23.44
N ASP E 243 -13.08 7.51 23.49
CA ASP E 243 -13.69 6.26 23.03
C ASP E 243 -14.05 6.29 21.55
N LYS E 244 -13.61 7.31 20.81
CA LYS E 244 -13.87 7.44 19.38
C LYS E 244 -12.58 7.16 18.62
N TYR E 245 -12.49 5.98 18.00
CA TYR E 245 -11.29 5.55 17.29
C TYR E 245 -11.56 5.57 15.79
N LEU E 246 -10.83 6.41 15.06
CA LEU E 246 -10.90 6.45 13.61
C LEU E 246 -9.50 6.28 13.03
N ALA E 247 -9.41 5.55 11.92
CA ALA E 247 -8.14 5.25 11.29
C ALA E 247 -8.34 5.10 9.80
N ILE E 248 -7.73 5.99 9.02
CA ILE E 248 -7.75 5.93 7.56
C ILE E 248 -6.36 5.60 7.06
N ALA E 249 -6.29 4.81 5.99
CA ALA E 249 -5.04 4.45 5.33
C ALA E 249 -5.13 4.84 3.87
N PRO E 250 -5.03 6.13 3.56
CA PRO E 250 -5.17 6.58 2.17
C PRO E 250 -4.00 6.11 1.32
N PRO E 251 -4.27 5.45 0.20
CA PRO E 251 -3.18 5.04 -0.70
C PRO E 251 -2.47 6.21 -1.36
N ILE E 252 -3.10 7.38 -1.42
CA ILE E 252 -2.55 8.53 -2.14
C ILE E 252 -1.25 9.03 -1.54
N ILE E 253 -0.99 8.73 -0.26
CA ILE E 253 0.19 9.26 0.42
C ILE E 253 1.37 8.28 0.46
N LYS E 254 1.13 6.99 0.19
CA LYS E 254 2.15 5.95 0.37
C LYS E 254 3.45 6.22 -0.38
N GLN E 255 3.43 7.01 -1.46
CA GLN E 255 4.65 7.22 -2.23
C GLN E 255 5.76 7.85 -1.42
N SER E 256 5.42 8.75 -0.48
CA SER E 256 6.42 9.40 0.34
C SER E 256 5.86 9.61 1.75
N THR E 257 6.73 10.03 2.66
CA THR E 257 6.38 10.21 4.06
C THR E 257 6.08 11.68 4.34
N ILE E 258 4.98 11.94 5.05
CA ILE E 258 4.60 13.30 5.37
C ILE E 258 5.53 13.84 6.44
N VAL E 259 6.03 15.06 6.25
CA VAL E 259 7.07 15.63 7.10
C VAL E 259 6.70 17.00 7.65
N CYS E 260 5.55 17.56 7.27
CA CYS E 260 5.14 18.85 7.79
C CYS E 260 3.62 18.96 7.71
N HIS E 261 3.05 19.74 8.63
CA HIS E 261 1.61 19.94 8.71
C HIS E 261 1.34 21.37 9.14
N ASN E 262 0.14 21.86 8.82
CA ASN E 262 -0.27 23.19 9.24
C ASN E 262 -1.79 23.29 9.22
N ARG E 263 -2.34 23.97 10.23
CA ARG E 263 -3.76 24.22 10.29
C ARG E 263 -4.16 25.34 9.34
N VAL E 264 -5.27 25.15 8.63
CA VAL E 264 -5.77 26.14 7.70
C VAL E 264 -6.81 27.00 8.42
N ASP E 265 -7.97 26.42 8.70
CA ASP E 265 -9.04 27.13 9.36
C ASP E 265 -8.83 27.14 10.88
N PRO E 266 -9.31 28.19 11.57
CA PRO E 266 -9.03 28.28 13.01
C PRO E 266 -9.73 27.23 13.85
N ASN E 267 -10.75 26.57 13.34
CA ASN E 267 -11.46 25.53 14.08
C ASN E 267 -10.99 24.13 13.69
N GLY E 268 -9.91 24.02 12.93
CA GLY E 268 -9.28 22.75 12.65
C GLY E 268 -10.11 21.73 11.87
N SER E 269 -10.49 22.08 10.65
CA SER E 269 -11.16 21.16 9.73
C SER E 269 -10.32 20.82 8.51
N ARG E 270 -9.49 21.75 8.04
CA ARG E 270 -8.57 21.50 6.94
C ARG E 270 -7.14 21.58 7.43
N TYR E 271 -6.29 20.71 6.89
CA TYR E 271 -4.87 20.67 7.22
C TYR E 271 -4.05 20.56 5.94
N LEU E 272 -2.83 21.07 5.98
CA LEU E 272 -1.92 21.09 4.84
C LEU E 272 -0.75 20.17 5.16
N LEU E 273 -0.70 19.02 4.49
CA LEU E 273 0.35 18.04 4.69
C LEU E 273 1.28 18.01 3.49
N GLY E 274 2.58 17.88 3.76
CA GLY E 274 3.57 17.78 2.72
C GLY E 274 4.52 16.62 2.97
N ASP E 275 5.00 16.03 1.88
CA ASP E 275 5.94 14.92 1.93
C ASP E 275 7.32 15.37 1.48
N MET E 276 8.28 14.45 1.55
CA MET E 276 9.65 14.78 1.19
C MET E 276 9.79 15.12 -0.28
N GLU E 277 8.96 14.52 -1.14
CA GLU E 277 9.04 14.77 -2.57
C GLU E 277 8.45 16.10 -2.99
N GLY E 278 7.86 16.86 -2.07
CA GLY E 278 7.34 18.18 -2.39
C GLY E 278 5.89 18.25 -2.76
N ARG E 279 5.09 17.26 -2.38
CA ARG E 279 3.67 17.26 -2.68
C ARG E 279 2.89 17.90 -1.53
N LEU E 280 1.77 18.54 -1.88
CA LEU E 280 0.91 19.20 -0.91
C LEU E 280 -0.43 18.47 -0.83
N PHE E 281 -0.85 18.18 0.39
CA PHE E 281 -2.08 17.43 0.62
C PHE E 281 -3.06 18.28 1.45
N MET E 282 -4.32 17.86 1.47
CA MET E 282 -5.36 18.54 2.23
C MET E 282 -6.09 17.52 3.08
N LEU E 283 -5.85 17.56 4.39
CA LEU E 283 -6.53 16.68 5.34
C LEU E 283 -7.84 17.34 5.76
N LEU E 284 -8.94 16.82 5.22
CA LEU E 284 -10.28 17.34 5.49
C LEU E 284 -10.93 16.49 6.59
N LEU E 285 -11.34 17.15 7.68
CA LEU E 285 -11.96 16.48 8.81
C LEU E 285 -13.48 16.52 8.67
N GLU E 286 -14.07 15.36 8.35
CA GLU E 286 -15.51 15.23 8.26
C GLU E 286 -16.15 15.19 9.64
N LYS E 287 -17.29 15.87 9.79
CA LYS E 287 -17.95 16.01 11.06
C LYS E 287 -19.35 15.40 11.01
N GLU E 288 -19.99 15.31 12.17
CA GLU E 288 -21.36 14.80 12.28
C GLU E 288 -21.99 15.43 13.50
N GLU E 289 -22.96 16.31 13.28
CA GLU E 289 -23.65 17.00 14.36
C GLU E 289 -24.96 16.28 14.72
N GLN E 290 -25.37 16.44 15.97
CA GLN E 290 -26.56 15.80 16.52
C GLN E 290 -27.53 16.87 17.00
N MET E 291 -28.63 16.41 17.59
CA MET E 291 -29.62 17.33 18.12
C MET E 291 -29.10 18.06 19.36
N ASP E 292 -28.26 17.39 20.15
CA ASP E 292 -27.63 18.03 21.29
C ASP E 292 -26.47 18.93 20.92
N GLY E 293 -26.13 19.02 19.63
CA GLY E 293 -25.09 19.91 19.16
C GLY E 293 -23.70 19.34 19.11
N THR E 294 -23.49 18.13 19.64
CA THR E 294 -22.16 17.53 19.65
C THR E 294 -21.69 17.24 18.24
N VAL E 295 -20.60 17.88 17.83
CA VAL E 295 -19.99 17.62 16.53
C VAL E 295 -18.92 16.56 16.73
N THR E 296 -19.16 15.36 16.20
CA THR E 296 -18.24 14.25 16.33
C THR E 296 -17.61 13.95 14.98
N LEU E 297 -16.31 13.66 15.00
CA LEU E 297 -15.60 13.37 13.76
C LEU E 297 -16.14 12.10 13.13
N LYS E 298 -16.50 12.19 11.86
CA LYS E 298 -17.13 11.08 11.14
C LYS E 298 -16.13 10.32 10.26
N ASP E 299 -15.32 11.05 9.49
CA ASP E 299 -14.37 10.43 8.59
C ASP E 299 -13.16 11.34 8.42
N LEU E 300 -12.11 10.79 7.85
CA LEU E 300 -10.88 11.51 7.56
C LEU E 300 -10.60 11.39 6.06
N ARG E 301 -10.54 12.52 5.37
CA ARG E 301 -10.32 12.56 3.94
C ARG E 301 -8.99 13.23 3.62
N VAL E 302 -8.34 12.76 2.55
CA VAL E 302 -7.08 13.32 2.09
C VAL E 302 -7.20 13.53 0.58
N GLU E 303 -6.95 14.76 0.13
CA GLU E 303 -7.00 15.10 -1.29
C GLU E 303 -5.71 15.81 -1.65
N LEU E 304 -5.02 15.28 -2.67
CA LEU E 304 -3.78 15.89 -3.13
C LEU E 304 -4.08 17.17 -3.90
N LEU E 305 -3.53 18.29 -3.44
CA LEU E 305 -3.79 19.59 -4.06
C LEU E 305 -2.86 19.86 -5.23
N GLY E 306 -1.59 19.51 -5.11
CA GLY E 306 -0.64 19.74 -6.19
C GLY E 306 0.78 19.49 -5.73
N GLU E 307 1.70 20.29 -6.28
CA GLU E 307 3.12 20.14 -5.98
C GLU E 307 3.73 21.51 -5.73
N THR E 308 4.25 21.70 -4.53
CA THR E 308 5.03 22.86 -4.14
C THR E 308 6.51 22.47 -4.13
N SER E 309 7.35 23.30 -3.52
CA SER E 309 8.75 22.93 -3.36
C SER E 309 8.91 22.06 -2.12
N ILE E 310 10.05 21.39 -2.03
CA ILE E 310 10.30 20.49 -0.91
C ILE E 310 10.21 21.27 0.39
N ALA E 311 9.09 21.10 1.10
CA ALA E 311 8.74 21.98 2.21
C ALA E 311 9.37 21.50 3.51
N GLU E 312 10.09 22.40 4.18
CA GLU E 312 10.52 22.15 5.54
C GLU E 312 9.44 22.54 6.53
N CYS E 313 8.97 23.77 6.46
CA CYS E 313 7.82 24.23 7.23
C CYS E 313 6.71 24.65 6.28
N LEU E 314 5.49 24.67 6.81
CA LEU E 314 4.32 25.08 6.05
C LEU E 314 3.44 25.94 6.93
N THR E 315 2.85 26.98 6.35
CA THR E 315 1.94 27.84 7.08
C THR E 315 0.95 28.46 6.11
N TYR E 316 -0.33 28.42 6.50
CA TYR E 316 -1.39 29.05 5.73
C TYR E 316 -1.53 30.50 6.18
N LEU E 317 -1.53 31.42 5.22
CA LEU E 317 -1.71 32.83 5.53
C LEU E 317 -3.19 33.15 5.60
N ASP E 318 -3.77 33.55 4.48
CA ASP E 318 -5.21 33.83 4.41
C ASP E 318 -5.59 33.92 2.93
N ASN E 319 -6.83 33.49 2.64
CA ASN E 319 -7.40 33.56 1.30
C ASN E 319 -6.54 32.79 0.29
N GLY E 320 -6.32 31.51 0.60
CA GLY E 320 -5.66 30.59 -0.32
C GLY E 320 -4.15 30.64 -0.34
N VAL E 321 -3.56 31.82 -0.10
CA VAL E 321 -2.11 31.97 -0.19
C VAL E 321 -1.45 31.21 0.96
N VAL E 322 -0.46 30.39 0.62
CA VAL E 322 0.27 29.58 1.59
C VAL E 322 1.76 29.83 1.39
N PHE E 323 2.48 30.05 2.48
CA PHE E 323 3.93 30.21 2.43
C PHE E 323 4.59 28.85 2.60
N VAL E 324 5.43 28.48 1.65
CA VAL E 324 6.11 27.19 1.65
C VAL E 324 7.57 27.47 1.99
N GLY E 325 7.95 27.26 3.25
CA GLY E 325 9.33 27.40 3.65
C GLY E 325 10.09 26.14 3.27
N SER E 326 11.28 26.32 2.69
CA SER E 326 12.05 25.20 2.15
C SER E 326 13.50 25.33 2.56
N ARG E 327 14.10 24.20 2.94
CA ARG E 327 15.53 24.12 3.19
C ARG E 327 16.31 23.64 1.96
N LEU E 328 15.70 22.78 1.15
CA LEU E 328 16.37 22.21 -0.01
C LEU E 328 16.26 23.10 -1.25
N GLY E 329 15.19 23.87 -1.37
CA GLY E 329 15.00 24.69 -2.55
C GLY E 329 14.43 26.05 -2.25
N ASP E 330 13.99 26.75 -3.30
CA ASP E 330 13.45 28.10 -3.14
C ASP E 330 12.13 28.06 -2.38
N SER E 331 12.01 28.92 -1.37
CA SER E 331 10.73 29.09 -0.69
C SER E 331 9.75 29.78 -1.62
N GLN E 332 8.46 29.55 -1.39
CA GLN E 332 7.45 29.96 -2.35
C GLN E 332 6.19 30.44 -1.65
N LEU E 333 5.37 31.16 -2.40
CA LEU E 333 4.00 31.50 -2.04
C LEU E 333 3.09 30.89 -3.09
N VAL E 334 2.12 30.09 -2.66
CA VAL E 334 1.24 29.38 -3.58
C VAL E 334 -0.21 29.68 -3.20
N LYS E 335 -1.02 29.94 -4.22
CA LYS E 335 -2.45 30.17 -4.05
C LYS E 335 -3.22 28.89 -4.36
N LEU E 336 -4.19 28.58 -3.51
CA LEU E 336 -4.97 27.35 -3.64
C LEU E 336 -6.29 27.70 -4.32
N ASN E 337 -6.32 27.55 -5.64
CA ASN E 337 -7.53 27.81 -6.40
C ASN E 337 -8.54 26.69 -6.17
N VAL E 338 -9.81 27.03 -6.30
CA VAL E 338 -10.87 26.05 -6.02
C VAL E 338 -11.08 25.09 -7.17
N ASP E 339 -10.65 25.45 -8.38
CA ASP E 339 -10.84 24.62 -9.56
C ASP E 339 -9.53 23.97 -9.97
N SER E 340 -9.61 22.72 -10.43
CA SER E 340 -8.45 22.01 -10.91
C SER E 340 -7.97 22.60 -12.23
N ASN E 341 -6.67 22.87 -12.33
CA ASN E 341 -6.11 23.38 -13.57
C ASN E 341 -6.05 22.24 -14.59
N GLU E 342 -5.34 22.47 -15.70
CA GLU E 342 -5.24 21.47 -16.76
C GLU E 342 -4.77 20.13 -16.23
N GLN E 343 -3.60 20.10 -15.58
CA GLN E 343 -3.09 18.87 -15.01
C GLN E 343 -3.81 18.47 -13.72
N GLY E 344 -4.56 19.39 -13.12
CA GLY E 344 -5.26 19.13 -11.88
C GLY E 344 -4.58 19.65 -10.63
N SER E 345 -3.71 20.66 -10.76
CA SER E 345 -2.97 21.20 -9.63
C SER E 345 -3.74 22.38 -9.05
N TYR E 346 -4.36 22.18 -7.88
CA TYR E 346 -4.98 23.30 -7.18
C TYR E 346 -3.95 24.31 -6.69
N VAL E 347 -2.67 24.01 -6.80
CA VAL E 347 -1.59 24.87 -6.34
C VAL E 347 -0.96 25.54 -7.55
N VAL E 348 -1.06 26.86 -7.61
CA VAL E 348 -0.44 27.67 -8.66
C VAL E 348 0.55 28.60 -7.99
N ALA E 349 1.79 28.61 -8.48
CA ALA E 349 2.81 29.44 -7.87
C ALA E 349 2.44 30.92 -7.96
N MET E 350 2.94 31.70 -7.01
CA MET E 350 2.65 33.13 -6.97
C MET E 350 3.95 33.93 -6.87
N GLU E 351 4.79 33.60 -5.90
CA GLU E 351 6.04 34.31 -5.68
C GLU E 351 7.06 33.36 -5.10
N THR E 352 8.27 33.37 -5.67
CA THR E 352 9.36 32.50 -5.25
C THR E 352 10.48 33.33 -4.65
N PHE E 353 11.10 32.80 -3.60
CA PHE E 353 12.18 33.47 -2.90
C PHE E 353 13.46 32.65 -3.07
N THR E 354 14.54 33.33 -3.47
CA THR E 354 15.80 32.64 -3.74
C THR E 354 16.33 31.96 -2.48
N ASN E 355 16.89 30.77 -2.65
CA ASN E 355 17.46 29.99 -1.55
C ASN E 355 18.76 29.36 -2.03
N LEU E 356 19.89 29.91 -1.59
CA LEU E 356 21.19 29.37 -1.99
C LEU E 356 21.48 28.01 -1.37
N GLY E 357 20.83 27.68 -0.25
CA GLY E 357 21.13 26.46 0.46
C GLY E 357 20.42 25.25 -0.10
N PRO E 358 21.04 24.07 0.02
CA PRO E 358 22.38 23.83 0.59
C PRO E 358 23.49 24.02 -0.43
N ILE E 359 24.65 24.50 0.01
CA ILE E 359 25.81 24.70 -0.85
C ILE E 359 26.75 23.52 -0.63
N VAL E 360 26.87 22.64 -1.63
CA VAL E 360 27.69 21.45 -1.51
C VAL E 360 29.03 21.58 -2.21
N ASP E 361 29.22 22.58 -3.06
CA ASP E 361 30.47 22.85 -3.73
C ASP E 361 30.37 24.19 -4.45
N MET E 362 31.49 24.87 -4.58
CA MET E 362 31.52 26.18 -5.23
C MET E 362 32.88 26.40 -5.88
N CYS E 363 32.93 27.42 -6.73
CA CYS E 363 34.16 27.80 -7.41
C CYS E 363 34.09 29.28 -7.78
N VAL E 364 35.23 29.95 -7.73
CA VAL E 364 35.32 31.37 -8.05
C VAL E 364 35.88 31.52 -9.46
N VAL E 365 35.10 32.14 -10.35
CA VAL E 365 35.49 32.39 -11.72
C VAL E 365 35.13 33.82 -12.09
N ASP E 366 36.09 34.57 -12.61
CA ASP E 366 35.83 35.91 -13.11
C ASP E 366 35.46 35.80 -14.58
N LEU E 367 34.19 35.43 -14.81
CA LEU E 367 33.70 35.19 -16.17
C LEU E 367 33.87 36.43 -17.05
N GLU E 368 33.68 37.62 -16.48
CA GLU E 368 33.78 38.85 -17.25
C GLU E 368 35.21 39.36 -17.36
N ARG E 369 36.20 38.56 -16.94
CA ARG E 369 37.63 38.86 -17.10
C ARG E 369 38.01 40.21 -16.50
N GLN E 370 37.26 40.70 -15.52
CA GLN E 370 37.52 42.00 -14.91
C GLN E 370 38.20 41.90 -13.56
N GLY E 371 38.74 40.74 -13.20
CA GLY E 371 39.42 40.56 -11.94
C GLY E 371 38.54 40.63 -10.71
N GLN E 372 37.21 40.73 -10.90
CA GLN E 372 36.30 40.77 -9.77
C GLN E 372 36.04 39.37 -9.21
N GLY E 373 35.47 38.50 -10.04
CA GLY E 373 35.21 37.12 -9.67
C GLY E 373 33.77 36.84 -9.33
N GLN E 374 33.19 35.86 -10.02
CA GLN E 374 31.84 35.38 -9.76
C GLN E 374 31.88 34.04 -9.06
N LEU E 375 31.01 33.85 -8.08
CA LEU E 375 30.93 32.63 -7.30
C LEU E 375 29.83 31.72 -7.87
N VAL E 376 30.23 30.57 -8.38
CA VAL E 376 29.30 29.58 -8.92
C VAL E 376 29.22 28.42 -7.93
N THR E 377 28.01 28.15 -7.43
CA THR E 377 27.80 27.17 -6.37
C THR E 377 26.83 26.08 -6.82
N CYS E 378 27.11 24.84 -6.41
CA CYS E 378 26.16 23.74 -6.56
C CYS E 378 25.14 23.82 -5.44
N SER E 379 23.91 24.16 -5.78
CA SER E 379 22.87 24.40 -4.78
C SER E 379 21.72 23.42 -4.94
N GLY E 380 20.95 23.27 -3.87
CA GLY E 380 19.75 22.45 -3.89
C GLY E 380 20.03 20.97 -3.89
N ALA E 381 18.94 20.20 -3.99
CA ALA E 381 19.01 18.75 -4.00
C ALA E 381 17.69 18.23 -4.56
N PHE E 382 17.76 17.08 -5.22
CA PHE E 382 16.60 16.41 -5.83
C PHE E 382 16.01 17.38 -6.87
N LYS E 383 14.68 17.50 -6.97
CA LYS E 383 14.07 18.38 -7.95
C LYS E 383 14.41 19.85 -7.72
N GLU E 384 14.81 20.21 -6.50
CA GLU E 384 15.22 21.57 -6.20
C GLU E 384 16.67 21.85 -6.54
N GLY E 385 17.36 20.89 -7.16
CA GLY E 385 18.73 21.12 -7.54
C GLY E 385 18.85 22.30 -8.50
N SER E 386 19.90 23.09 -8.30
CA SER E 386 20.05 24.33 -9.06
C SER E 386 21.52 24.71 -9.10
N LEU E 387 21.84 25.63 -10.00
CA LEU E 387 23.17 26.25 -10.09
C LEU E 387 22.99 27.75 -9.85
N ARG E 388 23.72 28.28 -8.87
CA ARG E 388 23.64 29.68 -8.51
C ARG E 388 24.92 30.41 -8.89
N ILE E 389 24.77 31.54 -9.57
CA ILE E 389 25.87 32.40 -9.97
C ILE E 389 25.78 33.69 -9.17
N ILE E 390 26.81 33.96 -8.38
CA ILE E 390 26.84 35.09 -7.46
C ILE E 390 27.87 36.09 -7.95
N ARG E 391 27.44 37.33 -8.17
CA ARG E 391 28.33 38.40 -8.62
C ARG E 391 28.08 39.64 -7.77
N ASN E 392 29.16 40.36 -7.49
CA ASN E 392 29.08 41.56 -6.66
C ASN E 392 28.47 42.72 -7.44
N LEU E 406 24.33 42.28 -4.97
CA LEU E 406 24.35 40.83 -5.10
C LEU E 406 23.44 40.36 -6.24
N HIS E 407 24.06 39.79 -7.27
CA HIS E 407 23.34 39.20 -8.38
C HIS E 407 23.28 37.68 -8.21
N ILE E 408 22.09 37.11 -8.33
CA ILE E 408 21.89 35.68 -8.12
C ILE E 408 21.18 35.15 -9.36
N ARG E 409 21.91 34.38 -10.17
CA ARG E 409 21.33 33.69 -11.32
C ARG E 409 20.97 32.27 -10.89
N THR E 410 19.72 31.88 -11.14
CA THR E 410 19.23 30.57 -10.73
C THR E 410 19.05 29.71 -11.97
N VAL E 411 19.96 28.76 -12.16
CA VAL E 411 19.88 27.82 -13.27
C VAL E 411 19.35 26.50 -12.72
N PRO E 412 18.06 26.20 -12.90
CA PRO E 412 17.50 24.97 -12.35
C PRO E 412 17.96 23.76 -13.16
N LEU E 413 18.40 22.72 -12.46
CA LEU E 413 18.84 21.48 -13.09
C LEU E 413 17.90 20.32 -12.83
N TYR E 414 16.99 20.45 -11.87
CA TYR E 414 16.00 19.43 -11.54
C TYR E 414 16.64 18.11 -11.12
N GLU E 415 17.89 18.18 -10.65
CA GLU E 415 18.60 17.02 -10.11
C GLU E 415 19.74 17.54 -9.25
N SER E 416 20.24 16.67 -8.39
CA SER E 416 21.20 17.08 -7.36
C SER E 416 22.57 17.33 -7.96
N PRO E 417 23.09 18.56 -7.92
CA PRO E 417 24.49 18.79 -8.31
C PRO E 417 25.42 18.55 -7.14
N ARG E 418 26.55 17.88 -7.43
CA ARG E 418 27.47 17.43 -6.40
C ARG E 418 28.79 18.19 -6.39
N LYS E 419 29.49 18.25 -7.51
CA LYS E 419 30.78 18.91 -7.58
C LYS E 419 30.84 19.74 -8.87
N ILE E 420 31.67 20.78 -8.86
CA ILE E 420 31.76 21.70 -9.98
C ILE E 420 33.20 22.17 -10.15
N CYS E 421 33.59 22.38 -11.41
CA CYS E 421 34.88 22.97 -11.75
C CYS E 421 34.70 23.72 -13.07
N TYR E 422 35.69 24.52 -13.42
CA TYR E 422 35.61 25.38 -14.60
C TYR E 422 36.80 25.15 -15.51
N GLN E 423 36.55 25.25 -16.82
CA GLN E 423 37.59 25.12 -17.85
C GLN E 423 37.54 26.38 -18.72
N GLU E 424 38.62 27.16 -18.68
CA GLU E 424 38.64 28.42 -19.42
C GLU E 424 38.79 28.18 -20.92
N VAL E 425 39.62 27.21 -21.31
CA VAL E 425 39.84 26.95 -22.73
C VAL E 425 38.56 26.50 -23.41
N SER E 426 37.67 25.82 -22.67
CA SER E 426 36.40 25.37 -23.23
C SER E 426 35.25 26.33 -22.95
N GLN E 427 35.49 27.36 -22.13
CA GLN E 427 34.47 28.38 -21.82
C GLN E 427 33.18 27.75 -21.31
N CYS E 428 33.32 26.82 -20.36
CA CYS E 428 32.18 26.10 -19.84
C CYS E 428 32.57 25.44 -18.52
N PHE E 429 31.56 25.09 -17.74
CA PHE E 429 31.75 24.43 -16.46
C PHE E 429 31.53 22.93 -16.59
N GLY E 430 32.22 22.18 -15.73
CA GLY E 430 31.94 20.76 -15.59
C GLY E 430 31.26 20.51 -14.27
N VAL E 431 30.10 19.86 -14.28
CA VAL E 431 29.30 19.69 -13.07
C VAL E 431 28.98 18.20 -12.90
N LEU E 432 29.43 17.62 -11.80
CA LEU E 432 29.02 16.28 -11.41
C LEU E 432 27.64 16.35 -10.74
N SER E 433 26.71 15.52 -11.20
CA SER E 433 25.35 15.57 -10.70
C SER E 433 24.79 14.15 -10.60
N SER E 434 23.60 14.05 -10.01
CA SER E 434 22.99 12.76 -9.74
C SER E 434 21.48 12.88 -9.87
N ARG E 435 20.87 11.90 -10.54
CA ARG E 435 19.43 11.81 -10.67
C ARG E 435 18.96 10.50 -10.06
N ILE E 436 17.79 10.55 -9.42
CA ILE E 436 17.25 9.41 -8.69
C ILE E 436 16.26 8.69 -9.60
N GLU E 437 16.62 7.49 -10.03
CA GLU E 437 15.74 6.64 -10.83
C GLU E 437 15.22 5.49 -9.98
N VAL E 438 14.13 4.90 -10.46
CA VAL E 438 13.43 3.84 -9.75
C VAL E 438 13.50 2.57 -10.60
N GLN E 439 13.64 1.42 -9.93
CA GLN E 439 13.68 0.15 -10.65
C GLN E 439 12.32 -0.06 -11.30
N ASP E 440 12.26 0.17 -12.60
CA ASP E 440 11.00 0.10 -13.33
C ASP E 440 10.48 -1.33 -13.42
N THR E 441 9.20 -1.44 -13.76
CA THR E 441 8.55 -2.75 -13.88
C THR E 441 8.98 -3.46 -15.17
N SER E 442 9.33 -2.69 -16.21
CA SER E 442 9.78 -3.30 -17.45
C SER E 442 11.03 -4.15 -17.24
N GLY E 443 11.98 -3.65 -16.47
CA GLY E 443 13.17 -4.39 -16.13
C GLY E 443 14.38 -3.50 -15.96
N GLY E 444 14.23 -2.23 -16.34
CA GLY E 444 15.31 -1.26 -16.24
C GLY E 444 15.10 -0.27 -15.12
N THR E 445 15.59 0.96 -15.32
CA THR E 445 15.42 2.03 -14.35
C THR E 445 14.89 3.26 -15.09
N THR E 446 13.61 3.55 -14.88
CA THR E 446 13.00 4.73 -15.48
C THR E 446 13.23 5.96 -14.59
N ALA E 447 13.29 7.12 -15.23
CA ALA E 447 13.54 8.36 -14.52
C ALA E 447 12.26 8.83 -13.82
N LEU E 448 12.44 9.66 -12.79
CA LEU E 448 11.31 10.21 -12.07
C LEU E 448 10.74 11.45 -12.77
N ARG E 449 11.62 12.31 -13.28
CA ARG E 449 11.21 13.54 -13.95
C ARG E 449 12.33 13.96 -14.88
N PRO E 450 12.02 14.63 -15.99
CA PRO E 450 13.08 15.08 -16.91
C PRO E 450 14.00 16.10 -16.27
N SER E 451 15.24 15.71 -16.02
CA SER E 451 16.23 16.58 -15.39
C SER E 451 17.32 16.95 -16.40
N ALA E 452 18.35 17.64 -15.90
CA ALA E 452 19.39 18.15 -16.79
C ALA E 452 20.16 17.02 -17.46
N SER E 453 20.44 15.95 -16.74
CA SER E 453 21.22 14.83 -17.29
C SER E 453 20.46 14.04 -18.34
N THR E 454 19.17 14.31 -18.54
CA THR E 454 18.39 13.58 -19.53
C THR E 454 18.07 14.39 -20.79
N GLN E 455 18.11 15.71 -20.71
CA GLN E 455 17.75 16.58 -21.84
C GLN E 455 18.95 17.38 -22.33
N ALA E 456 20.14 16.78 -22.30
CA ALA E 456 21.31 17.45 -22.83
C ALA E 456 21.29 17.46 -24.35
N LEU E 457 22.04 18.40 -24.93
CA LEU E 457 22.11 18.49 -26.38
C LEU E 457 22.79 17.27 -26.99
N SER E 458 23.70 16.64 -26.25
CA SER E 458 24.36 15.42 -26.71
C SER E 458 24.76 14.62 -25.49
N SER E 459 24.19 13.42 -25.36
CA SER E 459 24.43 12.55 -24.23
C SER E 459 25.33 11.38 -24.62
N SER E 460 25.95 10.78 -23.61
CA SER E 460 26.81 9.63 -23.82
C SER E 460 26.80 8.77 -22.56
N VAL E 461 27.11 7.49 -22.75
CA VAL E 461 27.20 6.53 -21.66
C VAL E 461 28.60 5.95 -21.64
N SER E 462 28.96 5.37 -20.50
CA SER E 462 30.24 4.72 -20.33
C SER E 462 30.17 3.26 -20.76
N SER E 463 31.21 2.81 -21.45
CA SER E 463 31.34 1.44 -21.92
C SER E 463 32.71 0.89 -21.56
N SER E 464 33.19 1.23 -20.37
CA SER E 464 34.53 0.85 -19.95
C SER E 464 34.71 -0.67 -19.93
N LYS E 465 33.72 -1.39 -19.42
CA LYS E 465 33.76 -2.85 -19.28
C LYS E 465 34.96 -3.30 -18.45
N LEU E 466 35.54 -2.37 -17.68
CA LEU E 466 36.63 -2.67 -16.77
C LEU E 466 36.15 -3.39 -15.52
N PHE E 467 34.83 -3.42 -15.30
CA PHE E 467 34.21 -4.09 -14.16
C PHE E 467 33.10 -4.98 -14.69
N SER E 468 33.32 -6.29 -14.65
CA SER E 468 32.32 -7.24 -15.14
C SER E 468 31.67 -8.01 -13.99
N HIS E 474 24.96 -9.01 -8.67
CA HIS E 474 24.54 -8.36 -7.44
C HIS E 474 23.07 -8.61 -7.17
N GLU E 475 22.31 -7.54 -6.95
CA GLU E 475 20.89 -7.65 -6.69
C GLU E 475 20.24 -6.28 -6.84
N THR E 476 18.92 -6.30 -6.97
CA THR E 476 18.12 -5.09 -7.00
C THR E 476 16.71 -5.46 -6.54
N SER E 477 15.83 -4.46 -6.50
CA SER E 477 14.49 -4.68 -5.97
C SER E 477 13.51 -3.72 -6.62
N PHE E 478 12.34 -4.26 -6.99
CA PHE E 478 11.26 -3.44 -7.52
C PHE E 478 10.85 -2.37 -6.52
N GLY E 479 11.16 -1.12 -6.82
CA GLY E 479 10.81 0.00 -5.97
C GLY E 479 11.99 0.69 -5.34
N GLU E 480 13.14 0.03 -5.25
CA GLU E 480 14.30 0.66 -4.63
C GLU E 480 14.78 1.84 -5.46
N GLU E 481 15.22 2.88 -4.79
CA GLU E 481 15.77 4.05 -5.44
C GLU E 481 17.22 3.79 -5.82
N VAL E 482 17.66 4.38 -6.94
CA VAL E 482 19.03 4.20 -7.40
C VAL E 482 19.53 5.54 -7.94
N GLU E 483 20.79 5.85 -7.63
CA GLU E 483 21.43 7.06 -8.12
C GLU E 483 22.07 6.79 -9.47
N VAL E 484 21.96 7.78 -10.37
CA VAL E 484 22.58 7.72 -11.68
C VAL E 484 23.45 8.97 -11.81
N HIS E 485 24.76 8.80 -11.74
CA HIS E 485 25.68 9.93 -11.74
C HIS E 485 26.09 10.28 -13.16
N ASN E 486 26.11 11.58 -13.45
CA ASN E 486 26.47 12.08 -14.76
C ASN E 486 27.41 13.26 -14.63
N LEU E 487 28.32 13.39 -15.58
CA LEU E 487 29.16 14.58 -15.71
C LEU E 487 28.49 15.51 -16.72
N LEU E 488 28.22 16.74 -16.30
CA LEU E 488 27.52 17.71 -17.11
C LEU E 488 28.49 18.77 -17.61
N ILE E 489 28.37 19.11 -18.89
CA ILE E 489 29.15 20.19 -19.48
C ILE E 489 28.18 21.35 -19.74
N ILE E 490 28.34 22.42 -18.98
CA ILE E 490 27.40 23.55 -18.98
C ILE E 490 28.16 24.78 -19.45
N ASP E 491 27.68 25.38 -20.54
CA ASP E 491 28.33 26.55 -21.11
C ASP E 491 28.27 27.72 -20.14
N GLN E 492 29.36 28.50 -20.08
CA GLN E 492 29.45 29.60 -19.13
C GLN E 492 28.65 30.81 -19.55
N HIS E 493 28.03 30.79 -20.73
CA HIS E 493 27.23 31.90 -21.23
C HIS E 493 25.75 31.59 -21.29
N THR E 494 25.37 30.51 -21.98
CA THR E 494 23.97 30.12 -22.08
C THR E 494 23.52 29.26 -20.90
N PHE E 495 24.47 28.66 -20.18
CA PHE E 495 24.19 27.71 -19.11
C PHE E 495 23.28 26.59 -19.60
N GLU E 496 23.61 26.06 -20.76
CA GLU E 496 22.93 24.93 -21.37
C GLU E 496 23.75 23.67 -21.18
N VAL E 497 23.07 22.57 -20.84
CA VAL E 497 23.74 21.28 -20.72
C VAL E 497 24.19 20.81 -22.10
N LEU E 498 25.44 21.10 -22.44
CA LEU E 498 25.96 20.70 -23.75
C LEU E 498 26.17 19.20 -23.84
N HIS E 499 26.78 18.60 -22.82
CA HIS E 499 27.01 17.17 -22.78
C HIS E 499 26.55 16.61 -21.45
N ALA E 500 26.22 15.31 -21.46
CA ALA E 500 25.82 14.57 -20.26
C ALA E 500 26.39 13.15 -20.37
N HIS E 501 27.59 12.96 -19.84
CA HIS E 501 28.23 11.65 -19.83
C HIS E 501 27.76 10.87 -18.60
N GLN E 502 27.16 9.72 -18.84
CA GLN E 502 26.65 8.89 -17.76
C GLN E 502 27.71 7.88 -17.35
N PHE E 503 27.96 7.77 -16.05
CA PHE E 503 28.98 6.86 -15.55
C PHE E 503 28.41 5.45 -15.43
N LEU E 504 29.31 4.51 -15.15
CA LEU E 504 28.96 3.09 -15.13
C LEU E 504 27.90 2.80 -14.07
N GLN E 505 27.28 1.64 -14.19
CA GLN E 505 26.33 1.20 -13.17
C GLN E 505 27.06 0.95 -11.87
N ASN E 506 26.46 1.41 -10.77
CA ASN E 506 27.05 1.34 -9.43
C ASN E 506 28.32 2.17 -9.31
N GLU E 507 28.52 3.15 -10.20
CA GLU E 507 29.68 4.02 -10.16
C GLU E 507 29.30 5.34 -9.51
N TYR E 508 30.04 5.73 -8.48
CA TYR E 508 29.78 6.93 -7.70
C TYR E 508 30.89 7.95 -7.95
N ALA E 509 30.57 9.02 -8.66
CA ALA E 509 31.54 10.08 -8.94
C ALA E 509 31.74 10.92 -7.69
N LEU E 510 32.99 11.02 -7.22
CA LEU E 510 33.29 11.71 -5.97
C LEU E 510 34.14 12.96 -6.15
N SER E 511 35.02 13.00 -7.15
CA SER E 511 35.96 14.10 -7.31
C SER E 511 35.94 14.61 -8.74
N LEU E 512 36.22 15.89 -8.91
CA LEU E 512 36.21 16.54 -10.22
C LEU E 512 37.23 17.66 -10.23
N VAL E 513 38.16 17.63 -11.19
CA VAL E 513 39.18 18.65 -11.34
C VAL E 513 39.40 18.92 -12.82
N SER E 514 39.88 20.13 -13.12
CA SER E 514 40.14 20.55 -14.49
C SER E 514 41.53 21.19 -14.54
N CYS E 515 42.43 20.59 -15.31
CA CYS E 515 43.81 21.05 -15.39
C CYS E 515 44.49 20.39 -16.58
N LYS E 516 45.66 20.93 -16.92
CA LYS E 516 46.56 20.34 -17.91
C LYS E 516 47.76 19.76 -17.17
N LEU E 517 48.10 18.52 -17.49
CA LEU E 517 49.15 17.80 -16.78
C LEU E 517 50.37 17.59 -17.67
N GLY E 518 51.53 17.50 -17.04
CA GLY E 518 52.78 17.25 -17.74
C GLY E 518 53.06 18.26 -18.83
N LYS E 519 53.63 17.76 -19.93
CA LYS E 519 53.93 18.58 -21.10
C LYS E 519 52.76 18.69 -22.06
N ASP E 520 51.69 17.92 -21.85
CA ASP E 520 50.54 17.96 -22.74
C ASP E 520 49.95 19.37 -22.79
N PRO E 521 49.54 19.84 -23.97
CA PRO E 521 48.98 21.20 -24.07
C PRO E 521 47.48 21.24 -23.80
N ASN E 522 46.79 20.13 -24.05
CA ASN E 522 45.35 20.09 -23.85
C ASN E 522 45.00 20.16 -22.37
N THR E 523 43.84 20.74 -22.07
CA THR E 523 43.29 20.78 -20.72
C THR E 523 42.16 19.76 -20.63
N TYR E 524 42.20 18.93 -19.59
CA TYR E 524 41.32 17.78 -19.49
C TYR E 524 40.36 17.91 -18.30
N PHE E 525 39.30 17.11 -18.35
CA PHE E 525 38.33 16.96 -17.27
C PHE E 525 38.59 15.61 -16.60
N ILE E 526 39.11 15.64 -15.38
CA ILE E 526 39.47 14.42 -14.66
C ILE E 526 38.43 14.17 -13.58
N VAL E 527 37.93 12.94 -13.52
CA VAL E 527 36.90 12.54 -12.58
C VAL E 527 37.39 11.32 -11.81
N GLY E 528 37.22 11.34 -10.50
CA GLY E 528 37.52 10.19 -9.65
C GLY E 528 36.24 9.58 -9.12
N THR E 529 36.11 8.28 -9.30
CA THR E 529 34.88 7.56 -8.95
C THR E 529 35.19 6.42 -7.99
N ALA E 530 34.11 5.80 -7.50
CA ALA E 530 34.19 4.64 -6.63
C ALA E 530 33.04 3.70 -6.94
N MET E 531 33.32 2.40 -6.93
CA MET E 531 32.30 1.39 -7.18
C MET E 531 31.68 1.00 -5.85
N VAL E 532 30.43 1.40 -5.64
CA VAL E 532 29.73 1.22 -4.37
C VAL E 532 28.66 0.16 -4.58
N TYR E 533 28.82 -0.97 -3.91
CA TYR E 533 27.84 -2.04 -3.85
C TYR E 533 27.30 -2.18 -2.44
N PRO E 534 26.00 -2.39 -2.28
CA PRO E 534 25.43 -2.44 -0.92
C PRO E 534 25.99 -3.56 -0.05
N GLU E 535 26.52 -4.63 -0.67
CA GLU E 535 27.06 -5.74 0.10
C GLU E 535 28.43 -5.41 0.67
N GLU E 536 29.26 -4.71 -0.10
CA GLU E 536 30.60 -4.34 0.34
C GLU E 536 30.55 -3.03 1.11
N ALA E 537 30.93 -3.07 2.39
CA ALA E 537 30.88 -1.87 3.22
C ALA E 537 31.94 -0.87 2.79
N GLU E 538 33.16 -1.32 2.57
CA GLU E 538 34.27 -0.45 2.18
C GLU E 538 34.55 -0.61 0.69
N PRO E 539 34.59 0.49 -0.07
CA PRO E 539 34.79 0.36 -1.52
C PRO E 539 36.21 -0.09 -1.86
N LYS E 540 36.29 -1.13 -2.69
CA LYS E 540 37.58 -1.72 -3.04
C LYS E 540 37.99 -1.47 -4.48
N GLN E 541 37.24 -0.67 -5.24
CA GLN E 541 37.58 -0.41 -6.63
C GLN E 541 36.98 0.93 -7.07
N GLY E 542 37.75 1.68 -7.84
CA GLY E 542 37.33 2.97 -8.35
C GLY E 542 38.02 3.25 -9.66
N ARG E 543 37.77 4.44 -10.20
CA ARG E 543 38.30 4.81 -11.50
C ARG E 543 38.68 6.29 -11.49
N ILE E 544 39.76 6.61 -12.17
CA ILE E 544 40.17 8.00 -12.40
C ILE E 544 40.10 8.22 -13.91
N VAL E 545 38.99 8.78 -14.37
CA VAL E 545 38.71 8.93 -15.78
C VAL E 545 39.09 10.33 -16.23
N VAL E 546 39.86 10.42 -17.30
CA VAL E 546 40.28 11.69 -17.88
C VAL E 546 39.44 11.94 -19.13
N PHE E 547 38.79 13.10 -19.19
CA PHE E 547 37.91 13.45 -20.29
C PHE E 547 38.48 14.63 -21.06
N GLN E 548 38.02 14.77 -22.30
CA GLN E 548 38.37 15.89 -23.15
C GLN E 548 37.11 16.43 -23.82
N TYR E 549 36.97 17.75 -23.84
CA TYR E 549 35.88 18.42 -24.54
C TYR E 549 36.52 19.31 -25.59
N SER E 550 36.27 18.98 -26.86
CA SER E 550 36.86 19.70 -27.99
C SER E 550 35.81 20.56 -28.69
N ASP E 551 34.83 19.96 -29.37
CA ASP E 551 33.78 20.70 -30.06
C ASP E 551 32.47 19.92 -29.94
N GLY E 552 31.66 20.30 -28.95
CA GLY E 552 30.33 19.74 -28.78
C GLY E 552 30.28 18.29 -28.33
N LYS E 553 31.42 17.62 -28.16
CA LYS E 553 31.42 16.23 -27.74
C LYS E 553 32.46 16.02 -26.66
N LEU E 554 32.14 15.15 -25.70
CA LEU E 554 33.01 14.81 -24.59
C LEU E 554 33.58 13.41 -24.85
N GLN E 555 34.88 13.33 -25.09
CA GLN E 555 35.54 12.06 -25.36
C GLN E 555 36.49 11.71 -24.23
N THR E 556 36.68 10.40 -24.04
CA THR E 556 37.48 9.88 -22.95
C THR E 556 38.94 9.74 -23.36
N VAL E 557 39.84 10.32 -22.56
CA VAL E 557 41.27 10.21 -22.80
C VAL E 557 41.91 9.32 -21.74
N ALA E 558 41.76 8.01 -21.91
CA ALA E 558 42.36 6.99 -21.05
C ALA E 558 41.75 6.96 -19.65
N GLU E 559 41.77 5.79 -19.03
CA GLU E 559 41.22 5.61 -17.69
C GLU E 559 42.22 4.83 -16.84
N LYS E 560 42.16 5.06 -15.52
CA LYS E 560 43.03 4.40 -14.56
C LYS E 560 42.18 3.66 -13.53
N GLU E 561 42.29 2.33 -13.52
CA GLU E 561 41.53 1.52 -12.57
C GLU E 561 42.30 1.46 -11.25
N VAL E 562 41.67 1.90 -10.17
CA VAL E 562 42.30 1.92 -8.86
C VAL E 562 41.56 0.96 -7.94
N LYS E 563 42.18 0.65 -6.80
CA LYS E 563 41.65 -0.31 -5.84
C LYS E 563 41.01 0.39 -4.64
N GLY E 564 40.18 1.39 -4.88
CA GLY E 564 39.51 2.07 -3.80
C GLY E 564 38.78 3.31 -4.28
N ALA E 565 38.27 4.06 -3.31
CA ALA E 565 37.49 5.26 -3.60
C ALA E 565 38.39 6.46 -3.82
N VAL E 566 38.17 7.18 -4.92
CA VAL E 566 38.94 8.39 -5.21
C VAL E 566 38.18 9.54 -4.55
N TYR E 567 38.52 9.81 -3.30
CA TYR E 567 37.79 10.81 -2.52
C TYR E 567 38.08 12.23 -2.99
N SER E 568 39.36 12.53 -3.25
CA SER E 568 39.73 13.89 -3.61
C SER E 568 40.90 13.86 -4.58
N MET E 569 40.91 14.81 -5.50
CA MET E 569 42.00 14.99 -6.46
C MET E 569 42.35 16.47 -6.54
N VAL E 570 43.63 16.74 -6.78
CA VAL E 570 44.11 18.12 -6.94
C VAL E 570 45.26 18.12 -7.92
N GLU E 571 45.50 19.27 -8.54
CA GLU E 571 46.62 19.45 -9.46
C GLU E 571 47.86 19.79 -8.67
N PHE E 572 48.85 18.91 -8.71
CA PHE E 572 50.09 19.08 -7.96
C PHE E 572 51.25 19.30 -8.92
N ASN E 573 51.45 20.57 -9.32
CA ASN E 573 52.59 21.01 -10.11
C ASN E 573 52.81 20.12 -11.34
N GLY E 574 51.82 20.17 -12.24
CA GLY E 574 51.86 19.38 -13.45
C GLY E 574 51.53 17.92 -13.26
N LYS E 575 51.47 17.43 -12.03
CA LYS E 575 51.11 16.06 -11.72
C LYS E 575 49.72 16.04 -11.10
N LEU E 576 49.22 14.84 -10.84
CA LEU E 576 47.89 14.64 -10.28
C LEU E 576 48.01 13.97 -8.92
N LEU E 577 47.51 14.65 -7.88
CA LEU E 577 47.48 14.11 -6.53
C LEU E 577 46.08 13.54 -6.28
N ALA E 578 46.00 12.23 -6.10
CA ALA E 578 44.75 11.54 -5.87
C ALA E 578 44.78 10.87 -4.50
N SER E 579 43.60 10.52 -4.01
CA SER E 579 43.44 9.87 -2.72
C SER E 579 42.62 8.60 -2.92
N ILE E 580 43.28 7.44 -2.80
CA ILE E 580 42.62 6.15 -2.92
C ILE E 580 42.53 5.57 -1.51
N ASN E 581 41.33 5.63 -0.94
CA ASN E 581 41.07 5.19 0.43
C ASN E 581 41.99 5.88 1.42
N SER E 582 43.01 5.17 1.90
CA SER E 582 43.96 5.70 2.87
C SER E 582 45.34 5.93 2.25
N THR E 583 45.38 6.29 0.98
CA THR E 583 46.64 6.45 0.25
C THR E 583 46.58 7.72 -0.58
N VAL E 584 47.61 8.55 -0.46
CA VAL E 584 47.74 9.78 -1.24
C VAL E 584 48.79 9.50 -2.31
N ARG E 585 48.33 9.29 -3.54
CA ARG E 585 49.20 8.93 -4.65
C ARG E 585 49.44 10.12 -5.56
N LEU E 586 50.65 10.17 -6.13
CA LEU E 586 51.04 11.20 -7.09
C LEU E 586 51.18 10.56 -8.46
N TYR E 587 50.36 11.00 -9.41
CA TYR E 587 50.34 10.45 -10.75
C TYR E 587 51.04 11.39 -11.73
N GLU E 588 51.74 10.81 -12.71
CA GLU E 588 52.41 11.56 -13.75
C GLU E 588 51.70 11.38 -15.09
N TRP E 589 51.96 12.30 -16.01
CA TRP E 589 51.34 12.33 -17.33
C TRP E 589 52.39 11.99 -18.38
N THR E 590 52.36 10.76 -18.88
CA THR E 590 53.38 10.30 -19.81
C THR E 590 53.19 10.93 -21.20
N THR E 591 54.13 10.63 -22.10
CA THR E 591 54.03 11.13 -23.46
C THR E 591 52.92 10.45 -24.24
N GLU E 592 52.57 9.21 -23.85
CA GLU E 592 51.52 8.45 -24.51
C GLU E 592 50.14 8.73 -23.94
N LYS E 593 49.98 9.84 -23.21
CA LYS E 593 48.70 10.26 -22.65
C LYS E 593 48.10 9.18 -21.74
N GLU E 594 48.90 8.80 -20.74
CA GLU E 594 48.47 7.83 -19.74
C GLU E 594 49.00 8.25 -18.37
N LEU E 595 48.30 7.80 -17.34
CA LEU E 595 48.67 8.12 -15.96
C LEU E 595 49.67 7.08 -15.46
N ARG E 596 50.77 7.55 -14.88
CA ARG E 596 51.85 6.69 -14.41
C ARG E 596 51.98 6.81 -12.90
N THR E 597 51.87 5.67 -12.20
CA THR E 597 51.99 5.63 -10.75
C THR E 597 53.42 5.97 -10.35
N GLU E 598 53.65 7.21 -9.91
CA GLU E 598 54.99 7.60 -9.48
C GLU E 598 55.26 7.13 -8.04
N CYS E 599 54.62 7.77 -7.08
CA CYS E 599 54.80 7.43 -5.67
C CYS E 599 53.48 7.58 -4.93
N ASN E 600 53.40 6.92 -3.78
CA ASN E 600 52.23 6.95 -2.92
C ASN E 600 52.67 7.14 -1.48
N HIS E 601 51.72 7.55 -0.64
CA HIS E 601 51.96 7.66 0.80
C HIS E 601 50.76 7.10 1.53
N TYR E 602 50.99 6.06 2.35
CA TYR E 602 49.93 5.39 3.06
C TYR E 602 49.80 5.98 4.47
N ASN E 603 48.57 6.29 4.86
CA ASN E 603 48.28 6.87 6.16
C ASN E 603 47.35 5.95 6.93
N ASN E 604 47.33 6.13 8.25
CA ASN E 604 46.37 5.44 9.10
C ASN E 604 44.96 6.01 8.99
N ILE E 605 44.82 7.19 8.38
CA ILE E 605 43.53 7.85 8.23
C ILE E 605 43.11 7.77 6.76
N MET E 606 41.82 8.01 6.54
CA MET E 606 41.25 8.00 5.20
C MET E 606 41.42 9.39 4.58
N ALA E 607 42.18 9.45 3.48
CA ALA E 607 42.48 10.72 2.83
C ALA E 607 41.20 11.23 2.16
N LEU E 608 40.37 11.88 2.97
CA LEU E 608 39.09 12.42 2.50
C LEU E 608 39.26 13.85 1.98
N TYR E 609 39.86 14.72 2.78
CA TYR E 609 40.08 16.11 2.41
C TYR E 609 41.52 16.26 1.95
N LEU E 610 41.71 16.76 0.73
CA LEU E 610 43.04 16.89 0.13
C LEU E 610 43.19 18.29 -0.42
N LYS E 611 44.09 19.07 0.17
CA LYS E 611 44.38 20.42 -0.28
C LYS E 611 45.89 20.61 -0.30
N THR E 612 46.38 21.33 -1.30
CA THR E 612 47.82 21.48 -1.50
C THR E 612 48.16 22.94 -1.75
N LYS E 613 49.39 23.30 -1.41
CA LYS E 613 49.93 24.63 -1.67
C LYS E 613 51.43 24.49 -1.90
N GLY E 614 51.87 24.72 -3.14
CA GLY E 614 53.26 24.50 -3.49
C GLY E 614 53.63 23.03 -3.50
N ASP E 615 54.57 22.63 -2.65
CA ASP E 615 54.93 21.23 -2.48
C ASP E 615 54.44 20.67 -1.16
N PHE E 616 53.65 21.42 -0.40
CA PHE E 616 53.03 20.94 0.82
C PHE E 616 51.66 20.38 0.50
N ILE E 617 51.28 19.32 1.20
CA ILE E 617 50.00 18.64 0.99
C ILE E 617 49.32 18.48 2.33
N LEU E 618 48.06 18.91 2.41
CA LEU E 618 47.26 18.81 3.62
C LEU E 618 46.26 17.67 3.48
N VAL E 619 46.31 16.71 4.41
CA VAL E 619 45.45 15.54 4.38
C VAL E 619 44.51 15.59 5.59
N GLY E 620 43.32 15.02 5.43
CA GLY E 620 42.36 15.01 6.51
C GLY E 620 41.22 14.03 6.28
N ASP E 621 40.76 13.38 7.35
CA ASP E 621 39.61 12.50 7.29
C ASP E 621 38.40 13.17 7.93
N LEU E 622 37.29 12.43 7.98
CA LEU E 622 36.05 12.98 8.53
C LEU E 622 36.12 13.21 10.03
N MET E 623 37.14 12.69 10.72
CA MET E 623 37.24 12.77 12.17
C MET E 623 38.33 13.73 12.63
N ARG E 624 38.55 14.81 11.87
CA ARG E 624 39.46 15.88 12.25
C ARG E 624 40.89 15.38 12.47
N SER E 625 41.30 14.37 11.71
CA SER E 625 42.69 13.92 11.73
C SER E 625 43.44 14.76 10.70
N VAL E 626 44.14 15.79 11.16
CA VAL E 626 44.82 16.73 10.28
C VAL E 626 46.27 16.25 10.12
N LEU E 627 46.62 15.86 8.90
CA LEU E 627 47.97 15.42 8.58
C LEU E 627 48.60 16.38 7.58
N LEU E 628 49.92 16.55 7.70
CA LEU E 628 50.68 17.43 6.82
C LEU E 628 51.92 16.69 6.34
N LEU E 629 52.01 16.47 5.03
CA LEU E 629 53.20 15.91 4.41
C LEU E 629 53.61 16.80 3.25
N ALA E 630 54.87 16.68 2.85
CA ALA E 630 55.43 17.52 1.79
C ALA E 630 56.25 16.67 0.84
N TYR E 631 56.10 16.94 -0.46
CA TYR E 631 56.82 16.20 -1.48
C TYR E 631 58.27 16.70 -1.54
N LYS E 632 59.19 15.84 -1.13
CA LYS E 632 60.62 16.09 -1.26
C LYS E 632 61.12 15.47 -2.55
N PRO E 633 61.36 16.27 -3.60
CA PRO E 633 61.74 15.69 -4.89
C PRO E 633 63.10 15.00 -4.86
N MET E 634 63.99 15.38 -3.94
CA MET E 634 65.32 14.77 -3.89
C MET E 634 65.25 13.27 -3.67
N GLU E 635 64.26 12.79 -2.92
CA GLU E 635 64.09 11.37 -2.67
C GLU E 635 63.08 10.73 -3.61
N GLY E 636 62.00 11.44 -3.94
CA GLY E 636 60.98 10.96 -4.86
C GLY E 636 59.68 10.55 -4.21
N ASN E 637 59.54 10.69 -2.90
CA ASN E 637 58.32 10.37 -2.17
C ASN E 637 58.00 11.53 -1.23
N PHE E 638 56.86 11.42 -0.55
CA PHE E 638 56.51 12.39 0.47
C PHE E 638 56.97 11.91 1.84
N GLU E 639 57.11 12.86 2.76
CA GLU E 639 57.43 12.58 4.14
C GLU E 639 56.48 13.37 5.04
N GLU E 640 56.00 12.72 6.10
CA GLU E 640 55.05 13.38 6.99
C GLU E 640 55.76 14.47 7.79
N ILE E 641 55.16 15.65 7.82
CA ILE E 641 55.76 16.80 8.50
C ILE E 641 55.21 16.92 9.91
N ALA E 642 53.89 17.12 10.03
CA ALA E 642 53.26 17.32 11.33
C ALA E 642 51.85 16.78 11.29
N ARG E 643 51.20 16.76 12.45
CA ARG E 643 49.86 16.23 12.56
C ARG E 643 49.18 16.80 13.80
N ASP E 644 47.85 16.80 13.76
CA ASP E 644 47.04 17.23 14.91
C ASP E 644 45.77 16.39 14.90
N PHE E 645 45.75 15.35 15.74
CA PHE E 645 44.65 14.40 15.78
C PHE E 645 43.78 14.67 17.00
N ASN E 646 42.58 15.19 16.78
CA ASN E 646 41.59 15.40 17.83
C ASN E 646 40.25 14.90 17.33
N PRO E 647 39.74 13.77 17.86
CA PRO E 647 38.48 13.20 17.35
C PRO E 647 37.30 14.16 17.42
N ASN E 648 36.81 14.57 16.25
CA ASN E 648 35.65 15.44 16.11
C ASN E 648 35.25 15.48 14.65
N TRP E 649 33.95 15.52 14.39
CA TRP E 649 33.47 15.52 13.02
C TRP E 649 33.96 16.76 12.28
N MET E 650 34.48 16.56 11.08
CA MET E 650 35.09 17.62 10.29
C MET E 650 34.44 17.68 8.92
N SER E 651 33.97 18.87 8.54
CA SER E 651 33.22 19.03 7.30
C SER E 651 34.01 19.67 6.17
N ALA E 652 35.03 20.48 6.48
CA ALA E 652 35.79 21.16 5.43
C ALA E 652 37.15 21.56 5.97
N VAL E 653 38.08 21.81 5.05
CA VAL E 653 39.45 22.17 5.39
C VAL E 653 39.99 23.08 4.29
N GLU E 654 40.99 23.89 4.65
CA GLU E 654 41.62 24.80 3.69
C GLU E 654 42.96 25.25 4.25
N ILE E 655 43.92 25.45 3.35
CA ILE E 655 45.24 25.96 3.72
C ILE E 655 45.22 27.47 3.66
N LEU E 656 45.60 28.12 4.76
CA LEU E 656 45.70 29.58 4.76
C LEU E 656 47.05 30.03 4.24
N ASP E 657 48.13 29.53 4.84
CA ASP E 657 49.48 29.78 4.38
C ASP E 657 50.35 28.61 4.82
N ASP E 658 51.66 28.76 4.62
CA ASP E 658 52.60 27.67 4.93
C ASP E 658 52.63 27.32 6.41
N ASP E 659 51.99 28.10 7.28
CA ASP E 659 51.98 27.83 8.71
C ASP E 659 50.61 28.08 9.31
N ASN E 660 49.54 27.91 8.53
CA ASN E 660 48.19 28.09 9.02
C ASN E 660 47.24 27.20 8.23
N PHE E 661 46.32 26.54 8.93
CA PHE E 661 45.38 25.61 8.31
C PHE E 661 44.00 25.85 8.89
N LEU E 662 43.04 26.17 8.03
CA LEU E 662 41.66 26.40 8.45
C LEU E 662 40.85 25.12 8.32
N GLY E 663 39.82 25.00 9.14
CA GLY E 663 38.95 23.83 9.09
C GLY E 663 37.64 24.09 9.78
N ALA E 664 36.61 23.37 9.35
CA ALA E 664 35.28 23.45 9.94
C ALA E 664 34.96 22.13 10.62
N GLU E 665 34.46 22.20 11.85
CA GLU E 665 34.25 21.00 12.65
C GLU E 665 32.96 21.12 13.46
N ASN E 666 32.56 20.00 14.03
CA ASN E 666 31.37 19.94 14.87
C ASN E 666 31.61 20.65 16.20
N ALA E 667 30.60 21.38 16.67
CA ALA E 667 29.36 21.69 15.97
C ALA E 667 29.34 23.12 15.48
N PHE E 668 29.34 23.30 14.16
CA PHE E 668 29.29 24.62 13.53
C PHE E 668 30.47 25.49 13.96
N ASN E 669 31.66 24.91 13.99
CA ASN E 669 32.83 25.60 14.51
C ASN E 669 33.90 25.76 13.44
N LEU E 670 34.81 26.71 13.69
CA LEU E 670 35.99 26.92 12.88
C LEU E 670 37.22 26.79 13.76
N PHE E 671 38.30 26.27 13.19
CA PHE E 671 39.52 26.08 13.94
C PHE E 671 40.72 26.28 13.01
N VAL E 672 41.82 26.75 13.60
CA VAL E 672 43.06 27.01 12.88
C VAL E 672 44.21 26.30 13.60
N CYS E 673 45.04 25.60 12.83
CA CYS E 673 46.25 24.97 13.34
C CYS E 673 47.44 25.55 12.59
N GLN E 674 48.59 25.57 13.25
CA GLN E 674 49.78 26.21 12.71
C GLN E 674 50.98 25.27 12.79
N LYS E 675 51.86 25.39 11.81
CA LYS E 675 53.14 24.71 11.86
C LYS E 675 54.06 25.48 12.81
N ASP E 676 54.54 24.82 13.84
CA ASP E 676 55.27 25.52 14.89
C ASP E 676 56.55 26.15 14.34
N SER E 677 56.77 27.41 14.71
CA SER E 677 57.98 28.12 14.30
C SER E 677 59.12 27.93 15.30
N ALA E 678 58.80 28.05 16.59
CA ALA E 678 59.78 27.87 17.66
C ALA E 678 59.87 26.39 18.03
N ALA E 679 60.29 25.60 17.04
CA ALA E 679 60.42 24.14 17.18
C ALA E 679 61.79 23.84 17.77
N THR E 680 61.84 23.65 19.09
CA THR E 680 63.09 23.37 19.78
C THR E 680 63.34 21.87 19.96
N THR E 681 62.31 21.11 20.29
CA THR E 681 62.43 19.66 20.42
C THR E 681 61.82 18.98 19.19
N ASP E 682 62.41 17.85 18.80
CA ASP E 682 61.98 17.16 17.59
C ASP E 682 60.56 16.64 17.68
N GLU E 683 59.95 16.61 18.87
CA GLU E 683 58.57 16.19 19.02
C GLU E 683 57.59 17.36 18.86
N GLU E 684 58.08 18.60 18.97
CA GLU E 684 57.21 19.77 18.82
C GLU E 684 57.01 20.13 17.36
N ARG E 685 58.06 20.00 16.54
CA ARG E 685 57.92 20.29 15.11
C ARG E 685 56.99 19.32 14.40
N GLN E 686 56.70 18.17 15.01
CA GLN E 686 55.78 17.20 14.47
C GLN E 686 54.34 17.42 14.92
N HIS E 687 54.04 18.58 15.51
CA HIS E 687 52.72 18.86 16.05
C HIS E 687 52.20 20.17 15.49
N LEU E 688 50.91 20.19 15.15
CA LEU E 688 50.22 21.40 14.71
C LEU E 688 49.31 21.84 15.85
N GLN E 689 49.81 22.75 16.68
CA GLN E 689 49.01 23.25 17.80
C GLN E 689 47.90 24.15 17.28
N GLU E 690 46.66 23.86 17.68
CA GLU E 690 45.53 24.66 17.23
C GLU E 690 45.54 26.00 17.95
N VAL E 691 45.60 27.08 17.18
CA VAL E 691 45.69 28.42 17.74
C VAL E 691 44.52 29.27 17.26
N GLY E 692 43.31 28.73 17.36
CA GLY E 692 42.12 29.42 16.93
C GLY E 692 40.87 28.56 17.05
N LEU E 693 39.88 29.04 17.80
CA LEU E 693 38.61 28.33 17.96
C LEU E 693 37.48 29.32 17.81
N PHE E 694 36.45 28.96 17.05
CA PHE E 694 35.39 29.89 16.72
C PHE E 694 34.10 29.13 16.41
N HIS E 695 33.01 29.55 17.03
CA HIS E 695 31.68 28.99 16.76
C HIS E 695 31.03 29.84 15.67
N LEU E 696 31.09 29.35 14.43
CA LEU E 696 30.53 30.10 13.32
C LEU E 696 29.01 30.10 13.34
N GLY E 697 28.42 28.98 13.77
CA GLY E 697 26.98 28.82 13.75
C GLY E 697 26.44 28.22 12.46
N GLU E 698 27.30 27.92 11.50
CA GLU E 698 26.90 27.35 10.22
C GLU E 698 27.72 26.10 9.93
N PHE E 699 27.23 25.29 9.00
CA PHE E 699 27.88 24.03 8.62
C PHE E 699 28.55 24.24 7.26
N VAL E 700 29.86 24.44 7.29
CA VAL E 700 30.63 24.70 6.07
C VAL E 700 30.82 23.39 5.31
N ASN E 701 30.61 23.43 4.01
CA ASN E 701 30.88 22.28 3.14
C ASN E 701 32.06 22.47 2.21
N VAL E 702 32.33 23.70 1.77
CA VAL E 702 33.37 23.97 0.78
C VAL E 702 34.15 25.20 1.19
N PHE E 703 35.47 25.14 1.01
CA PHE E 703 36.37 26.28 1.20
C PHE E 703 36.97 26.63 -0.15
N CYS E 704 36.82 27.88 -0.56
CA CYS E 704 37.27 28.32 -1.88
C CYS E 704 38.14 29.56 -1.75
N HIS E 705 39.36 29.48 -2.24
CA HIS E 705 40.25 30.63 -2.33
C HIS E 705 39.75 31.57 -3.41
N GLY E 706 39.33 32.77 -3.02
CA GLY E 706 38.85 33.73 -4.00
C GLY E 706 38.33 34.97 -3.32
N SER E 707 37.78 35.87 -4.14
CA SER E 707 37.23 37.12 -3.66
C SER E 707 36.21 37.63 -4.67
N LEU E 708 35.30 38.48 -4.18
CA LEU E 708 34.27 39.06 -5.02
C LEU E 708 34.51 40.54 -5.33
N VAL E 709 35.57 41.13 -4.79
CA VAL E 709 35.91 42.52 -5.05
C VAL E 709 37.06 42.60 -6.04
N MET E 710 37.56 43.80 -6.27
CA MET E 710 38.63 44.00 -7.25
C MET E 710 39.99 43.61 -6.68
N PRO E 719 46.62 46.07 4.08
CA PRO E 719 45.66 45.85 5.15
C PRO E 719 45.50 44.40 5.54
N THR E 720 44.40 43.77 5.14
CA THR E 720 44.14 42.37 5.45
C THR E 720 44.73 41.46 4.37
N GLN E 721 45.33 40.36 4.81
CA GLN E 721 45.95 39.39 3.92
C GLN E 721 45.08 38.16 3.75
N GLY E 722 45.00 37.66 2.53
CA GLY E 722 44.26 36.43 2.27
C GLY E 722 42.79 36.67 2.03
N SER E 723 42.18 35.73 1.30
CA SER E 723 40.75 35.80 1.00
C SER E 723 40.25 34.38 0.75
N VAL E 724 39.37 33.88 1.62
CA VAL E 724 38.83 32.53 1.52
C VAL E 724 37.32 32.61 1.69
N LEU E 725 36.59 32.08 0.71
CA LEU E 725 35.14 31.99 0.77
C LEU E 725 34.71 30.59 1.20
N PHE E 726 33.50 30.51 1.76
CA PHE E 726 32.95 29.21 2.13
C PHE E 726 31.43 29.23 2.00
N GLY E 727 30.87 28.07 1.67
CA GLY E 727 29.43 27.90 1.55
C GLY E 727 28.92 26.92 2.59
N THR E 728 27.67 27.13 2.99
CA THR E 728 27.08 26.40 4.11
C THR E 728 25.81 25.68 3.66
N VAL E 729 25.21 24.94 4.60
CA VAL E 729 23.99 24.21 4.31
C VAL E 729 22.80 25.16 4.25
N ASN E 730 22.82 26.23 5.05
CA ASN E 730 21.73 27.20 5.05
C ASN E 730 21.85 28.25 3.95
N GLY E 731 22.85 28.13 3.08
CA GLY E 731 23.07 29.10 2.03
C GLY E 731 23.98 30.25 2.40
N MET E 732 24.35 30.38 3.68
CA MET E 732 25.21 31.47 4.11
C MET E 732 26.59 31.33 3.48
N ILE E 733 27.11 32.45 2.96
CA ILE E 733 28.46 32.52 2.41
C ILE E 733 29.24 33.52 3.25
N GLY E 734 30.45 33.13 3.65
CA GLY E 734 31.30 33.96 4.48
C GLY E 734 32.69 34.13 3.88
N LEU E 735 33.48 34.97 4.54
CA LEU E 735 34.83 35.28 4.09
C LEU E 735 35.77 35.26 5.29
N VAL E 736 36.94 34.66 5.10
CA VAL E 736 37.98 34.61 6.12
C VAL E 736 39.23 35.28 5.56
N THR E 737 39.84 36.15 6.37
CA THR E 737 41.06 36.84 5.98
C THR E 737 41.99 36.92 7.17
N SER E 738 43.29 36.96 6.88
CA SER E 738 44.30 37.02 7.93
C SER E 738 44.59 38.47 8.30
N LEU E 739 44.97 38.68 9.55
CA LEU E 739 45.23 40.01 10.08
C LEU E 739 46.60 40.03 10.75
N SER E 740 47.16 41.24 10.85
CA SER E 740 48.42 41.43 11.55
C SER E 740 48.18 41.39 13.06
N GLU E 741 49.22 40.98 13.79
CA GLU E 741 49.12 40.90 15.25
C GLU E 741 48.75 42.24 15.86
N SER E 742 49.32 43.33 15.33
CA SER E 742 48.96 44.66 15.82
C SER E 742 47.48 44.96 15.55
N TRP E 743 47.02 44.66 14.34
CA TRP E 743 45.63 44.92 14.01
C TRP E 743 44.68 43.96 14.71
N TYR E 744 45.12 42.73 14.95
CA TYR E 744 44.25 41.75 15.62
C TYR E 744 44.02 42.12 17.08
N ASN E 745 45.10 42.41 17.82
CA ASN E 745 44.95 42.80 19.22
C ASN E 745 44.15 44.09 19.37
N LEU E 746 44.26 44.99 18.40
CA LEU E 746 43.47 46.22 18.44
C LEU E 746 41.98 45.92 18.31
N LEU E 747 41.60 45.18 17.26
CA LEU E 747 40.19 44.87 17.05
C LEU E 747 39.64 43.97 18.16
N LEU E 748 40.48 43.14 18.76
CA LEU E 748 40.02 42.28 19.85
C LEU E 748 39.57 43.11 21.05
N ASP E 749 40.38 44.11 21.42
CA ASP E 749 39.97 45.00 22.50
C ASP E 749 38.82 45.90 22.07
N MET E 750 38.82 46.33 20.80
CA MET E 750 37.71 47.13 20.28
C MET E 750 36.42 46.32 20.25
N GLN E 751 36.50 45.05 19.90
CA GLN E 751 35.31 44.19 19.89
C GLN E 751 34.70 44.07 21.29
N ASN E 752 35.53 44.15 22.33
CA ASN E 752 35.03 44.05 23.69
C ASN E 752 34.15 45.24 24.06
N ARG E 753 34.46 46.42 23.53
CA ARG E 753 33.69 47.62 23.88
C ARG E 753 32.39 47.70 23.07
N LEU E 754 32.38 47.17 21.85
CA LEU E 754 31.15 47.14 21.07
C LEU E 754 30.10 46.23 21.73
N ASN E 755 30.53 45.18 22.42
CA ASN E 755 29.60 44.28 23.07
C ASN E 755 28.81 44.97 24.18
N LYS E 756 29.41 45.97 24.82
CA LYS E 756 28.75 46.63 25.94
C LYS E 756 27.62 47.55 25.48
N VAL E 757 27.72 48.10 24.28
CA VAL E 757 26.77 49.12 23.84
C VAL E 757 25.69 48.59 22.91
N ILE E 758 25.88 47.42 22.30
CA ILE E 758 24.93 46.88 21.33
C ILE E 758 23.91 46.02 22.06
N LYS E 759 22.63 46.21 21.71
CA LYS E 759 21.56 45.45 22.32
C LYS E 759 21.51 44.05 21.71
N SER E 760 21.40 43.04 22.57
CA SER E 760 21.27 41.66 22.12
C SER E 760 19.79 41.33 21.92
N VAL E 761 19.48 40.73 20.77
CA VAL E 761 18.08 40.52 20.38
C VAL E 761 17.37 39.63 21.40
N GLY E 762 18.05 38.59 21.87
CA GLY E 762 17.48 37.70 22.87
C GLY E 762 18.22 37.74 24.19
N LYS E 763 18.93 38.84 24.45
CA LYS E 763 19.79 38.99 25.62
C LYS E 763 20.85 37.89 25.69
N ILE E 764 21.26 37.37 24.54
CA ILE E 764 22.32 36.37 24.48
C ILE E 764 23.66 37.09 24.50
N GLU E 765 24.57 36.62 25.35
CA GLU E 765 25.89 37.21 25.43
C GLU E 765 26.70 36.81 24.19
N HIS E 766 27.35 37.80 23.58
CA HIS E 766 28.08 37.55 22.34
C HIS E 766 29.19 36.52 22.54
N SER E 767 29.98 36.67 23.60
CA SER E 767 31.08 35.74 23.84
C SER E 767 30.58 34.32 24.05
N PHE E 768 29.40 34.16 24.64
CA PHE E 768 28.80 32.84 24.77
C PHE E 768 28.37 32.32 23.41
N TRP E 769 27.85 33.19 22.56
CA TRP E 769 27.38 32.79 21.22
C TRP E 769 28.54 32.31 20.35
N ARG E 770 29.65 33.05 20.34
CA ARG E 770 30.81 32.68 19.53
C ARG E 770 31.72 31.67 20.20
N SER E 771 31.43 31.25 21.43
CA SER E 771 32.28 30.28 22.12
C SER E 771 32.19 28.92 21.45
N PHE E 772 33.35 28.29 21.24
CA PHE E 772 33.44 26.95 20.68
C PHE E 772 32.54 25.98 21.44
N HIS E 773 31.44 25.57 20.81
CA HIS E 773 30.40 24.78 21.46
C HIS E 773 30.36 23.36 20.90
N THR E 774 30.53 22.38 21.78
CA THR E 774 30.21 20.99 21.50
C THR E 774 29.34 20.46 22.64
N GLU E 775 28.78 19.26 22.43
CA GLU E 775 27.90 18.69 23.45
C GLU E 775 28.65 18.39 24.74
N ARG E 776 29.92 18.04 24.65
CA ARG E 776 30.72 17.68 25.82
C ARG E 776 31.54 18.85 26.36
N LYS E 777 32.19 19.62 25.49
CA LYS E 777 33.04 20.72 25.91
C LYS E 777 32.53 22.04 25.33
N THR E 778 32.85 23.13 26.01
CA THR E 778 32.50 24.47 25.55
C THR E 778 33.56 25.44 26.04
N GLU E 779 34.26 26.08 25.10
CA GLU E 779 35.40 26.93 25.41
C GLU E 779 35.23 28.29 24.75
N PRO E 780 35.81 29.34 25.32
CA PRO E 780 35.69 30.68 24.74
C PRO E 780 36.39 30.77 23.39
N ALA E 781 36.04 31.84 22.66
CA ALA E 781 36.60 32.06 21.32
C ALA E 781 38.03 32.55 21.41
N THR E 782 38.90 31.98 20.58
CA THR E 782 40.30 32.34 20.52
C THR E 782 40.75 32.49 19.08
N GLY E 783 41.69 33.41 18.85
CA GLY E 783 42.31 33.56 17.55
C GLY E 783 41.38 33.95 16.43
N PHE E 784 40.19 34.47 16.75
CA PHE E 784 39.21 34.83 15.74
C PHE E 784 38.58 36.17 16.09
N ILE E 785 38.13 36.89 15.06
CA ILE E 785 37.48 38.18 15.23
C ILE E 785 36.16 38.17 14.46
N ASP E 786 35.08 38.55 15.15
CA ASP E 786 33.74 38.57 14.56
C ASP E 786 33.62 39.79 13.68
N GLY E 787 33.68 39.58 12.36
CA GLY E 787 33.56 40.70 11.43
C GLY E 787 32.19 41.35 11.42
N ASP E 788 31.14 40.57 11.65
CA ASP E 788 29.80 41.13 11.70
C ASP E 788 29.66 42.14 12.83
N LEU E 789 30.30 41.88 13.97
CA LEU E 789 30.26 42.82 15.08
C LEU E 789 31.08 44.06 14.78
N ILE E 790 32.22 43.89 14.09
CA ILE E 790 33.05 45.04 13.75
C ILE E 790 32.32 45.94 12.75
N GLU E 791 31.65 45.34 11.76
CA GLU E 791 30.94 46.15 10.77
C GLU E 791 29.74 46.84 11.37
N SER E 792 29.17 46.30 12.46
CA SER E 792 28.05 46.95 13.12
C SER E 792 28.46 48.21 13.86
N PHE E 793 29.77 48.50 13.94
CA PHE E 793 30.23 49.75 14.53
C PHE E 793 29.76 50.93 13.68
N LEU E 794 29.73 50.76 12.36
CA LEU E 794 29.27 51.80 11.46
C LEU E 794 27.78 52.07 11.58
N ASP E 795 27.03 51.21 12.27
CA ASP E 795 25.59 51.37 12.41
C ASP E 795 25.21 52.07 13.71
N ILE E 796 26.16 52.31 14.60
CA ILE E 796 25.86 52.98 15.87
C ILE E 796 25.93 54.48 15.66
N SER E 797 25.29 55.21 16.56
CA SER E 797 25.28 56.67 16.47
C SER E 797 26.64 57.24 16.83
N ARG E 798 26.89 58.46 16.35
CA ARG E 798 28.15 59.13 16.67
C ARG E 798 28.39 59.28 18.17
N PRO E 799 27.40 59.65 19.00
CA PRO E 799 27.66 59.67 20.45
C PRO E 799 28.15 58.34 21.00
N LYS E 800 27.55 57.23 20.58
CA LYS E 800 28.00 55.92 21.05
C LYS E 800 29.40 55.60 20.53
N MET E 801 29.73 56.08 19.33
CA MET E 801 31.07 55.84 18.77
C MET E 801 32.15 56.49 19.61
N GLN E 802 31.90 57.72 20.08
CA GLN E 802 32.88 58.44 20.88
C GLN E 802 33.09 57.83 22.26
N GLU E 803 32.27 56.86 22.66
CA GLU E 803 32.42 56.26 23.99
C GLU E 803 33.45 55.12 23.97
N VAL E 804 33.48 54.34 22.90
CA VAL E 804 34.38 53.19 22.79
C VAL E 804 35.81 53.57 22.46
N VAL E 805 36.09 54.82 22.14
CA VAL E 805 37.44 55.23 21.73
C VAL E 805 38.27 55.77 22.88
N ALA E 806 37.73 55.85 24.09
CA ALA E 806 38.48 56.36 25.23
C ALA E 806 39.70 55.48 25.52
N ASN E 807 40.89 56.04 25.37
CA ASN E 807 42.15 55.35 25.62
C ASN E 807 42.31 54.13 24.73
N ALA E 820 43.09 57.59 20.46
CA ALA E 820 42.46 58.02 19.21
C ALA E 820 40.98 58.29 19.41
N THR E 821 40.42 59.18 18.58
CA THR E 821 39.02 59.56 18.63
C THR E 821 38.21 58.76 17.61
N ALA E 822 36.89 58.94 17.69
CA ALA E 822 35.98 58.25 16.78
C ALA E 822 36.32 58.51 15.31
N ASP E 823 36.80 59.71 14.99
CA ASP E 823 37.15 60.03 13.61
C ASP E 823 38.22 59.08 13.05
N ASP E 824 38.98 58.41 13.91
CA ASP E 824 39.96 57.44 13.45
C ASP E 824 39.29 56.12 13.06
N LEU E 825 38.40 55.62 13.91
CA LEU E 825 37.82 54.29 13.70
C LEU E 825 36.82 54.26 12.55
N ILE E 826 36.09 55.35 12.34
CA ILE E 826 35.08 55.38 11.28
C ILE E 826 35.71 55.23 9.90
N LYS E 827 36.99 55.59 9.75
CA LYS E 827 37.66 55.50 8.46
C LYS E 827 38.38 54.18 8.24
N VAL E 828 38.69 53.44 9.31
CA VAL E 828 39.36 52.16 9.15
C VAL E 828 38.38 51.01 8.92
N VAL E 829 37.19 51.08 9.52
CA VAL E 829 36.19 50.04 9.31
C VAL E 829 35.63 50.09 7.90
N GLU E 830 35.62 51.27 7.29
CA GLU E 830 35.14 51.39 5.91
C GLU E 830 35.98 50.56 4.95
N GLU E 831 37.29 50.48 5.19
CA GLU E 831 38.14 49.63 4.37
C GLU E 831 37.84 48.15 4.60
N LEU E 832 37.48 47.78 5.84
CA LEU E 832 37.15 46.39 6.13
C LEU E 832 35.82 45.97 5.51
N THR E 833 34.97 46.92 5.14
CA THR E 833 33.74 46.58 4.42
C THR E 833 33.97 46.42 2.92
N ARG E 834 35.10 46.90 2.39
CA ARG E 834 35.43 46.79 0.98
C ARG E 834 36.14 45.48 0.65
N ILE E 835 35.84 44.40 1.37
CA ILE E 835 36.39 43.09 1.07
C ILE E 835 35.32 42.08 0.69
N HIS E 836 34.04 42.38 0.90
CA HIS E 836 32.96 41.48 0.53
C HIS E 836 32.04 42.13 -0.48
N SER F 3 59.14 -35.69 36.98
CA SER F 3 59.83 -35.14 38.14
C SER F 3 59.47 -33.68 38.36
N LEU F 4 60.07 -33.06 39.39
CA LEU F 4 59.82 -31.67 39.70
C LEU F 4 60.74 -30.72 38.92
N THR F 5 61.35 -31.18 37.83
CA THR F 5 62.11 -30.32 36.95
C THR F 5 61.32 -30.04 35.68
N THR F 6 60.04 -29.70 35.84
CA THR F 6 59.17 -29.34 34.73
C THR F 6 58.91 -27.84 34.75
N CYS F 7 58.63 -27.29 33.57
CA CYS F 7 58.44 -25.84 33.46
C CYS F 7 57.10 -25.44 34.05
N GLU F 8 57.10 -24.38 34.85
CA GLU F 8 55.87 -23.90 35.47
C GLU F 8 55.00 -23.11 34.51
N VAL F 9 55.56 -22.63 33.41
CA VAL F 9 54.81 -21.79 32.47
C VAL F 9 54.09 -22.63 31.43
N CYS F 10 54.75 -23.64 30.87
CA CYS F 10 54.16 -24.46 29.82
C CYS F 10 53.96 -25.92 30.19
N GLY F 11 54.72 -26.44 31.15
CA GLY F 11 54.58 -27.83 31.55
C GLY F 11 55.43 -28.81 30.80
N ALA F 12 56.55 -28.36 30.22
CA ALA F 12 57.45 -29.26 29.52
C ALA F 12 58.26 -30.07 30.52
N CYS F 13 58.25 -31.39 30.37
CA CYS F 13 58.94 -32.29 31.27
C CYS F 13 60.34 -32.56 30.72
N PHE F 14 61.36 -32.08 31.42
CA PHE F 14 62.74 -32.34 31.06
C PHE F 14 63.41 -33.24 32.09
N GLU F 15 64.30 -34.10 31.61
CA GLU F 15 65.00 -35.05 32.45
C GLU F 15 66.32 -34.52 32.97
N THR F 16 66.69 -33.30 32.62
CA THR F 16 67.93 -32.69 33.08
C THR F 16 67.65 -31.31 33.67
N ARG F 17 68.52 -30.89 34.58
CA ARG F 17 68.42 -29.54 35.13
C ARG F 17 68.77 -28.49 34.08
N LYS F 18 69.77 -28.77 33.25
CA LYS F 18 70.18 -27.82 32.21
C LYS F 18 69.13 -27.75 31.11
N GLY F 19 68.53 -28.87 30.74
CA GLY F 19 67.50 -28.87 29.71
C GLY F 19 66.31 -28.00 30.04
N LEU F 20 66.06 -27.73 31.32
CA LEU F 20 65.01 -26.81 31.72
C LEU F 20 65.50 -25.38 31.82
N SER F 21 66.73 -25.18 32.31
CA SER F 21 67.26 -23.83 32.40
C SER F 21 67.42 -23.19 31.02
N SER F 22 67.72 -24.00 30.00
CA SER F 22 67.76 -23.49 28.64
C SER F 22 66.35 -23.16 28.14
N HIS F 23 65.37 -23.98 28.51
CA HIS F 23 63.99 -23.72 28.11
C HIS F 23 63.42 -22.51 28.82
N ALA F 24 63.85 -22.25 30.07
CA ALA F 24 63.38 -21.08 30.79
C ALA F 24 63.78 -19.79 30.10
N ARG F 25 64.85 -19.81 29.31
CA ARG F 25 65.26 -18.62 28.58
C ARG F 25 64.28 -18.31 27.44
N SER F 26 63.69 -19.34 26.84
CA SER F 26 62.71 -19.16 25.76
C SER F 26 61.37 -18.63 26.25
N HIS F 27 61.26 -18.22 27.52
CA HIS F 27 60.03 -17.67 28.06
C HIS F 27 60.11 -16.18 28.36
N LEU F 28 61.31 -15.61 28.38
CA LEU F 28 61.48 -14.21 28.78
C LEU F 28 61.80 -13.33 27.57
#